data_1HCR
# 
_entry.id   1HCR 
# 
_audit_conform.dict_name       mmcif_pdbx.dic 
_audit_conform.dict_version    5.386 
_audit_conform.dict_location   http://mmcif.pdb.org/dictionaries/ascii/mmcif_pdbx.dic 
# 
loop_
_database_2.database_id 
_database_2.database_code 
_database_2.pdbx_database_accession 
_database_2.pdbx_DOI 
PDB   1HCR         pdb_00001hcr 10.2210/pdb1hcr/pdb 
RCSB  PDE009       ?            ?                   
WWPDB D_1000173783 ?            ?                   
# 
loop_
_pdbx_audit_revision_history.ordinal 
_pdbx_audit_revision_history.data_content_type 
_pdbx_audit_revision_history.major_revision 
_pdbx_audit_revision_history.minor_revision 
_pdbx_audit_revision_history.revision_date 
1 'Structure model' 1 0 1994-04-30 
2 'Structure model' 1 1 2008-05-22 
3 'Structure model' 1 2 2011-07-13 
4 'Structure model' 1 3 2024-02-07 
# 
_pdbx_audit_revision_details.ordinal             1 
_pdbx_audit_revision_details.revision_ordinal    1 
_pdbx_audit_revision_details.data_content_type   'Structure model' 
_pdbx_audit_revision_details.provider            repository 
_pdbx_audit_revision_details.type                'Initial release' 
_pdbx_audit_revision_details.description         ? 
_pdbx_audit_revision_details.details             ? 
# 
loop_
_pdbx_audit_revision_group.ordinal 
_pdbx_audit_revision_group.revision_ordinal 
_pdbx_audit_revision_group.data_content_type 
_pdbx_audit_revision_group.group 
1 2 'Structure model' 'Version format compliance' 
2 3 'Structure model' 'Version format compliance' 
3 4 'Structure model' 'Data collection'           
4 4 'Structure model' 'Database references'       
# 
loop_
_pdbx_audit_revision_category.ordinal 
_pdbx_audit_revision_category.revision_ordinal 
_pdbx_audit_revision_category.data_content_type 
_pdbx_audit_revision_category.category 
1 4 'Structure model' chem_comp_atom 
2 4 'Structure model' chem_comp_bond 
3 4 'Structure model' database_2     
# 
loop_
_pdbx_audit_revision_item.ordinal 
_pdbx_audit_revision_item.revision_ordinal 
_pdbx_audit_revision_item.data_content_type 
_pdbx_audit_revision_item.item 
1 4 'Structure model' '_database_2.pdbx_DOI'                
2 4 'Structure model' '_database_2.pdbx_database_accession' 
# 
_pdbx_database_status.status_code                     REL 
_pdbx_database_status.entry_id                        1HCR 
_pdbx_database_status.recvd_initial_deposition_date   1993-12-17 
_pdbx_database_status.deposit_site                    NDB 
_pdbx_database_status.process_site                    NDB 
_pdbx_database_status.status_code_sf                  REL 
_pdbx_database_status.status_code_mr                  ? 
_pdbx_database_status.SG_entry                        ? 
_pdbx_database_status.pdb_format_compatible           Y 
_pdbx_database_status.status_code_cs                  ? 
_pdbx_database_status.status_code_nmr_data            ? 
_pdbx_database_status.methods_development_category    ? 
# 
loop_
_audit_author.name 
_audit_author.pdbx_ordinal 
'Feng, J.-A.'     1 
'Johnson, R.C.'   2 
'Dickerson, R.E.' 3 
# 
loop_
_citation.id 
_citation.title 
_citation.journal_abbrev 
_citation.journal_volume 
_citation.page_first 
_citation.page_last 
_citation.year 
_citation.journal_id_ASTM 
_citation.country 
_citation.journal_id_ISSN 
_citation.journal_id_CSD 
_citation.book_publisher 
_citation.pdbx_database_id_PubMed 
_citation.pdbx_database_id_DOI 
primary 'Hin recombinase bound to DNA: the origin of specificity in major and minor groove interactions.' Science     263 348 355 
1994 SCIEAS US 0036-8075 0038 ? 8278807 ? 
1       
'Crystallization and Prelimanary X-Ray Analysis of the DNA Binding Domain of the Hin Recombinase with its DNA Binding Site' 
J.Mol.Biol. 232 982 986 1993 JMOBAK UK 0022-2836 0070 ? ?       ? 
# 
loop_
_citation_author.citation_id 
_citation_author.name 
_citation_author.ordinal 
_citation_author.identifier_ORCID 
primary 'Feng, J.A.'      1 ? 
primary 'Johnson, R.C.'   2 ? 
primary 'Dickerson, R.E.' 3 ? 
1       'Feng, J.-A.'     4 ? 
1       'Simon, M.'       5 ? 
1       'Mack, D.P.'      6 ? 
1       'Dervan, P.B.'    7 ? 
1       'Johnson, R.C.'   8 ? 
1       'Dickerson, R.E.' 9 ? 
# 
loop_
_entity.id 
_entity.type 
_entity.src_method 
_entity.pdbx_description 
_entity.formula_weight 
_entity.pdbx_number_of_molecules 
_entity.pdbx_ec 
_entity.pdbx_mutation 
_entity.pdbx_fragment 
_entity.details 
1 polymer man 
;DNA (5'-D(*TP*GP*TP*TP*TP*TP*TP*GP*AP*TP*AP*AP*GP*A)-3')
;
4324.836 1  ? ? ? ? 
2 polymer man 
;DNA (5'-D(*TP*CP*TP*TP*AP*TP*CP*AP*AP*AP*AP*AP*C)-3')
;
3918.599 1  ? ? ? ? 
3 polymer man 'PROTEIN (HIN RECOMBINASE)'                                6047.051 1  ? ? ? ? 
4 water   nat water                                                      18.015   16 ? ? ? ? 
# 
loop_
_entity_poly.entity_id 
_entity_poly.type 
_entity_poly.nstd_linkage 
_entity_poly.nstd_monomer 
_entity_poly.pdbx_seq_one_letter_code 
_entity_poly.pdbx_seq_one_letter_code_can 
_entity_poly.pdbx_strand_id 
_entity_poly.pdbx_target_identifier 
1 polydeoxyribonucleotide no no '(DT)(DG)(DT)(DT)(DT)(DT)(DT)(DG)(DA)(DT)(DA)(DA)(DG)(DA)' TGTTTTTGATAAGA B ? 
2 polydeoxyribonucleotide no no '(DT)(DC)(DT)(DT)(DA)(DT)(DC)(DA)(DA)(DA)(DA)(DA)(DC)'     TCTTATCAAAAAC C ? 
3 'polypeptide(L)'        no no GRPRAINKHEQEQISRLLEKGHPRQQLAIIFGIGVSTLYRYFPASSIKKRMN       
GRPRAINKHEQEQISRLLEKGHPRQQLAIIFGIGVSTLYRYFPASSIKKRMN A ? 
# 
_pdbx_entity_nonpoly.entity_id   4 
_pdbx_entity_nonpoly.name        water 
_pdbx_entity_nonpoly.comp_id     HOH 
# 
loop_
_entity_poly_seq.entity_id 
_entity_poly_seq.num 
_entity_poly_seq.mon_id 
_entity_poly_seq.hetero 
1 1  DT  n 
1 2  DG  n 
1 3  DT  n 
1 4  DT  n 
1 5  DT  n 
1 6  DT  n 
1 7  DT  n 
1 8  DG  n 
1 9  DA  n 
1 10 DT  n 
1 11 DA  n 
1 12 DA  n 
1 13 DG  n 
1 14 DA  n 
2 1  DT  n 
2 2  DC  n 
2 3  DT  n 
2 4  DT  n 
2 5  DA  n 
2 6  DT  n 
2 7  DC  n 
2 8  DA  n 
2 9  DA  n 
2 10 DA  n 
2 11 DA  n 
2 12 DA  n 
2 13 DC  n 
3 1  GLY n 
3 2  ARG n 
3 3  PRO n 
3 4  ARG n 
3 5  ALA n 
3 6  ILE n 
3 7  ASN n 
3 8  LYS n 
3 9  HIS n 
3 10 GLU n 
3 11 GLN n 
3 12 GLU n 
3 13 GLN n 
3 14 ILE n 
3 15 SER n 
3 16 ARG n 
3 17 LEU n 
3 18 LEU n 
3 19 GLU n 
3 20 LYS n 
3 21 GLY n 
3 22 HIS n 
3 23 PRO n 
3 24 ARG n 
3 25 GLN n 
3 26 GLN n 
3 27 LEU n 
3 28 ALA n 
3 29 ILE n 
3 30 ILE n 
3 31 PHE n 
3 32 GLY n 
3 33 ILE n 
3 34 GLY n 
3 35 VAL n 
3 36 SER n 
3 37 THR n 
3 38 LEU n 
3 39 TYR n 
3 40 ARG n 
3 41 TYR n 
3 42 PHE n 
3 43 PRO n 
3 44 ALA n 
3 45 SER n 
3 46 SER n 
3 47 ILE n 
3 48 LYS n 
3 49 LYS n 
3 50 ARG n 
3 51 MET n 
3 52 ASN n 
# 
loop_
_chem_comp.id 
_chem_comp.type 
_chem_comp.mon_nstd_flag 
_chem_comp.name 
_chem_comp.pdbx_synonyms 
_chem_comp.formula 
_chem_comp.formula_weight 
ALA 'L-peptide linking' y ALANINE                              ? 'C3 H7 N O2'      89.093  
ARG 'L-peptide linking' y ARGININE                             ? 'C6 H15 N4 O2 1'  175.209 
ASN 'L-peptide linking' y ASPARAGINE                           ? 'C4 H8 N2 O3'     132.118 
DA  'DNA linking'       y "2'-DEOXYADENOSINE-5'-MONOPHOSPHATE" ? 'C10 H14 N5 O6 P' 331.222 
DC  'DNA linking'       y "2'-DEOXYCYTIDINE-5'-MONOPHOSPHATE"  ? 'C9 H14 N3 O7 P'  307.197 
DG  'DNA linking'       y "2'-DEOXYGUANOSINE-5'-MONOPHOSPHATE" ? 'C10 H14 N5 O7 P' 347.221 
DT  'DNA linking'       y "THYMIDINE-5'-MONOPHOSPHATE"         ? 'C10 H15 N2 O8 P' 322.208 
GLN 'L-peptide linking' y GLUTAMINE                            ? 'C5 H10 N2 O3'    146.144 
GLU 'L-peptide linking' y 'GLUTAMIC ACID'                      ? 'C5 H9 N O4'      147.129 
GLY 'peptide linking'   y GLYCINE                              ? 'C2 H5 N O2'      75.067  
HIS 'L-peptide linking' y HISTIDINE                            ? 'C6 H10 N3 O2 1'  156.162 
HOH non-polymer         . WATER                                ? 'H2 O'            18.015  
ILE 'L-peptide linking' y ISOLEUCINE                           ? 'C6 H13 N O2'     131.173 
LEU 'L-peptide linking' y LEUCINE                              ? 'C6 H13 N O2'     131.173 
LYS 'L-peptide linking' y LYSINE                               ? 'C6 H15 N2 O2 1'  147.195 
MET 'L-peptide linking' y METHIONINE                           ? 'C5 H11 N O2 S'   149.211 
PHE 'L-peptide linking' y PHENYLALANINE                        ? 'C9 H11 N O2'     165.189 
PRO 'L-peptide linking' y PROLINE                              ? 'C5 H9 N O2'      115.130 
SER 'L-peptide linking' y SERINE                               ? 'C3 H7 N O3'      105.093 
THR 'L-peptide linking' y THREONINE                            ? 'C4 H9 N O3'      119.119 
TYR 'L-peptide linking' y TYROSINE                             ? 'C9 H11 N O3'     181.189 
VAL 'L-peptide linking' y VALINE                               ? 'C5 H11 N O2'     117.146 
# 
loop_
_pdbx_poly_seq_scheme.asym_id 
_pdbx_poly_seq_scheme.entity_id 
_pdbx_poly_seq_scheme.seq_id 
_pdbx_poly_seq_scheme.mon_id 
_pdbx_poly_seq_scheme.ndb_seq_num 
_pdbx_poly_seq_scheme.pdb_seq_num 
_pdbx_poly_seq_scheme.auth_seq_num 
_pdbx_poly_seq_scheme.pdb_mon_id 
_pdbx_poly_seq_scheme.auth_mon_id 
_pdbx_poly_seq_scheme.pdb_strand_id 
_pdbx_poly_seq_scheme.pdb_ins_code 
_pdbx_poly_seq_scheme.hetero 
A 1 1  DT  1  2   2   DT  T   B . n 
A 1 2  DG  2  3   3   DG  G   B . n 
A 1 3  DT  3  4   4   DT  T   B . n 
A 1 4  DT  4  5   5   DT  T   B . n 
A 1 5  DT  5  6   6   DT  T   B . n 
A 1 6  DT  6  7   7   DT  T   B . n 
A 1 7  DT  7  8   8   DT  T   B . n 
A 1 8  DG  8  9   9   DG  G   B . n 
A 1 9  DA  9  10  10  DA  A   B . n 
A 1 10 DT  10 11  11  DT  T   B . n 
A 1 11 DA  11 12  12  DA  A   B . n 
A 1 12 DA  12 13  13  DA  A   B . n 
A 1 13 DG  13 14  14  DG  G   B . n 
A 1 14 DA  14 15  15  DA  A   B . n 
B 2 1  DT  1  17  17  DT  T   C . n 
B 2 2  DC  2  18  18  DC  C   C . n 
B 2 3  DT  3  19  19  DT  T   C . n 
B 2 4  DT  4  20  20  DT  T   C . n 
B 2 5  DA  5  21  21  DA  A   C . n 
B 2 6  DT  6  22  22  DT  T   C . n 
B 2 7  DC  7  23  23  DC  C   C . n 
B 2 8  DA  8  24  24  DA  A   C . n 
B 2 9  DA  9  25  25  DA  A   C . n 
B 2 10 DA  10 26  26  DA  A   C . n 
B 2 11 DA  11 27  27  DA  A   C . n 
B 2 12 DA  12 28  28  DA  A   C . n 
B 2 13 DC  13 29  29  DC  C   C . n 
C 3 1  GLY 1  139 139 GLY GLY A . n 
C 3 2  ARG 2  140 140 ARG ARG A . n 
C 3 3  PRO 3  141 141 PRO PRO A . n 
C 3 4  ARG 4  142 142 ARG ARG A . n 
C 3 5  ALA 5  143 143 ALA ALA A . n 
C 3 6  ILE 6  144 144 ILE ILE A . n 
C 3 7  ASN 7  145 145 ASN ASN A . n 
C 3 8  LYS 8  146 146 LYS LYS A . n 
C 3 9  HIS 9  147 147 HIS HIS A . n 
C 3 10 GLU 10 148 148 GLU GLU A . n 
C 3 11 GLN 11 149 149 GLN GLN A . n 
C 3 12 GLU 12 150 150 GLU GLU A . n 
C 3 13 GLN 13 151 151 GLN GLN A . n 
C 3 14 ILE 14 152 152 ILE ILE A . n 
C 3 15 SER 15 153 153 SER SER A . n 
C 3 16 ARG 16 154 154 ARG ARG A . n 
C 3 17 LEU 17 155 155 LEU LEU A . n 
C 3 18 LEU 18 156 156 LEU LEU A . n 
C 3 19 GLU 19 157 157 GLU GLU A . n 
C 3 20 LYS 20 158 158 LYS LYS A . n 
C 3 21 GLY 21 159 159 GLY GLY A . n 
C 3 22 HIS 22 160 160 HIS HIS A . n 
C 3 23 PRO 23 161 161 PRO PRO A . n 
C 3 24 ARG 24 162 162 ARG ARG A . n 
C 3 25 GLN 25 163 163 GLN GLN A . n 
C 3 26 GLN 26 164 164 GLN GLN A . n 
C 3 27 LEU 27 165 165 LEU LEU A . n 
C 3 28 ALA 28 166 166 ALA ALA A . n 
C 3 29 ILE 29 167 167 ILE ILE A . n 
C 3 30 ILE 30 168 168 ILE ILE A . n 
C 3 31 PHE 31 169 169 PHE PHE A . n 
C 3 32 GLY 32 170 170 GLY GLY A . n 
C 3 33 ILE 33 171 171 ILE ILE A . n 
C 3 34 GLY 34 172 172 GLY GLY A . n 
C 3 35 VAL 35 173 173 VAL VAL A . n 
C 3 36 SER 36 174 174 SER SER A . n 
C 3 37 THR 37 175 175 THR THR A . n 
C 3 38 LEU 38 176 176 LEU LEU A . n 
C 3 39 TYR 39 177 177 TYR TYR A . n 
C 3 40 ARG 40 178 178 ARG ARG A . n 
C 3 41 TYR 41 179 179 TYR TYR A . n 
C 3 42 PHE 42 180 180 PHE PHE A . n 
C 3 43 PRO 43 181 181 PRO PRO A . n 
C 3 44 ALA 44 182 182 ALA ALA A . n 
C 3 45 SER 45 183 183 SER SER A . n 
C 3 46 SER 46 184 184 SER SER A . n 
C 3 47 ILE 47 185 185 ILE ILE A . n 
C 3 48 LYS 48 186 186 LYS LYS A . n 
C 3 49 LYS 49 187 187 LYS LYS A . n 
C 3 50 ARG 50 188 188 ARG ARG A . n 
C 3 51 MET 51 189 189 MET MET A . n 
C 3 52 ASN 52 190 190 ASN ASN A . n 
# 
loop_
_pdbx_nonpoly_scheme.asym_id 
_pdbx_nonpoly_scheme.entity_id 
_pdbx_nonpoly_scheme.mon_id 
_pdbx_nonpoly_scheme.ndb_seq_num 
_pdbx_nonpoly_scheme.pdb_seq_num 
_pdbx_nonpoly_scheme.auth_seq_num 
_pdbx_nonpoly_scheme.pdb_mon_id 
_pdbx_nonpoly_scheme.auth_mon_id 
_pdbx_nonpoly_scheme.pdb_strand_id 
_pdbx_nonpoly_scheme.pdb_ins_code 
D 4 HOH 1 193 193 HOH HOH B . 
D 4 HOH 2 194 194 HOH HOH B . 
D 4 HOH 3 196 196 HOH HOH B . 
D 4 HOH 4 200 200 HOH HOH B . 
D 4 HOH 5 201 201 HOH HOH B . 
D 4 HOH 6 202 202 HOH HOH B . 
D 4 HOH 7 206 206 HOH HOH B . 
E 4 HOH 1 191 191 HOH HOH C . 
E 4 HOH 2 192 192 HOH HOH C . 
E 4 HOH 3 195 195 HOH HOH C . 
E 4 HOH 4 197 197 HOH HOH C . 
E 4 HOH 5 199 199 HOH HOH C . 
E 4 HOH 6 204 204 HOH HOH C . 
E 4 HOH 7 205 205 HOH HOH C . 
F 4 HOH 1 198 198 HOH HOH A . 
F 4 HOH 2 203 203 HOH HOH A . 
# 
_software.name             X-PLOR 
_software.classification   refinement 
_software.version          . 
_software.citation_id      ? 
_software.pdbx_ordinal     1 
# 
_cell.entry_id           1HCR 
_cell.length_a           84.920 
_cell.length_b           81.370 
_cell.length_c           44.040 
_cell.angle_alpha        90.00 
_cell.angle_beta         90.00 
_cell.angle_gamma        90.00 
_cell.Z_PDB              8 
_cell.pdbx_unique_axis   ? 
# 
_symmetry.entry_id                         1HCR 
_symmetry.space_group_name_H-M             'C 2 2 21' 
_symmetry.pdbx_full_space_group_name_H-M   ? 
_symmetry.cell_setting                     ? 
_symmetry.Int_Tables_number                20 
# 
_exptl.entry_id          1HCR 
_exptl.method            'X-RAY DIFFRACTION' 
_exptl.crystals_number   ? 
# 
_exptl_crystal.id                    1 
_exptl_crystal.density_meas          ? 
_exptl_crystal.density_Matthews      2.66 
_exptl_crystal.density_percent_sol   53.79 
_exptl_crystal.description           ? 
# 
_exptl_crystal_grow.crystal_id      1 
_exptl_crystal_grow.method          'VAPOR DIFFUSION' 
_exptl_crystal_grow.temp            ? 
_exptl_crystal_grow.temp_details    ? 
_exptl_crystal_grow.pH              ? 
_exptl_crystal_grow.pdbx_details    'VAPOR DIFFUSION' 
_exptl_crystal_grow.pdbx_pH_range   ? 
# 
loop_
_exptl_crystal_grow_comp.crystal_id 
_exptl_crystal_grow_comp.id 
_exptl_crystal_grow_comp.sol_id 
_exptl_crystal_grow_comp.name 
_exptl_crystal_grow_comp.volume 
_exptl_crystal_grow_comp.conc 
_exptl_crystal_grow_comp.details 
1 1 1 WATER      ? ? ? 
1 2 1 'PEG 1500' ? ? ? 
# 
_diffrn.id                     1 
_diffrn.ambient_temp           123.00 
_diffrn.ambient_temp_details   ? 
_diffrn.crystal_id             1 
# 
_diffrn_radiation.diffrn_id                        1 
_diffrn_radiation.wavelength_id                    1 
_diffrn_radiation.pdbx_monochromatic_or_laue_m_l   ? 
_diffrn_radiation.monochromator                    ? 
_diffrn_radiation.pdbx_diffrn_protocol             ? 
_diffrn_radiation.pdbx_scattering_type             x-ray 
# 
_diffrn_radiation_wavelength.id           1 
_diffrn_radiation_wavelength.wavelength   . 
_diffrn_radiation_wavelength.wt           1.0 
# 
_reflns.entry_id                     1HCR 
_reflns.observed_criterion_sigma_I   ? 
_reflns.observed_criterion_sigma_F   2.000 
_reflns.d_resolution_low             ? 
_reflns.d_resolution_high            2.300 
_reflns.number_obs                   5346 
_reflns.number_all                   17839 
_reflns.percent_possible_obs         ? 
_reflns.pdbx_Rmerge_I_obs            ? 
_reflns.pdbx_Rsym_value              ? 
_reflns.pdbx_netI_over_sigmaI        ? 
_reflns.B_iso_Wilson_estimate        ? 
_reflns.pdbx_redundancy              ? 
_reflns.pdbx_diffrn_id               1 
_reflns.pdbx_ordinal                 1 
# 
_refine.entry_id                                 1HCR 
_refine.ls_number_reflns_obs                     5346 
_refine.ls_number_reflns_all                     ? 
_refine.pdbx_ls_sigma_I                          ? 
_refine.pdbx_ls_sigma_F                          2.000 
_refine.pdbx_data_cutoff_high_absF               ? 
_refine.pdbx_data_cutoff_low_absF                ? 
_refine.pdbx_data_cutoff_high_rms_absF           ? 
_refine.ls_d_res_low                             8.000 
_refine.ls_d_res_high                            2.300 
_refine.ls_percent_reflns_obs                    ? 
_refine.ls_R_factor_obs                          0.2280000 
_refine.ls_R_factor_all                          ? 
_refine.ls_R_factor_R_work                       0.2280000 
_refine.ls_R_factor_R_free                       ? 
_refine.ls_R_factor_R_free_error                 ? 
_refine.ls_R_factor_R_free_error_details         ? 
_refine.ls_percent_reflns_R_free                 ? 
_refine.ls_number_reflns_R_free                  ? 
_refine.ls_number_parameters                     ? 
_refine.ls_number_restraints                     ? 
_refine.occupancy_min                            ? 
_refine.occupancy_max                            ? 
_refine.B_iso_mean                               ? 
_refine.aniso_B[1][1]                            ? 
_refine.aniso_B[2][2]                            ? 
_refine.aniso_B[3][3]                            ? 
_refine.aniso_B[1][2]                            ? 
_refine.aniso_B[1][3]                            ? 
_refine.aniso_B[2][3]                            ? 
_refine.solvent_model_details                    ? 
_refine.solvent_model_param_ksol                 ? 
_refine.solvent_model_param_bsol                 ? 
_refine.pdbx_ls_cross_valid_method               ? 
_refine.details                                  
;THIS COORDINATE SET IS PRELIMINARY. REFINEMENT IS STILL IN PROGRESS.

RESIDUES SER 183 AND SER 184 ARE POORLY DEFINED IN THE
ELECTRON DENSITY MAP.
;
_refine.pdbx_starting_model                      ? 
_refine.pdbx_method_to_determine_struct          ? 
_refine.pdbx_isotropic_thermal_model             ? 
_refine.pdbx_stereochemistry_target_values       ? 
_refine.pdbx_stereochem_target_val_spec_case     ? 
_refine.pdbx_R_Free_selection_details            ? 
_refine.pdbx_overall_ESU_R                       ? 
_refine.pdbx_overall_ESU_R_Free                  ? 
_refine.overall_SU_ML                            ? 
_refine.overall_SU_B                             ? 
_refine.pdbx_refine_id                           'X-RAY DIFFRACTION' 
_refine.pdbx_diffrn_id                           1 
_refine.pdbx_TLS_residual_ADP_flag               ? 
_refine.correlation_coeff_Fo_to_Fc               ? 
_refine.correlation_coeff_Fo_to_Fc_free          ? 
_refine.pdbx_solvent_vdw_probe_radii             ? 
_refine.pdbx_solvent_ion_probe_radii             ? 
_refine.pdbx_solvent_shrinkage_radii             ? 
_refine.pdbx_overall_phase_error                 ? 
_refine.overall_SU_R_Cruickshank_DPI             ? 
_refine.pdbx_overall_SU_R_free_Cruickshank_DPI   ? 
_refine.pdbx_overall_SU_R_Blow_DPI               ? 
_refine.pdbx_overall_SU_R_free_Blow_DPI          ? 
# 
_refine_hist.pdbx_refine_id                   'X-RAY DIFFRACTION' 
_refine_hist.cycle_id                         LAST 
_refine_hist.pdbx_number_atoms_protein        426 
_refine_hist.pdbx_number_atoms_nucleic_acid   547 
_refine_hist.pdbx_number_atoms_ligand         0 
_refine_hist.number_atoms_solvent             16 
_refine_hist.number_atoms_total               989 
_refine_hist.d_res_high                       2.300 
_refine_hist.d_res_low                        8.000 
# 
loop_
_refine_ls_restr.type 
_refine_ls_restr.dev_ideal 
_refine_ls_restr.dev_ideal_target 
_refine_ls_restr.weight 
_refine_ls_restr.number 
_refine_ls_restr.pdbx_refine_id 
_refine_ls_restr.pdbx_restraint_function 
x_bond_d                0.024 ? ? ? 'X-RAY DIFFRACTION' ? 
x_bond_d_na             ?     ? ? ? 'X-RAY DIFFRACTION' ? 
x_bond_d_prot           ?     ? ? ? 'X-RAY DIFFRACTION' ? 
x_angle_d               ?     ? ? ? 'X-RAY DIFFRACTION' ? 
x_angle_d_na            ?     ? ? ? 'X-RAY DIFFRACTION' ? 
x_angle_d_prot          ?     ? ? ? 'X-RAY DIFFRACTION' ? 
x_angle_deg             3.97  ? ? ? 'X-RAY DIFFRACTION' ? 
x_angle_deg_na          ?     ? ? ? 'X-RAY DIFFRACTION' ? 
x_angle_deg_prot        ?     ? ? ? 'X-RAY DIFFRACTION' ? 
x_dihedral_angle_d      ?     ? ? ? 'X-RAY DIFFRACTION' ? 
x_dihedral_angle_d_na   ?     ? ? ? 'X-RAY DIFFRACTION' ? 
x_dihedral_angle_d_prot ?     ? ? ? 'X-RAY DIFFRACTION' ? 
x_improper_angle_d      ?     ? ? ? 'X-RAY DIFFRACTION' ? 
x_improper_angle_d_na   ?     ? ? ? 'X-RAY DIFFRACTION' ? 
x_improper_angle_d_prot ?     ? ? ? 'X-RAY DIFFRACTION' ? 
x_mcbond_it             ?     ? ? ? 'X-RAY DIFFRACTION' ? 
x_mcangle_it            ?     ? ? ? 'X-RAY DIFFRACTION' ? 
x_scbond_it             ?     ? ? ? 'X-RAY DIFFRACTION' ? 
x_scangle_it            ?     ? ? ? 'X-RAY DIFFRACTION' ? 
# 
_struct.entry_id                  1HCR 
_struct.title                     'HIN RECOMBINASE BOUND TO DNA: THE ORIGIN OF SPECIFICITY IN MAJOR AND MINOR GROOVE INTERACTIONS' 
_struct.pdbx_model_details        ? 
_struct.pdbx_CASP_flag            ? 
_struct.pdbx_model_type_details   ? 
# 
_struct_keywords.entry_id        1HCR 
_struct_keywords.pdbx_keywords   'DNA BINDING PROTEIN/DNA' 
_struct_keywords.text            'PROTEIN-DNA COMPLEX, DNA BINDING PROTEIN-DNA COMPLEX' 
# 
loop_
_struct_asym.id 
_struct_asym.pdbx_blank_PDB_chainid_flag 
_struct_asym.pdbx_modified 
_struct_asym.entity_id 
_struct_asym.details 
A N N 1 ? 
B N N 2 ? 
C N N 3 ? 
D N N 4 ? 
E N N 4 ? 
F N N 4 ? 
# 
loop_
_struct_ref.id 
_struct_ref.db_name 
_struct_ref.db_code 
_struct_ref.entity_id 
_struct_ref.pdbx_seq_one_letter_code 
_struct_ref.pdbx_align_begin 
_struct_ref.pdbx_db_accession 
_struct_ref.pdbx_db_isoform 
1 UNP HIN_SALTY 3 ? ? P03013 ? 
2 PDB 1HCR      1 ? ? 1HCR   ? 
3 PDB 1HCR      2 ? ? 1HCR   ? 
# 
loop_
_struct_ref_seq.align_id 
_struct_ref_seq.ref_id 
_struct_ref_seq.pdbx_PDB_id_code 
_struct_ref_seq.pdbx_strand_id 
_struct_ref_seq.seq_align_beg 
_struct_ref_seq.pdbx_seq_align_beg_ins_code 
_struct_ref_seq.seq_align_end 
_struct_ref_seq.pdbx_seq_align_end_ins_code 
_struct_ref_seq.pdbx_db_accession 
_struct_ref_seq.db_align_beg 
_struct_ref_seq.pdbx_db_align_beg_ins_code 
_struct_ref_seq.db_align_end 
_struct_ref_seq.pdbx_db_align_end_ins_code 
_struct_ref_seq.pdbx_auth_seq_align_beg 
_struct_ref_seq.pdbx_auth_seq_align_end 
1 1 1HCR A 1 ? 52 ? P03013 139 ? 190 ? 139 190 
2 2 1HCR B 1 ? 14 ? 1HCR   2   ? 15  ? 2   15  
3 3 1HCR C 1 ? 13 ? 1HCR   17  ? 29  ? 17  29  
# 
_pdbx_struct_assembly.id                   1 
_pdbx_struct_assembly.details              author_defined_assembly 
_pdbx_struct_assembly.method_details       ? 
_pdbx_struct_assembly.oligomeric_details   trimeric 
_pdbx_struct_assembly.oligomeric_count     3 
# 
_pdbx_struct_assembly_gen.assembly_id       1 
_pdbx_struct_assembly_gen.oper_expression   1 
_pdbx_struct_assembly_gen.asym_id_list      A,B,C,D,E,F 
# 
_pdbx_struct_oper_list.id                   1 
_pdbx_struct_oper_list.type                 'identity operation' 
_pdbx_struct_oper_list.name                 1_555 
_pdbx_struct_oper_list.symmetry_operation   x,y,z 
_pdbx_struct_oper_list.matrix[1][1]         1.0000000000 
_pdbx_struct_oper_list.matrix[1][2]         0.0000000000 
_pdbx_struct_oper_list.matrix[1][3]         0.0000000000 
_pdbx_struct_oper_list.vector[1]            0.0000000000 
_pdbx_struct_oper_list.matrix[2][1]         0.0000000000 
_pdbx_struct_oper_list.matrix[2][2]         1.0000000000 
_pdbx_struct_oper_list.matrix[2][3]         0.0000000000 
_pdbx_struct_oper_list.vector[2]            0.0000000000 
_pdbx_struct_oper_list.matrix[3][1]         0.0000000000 
_pdbx_struct_oper_list.matrix[3][2]         0.0000000000 
_pdbx_struct_oper_list.matrix[3][3]         1.0000000000 
_pdbx_struct_oper_list.vector[3]            0.0000000000 
# 
_struct_biol.id   1 
# 
loop_
_struct_conf.conf_type_id 
_struct_conf.id 
_struct_conf.pdbx_PDB_helix_id 
_struct_conf.beg_label_comp_id 
_struct_conf.beg_label_asym_id 
_struct_conf.beg_label_seq_id 
_struct_conf.pdbx_beg_PDB_ins_code 
_struct_conf.end_label_comp_id 
_struct_conf.end_label_asym_id 
_struct_conf.end_label_seq_id 
_struct_conf.pdbx_end_PDB_ins_code 
_struct_conf.beg_auth_comp_id 
_struct_conf.beg_auth_asym_id 
_struct_conf.beg_auth_seq_id 
_struct_conf.end_auth_comp_id 
_struct_conf.end_auth_asym_id 
_struct_conf.end_auth_seq_id 
_struct_conf.pdbx_PDB_helix_class 
_struct_conf.details 
_struct_conf.pdbx_PDB_helix_length 
HELX_P HELX_P1 1 LYS C 8  ? LYS C 20 ? LYS A 146 LYS A 158 1 ? 13 
HELX_P HELX_P2 2 PRO C 23 ? PHE C 31 ? PRO A 161 PHE A 169 1 ? 9  
HELX_P HELX_P3 3 GLY C 34 ? PHE C 42 ? GLY A 172 PHE A 180 1 ? 9  
# 
_struct_conf_type.id          HELX_P 
_struct_conf_type.criteria    ? 
_struct_conf_type.reference   ? 
# 
loop_
_struct_conn.id 
_struct_conn.conn_type_id 
_struct_conn.pdbx_leaving_atom_flag 
_struct_conn.pdbx_PDB_id 
_struct_conn.ptnr1_label_asym_id 
_struct_conn.ptnr1_label_comp_id 
_struct_conn.ptnr1_label_seq_id 
_struct_conn.ptnr1_label_atom_id 
_struct_conn.pdbx_ptnr1_label_alt_id 
_struct_conn.pdbx_ptnr1_PDB_ins_code 
_struct_conn.pdbx_ptnr1_standard_comp_id 
_struct_conn.ptnr1_symmetry 
_struct_conn.ptnr2_label_asym_id 
_struct_conn.ptnr2_label_comp_id 
_struct_conn.ptnr2_label_seq_id 
_struct_conn.ptnr2_label_atom_id 
_struct_conn.pdbx_ptnr2_label_alt_id 
_struct_conn.pdbx_ptnr2_PDB_ins_code 
_struct_conn.ptnr1_auth_asym_id 
_struct_conn.ptnr1_auth_comp_id 
_struct_conn.ptnr1_auth_seq_id 
_struct_conn.ptnr2_auth_asym_id 
_struct_conn.ptnr2_auth_comp_id 
_struct_conn.ptnr2_auth_seq_id 
_struct_conn.ptnr2_symmetry 
_struct_conn.pdbx_ptnr3_label_atom_id 
_struct_conn.pdbx_ptnr3_label_seq_id 
_struct_conn.pdbx_ptnr3_label_comp_id 
_struct_conn.pdbx_ptnr3_label_asym_id 
_struct_conn.pdbx_ptnr3_label_alt_id 
_struct_conn.pdbx_ptnr3_PDB_ins_code 
_struct_conn.details 
_struct_conn.pdbx_dist_value 
_struct_conn.pdbx_value_order 
_struct_conn.pdbx_role 
hydrog1  hydrog ? ? A DT 1  O4 ? ? ? 1_555 A DG 2  N2 ? ? B DT 2  B DG 3  1_555 ? ? ? ? ? ? 'DT-DG MISPAIR' ? ? ? 
hydrog2  hydrog ? ? A DG 2  N1 ? ? ? 1_555 B DC 13 N3 ? ? B DG 3  C DC 29 1_555 ? ? ? ? ? ? WATSON-CRICK    ? ? ? 
hydrog3  hydrog ? ? A DG 2  N2 ? ? ? 1_555 B DC 13 O2 ? ? B DG 3  C DC 29 1_555 ? ? ? ? ? ? WATSON-CRICK    ? ? ? 
hydrog4  hydrog ? ? A DG 2  O6 ? ? ? 1_555 B DC 13 N4 ? ? B DG 3  C DC 29 1_555 ? ? ? ? ? ? WATSON-CRICK    ? ? ? 
hydrog5  hydrog ? ? A DT 3  N3 ? ? ? 1_555 B DA 12 N1 ? ? B DT 4  C DA 28 1_555 ? ? ? ? ? ? WATSON-CRICK    ? ? ? 
hydrog6  hydrog ? ? A DT 3  O4 ? ? ? 1_555 B DA 12 N6 ? ? B DT 4  C DA 28 1_555 ? ? ? ? ? ? WATSON-CRICK    ? ? ? 
hydrog7  hydrog ? ? A DT 4  N3 ? ? ? 1_555 B DA 11 N1 ? ? B DT 5  C DA 27 1_555 ? ? ? ? ? ? WATSON-CRICK    ? ? ? 
hydrog8  hydrog ? ? A DT 4  O4 ? ? ? 1_555 B DA 11 N6 ? ? B DT 5  C DA 27 1_555 ? ? ? ? ? ? WATSON-CRICK    ? ? ? 
hydrog9  hydrog ? ? A DT 5  N3 ? ? ? 1_555 B DA 10 N1 ? ? B DT 6  C DA 26 1_555 ? ? ? ? ? ? WATSON-CRICK    ? ? ? 
hydrog10 hydrog ? ? A DT 5  O4 ? ? ? 1_555 B DA 10 N6 ? ? B DT 6  C DA 26 1_555 ? ? ? ? ? ? WATSON-CRICK    ? ? ? 
hydrog11 hydrog ? ? A DT 6  N3 ? ? ? 1_555 B DA 9  N1 ? ? B DT 7  C DA 25 1_555 ? ? ? ? ? ? WATSON-CRICK    ? ? ? 
hydrog12 hydrog ? ? A DT 6  O4 ? ? ? 1_555 B DA 9  N6 ? ? B DT 7  C DA 25 1_555 ? ? ? ? ? ? WATSON-CRICK    ? ? ? 
hydrog13 hydrog ? ? A DT 7  N3 ? ? ? 1_555 B DA 8  N1 ? ? B DT 8  C DA 24 1_555 ? ? ? ? ? ? WATSON-CRICK    ? ? ? 
hydrog14 hydrog ? ? A DT 7  O4 ? ? ? 1_555 B DA 8  N6 ? ? B DT 8  C DA 24 1_555 ? ? ? ? ? ? WATSON-CRICK    ? ? ? 
hydrog15 hydrog ? ? A DG 8  N1 ? ? ? 1_555 B DC 7  N3 ? ? B DG 9  C DC 23 1_555 ? ? ? ? ? ? WATSON-CRICK    ? ? ? 
hydrog16 hydrog ? ? A DG 8  N2 ? ? ? 1_555 B DC 7  O2 ? ? B DG 9  C DC 23 1_555 ? ? ? ? ? ? WATSON-CRICK    ? ? ? 
hydrog17 hydrog ? ? A DG 8  O6 ? ? ? 1_555 B DC 7  N4 ? ? B DG 9  C DC 23 1_555 ? ? ? ? ? ? WATSON-CRICK    ? ? ? 
hydrog18 hydrog ? ? A DA 9  N1 ? ? ? 1_555 B DT 6  N3 ? ? B DA 10 C DT 22 1_555 ? ? ? ? ? ? WATSON-CRICK    ? ? ? 
hydrog19 hydrog ? ? A DA 9  N6 ? ? ? 1_555 B DT 6  O4 ? ? B DA 10 C DT 22 1_555 ? ? ? ? ? ? WATSON-CRICK    ? ? ? 
hydrog20 hydrog ? ? A DT 10 N3 ? ? ? 1_555 B DA 5  N1 ? ? B DT 11 C DA 21 1_555 ? ? ? ? ? ? WATSON-CRICK    ? ? ? 
hydrog21 hydrog ? ? A DT 10 O4 ? ? ? 1_555 B DA 5  N6 ? ? B DT 11 C DA 21 1_555 ? ? ? ? ? ? WATSON-CRICK    ? ? ? 
hydrog22 hydrog ? ? A DA 11 N1 ? ? ? 1_555 B DT 4  N3 ? ? B DA 12 C DT 20 1_555 ? ? ? ? ? ? WATSON-CRICK    ? ? ? 
hydrog23 hydrog ? ? A DA 11 N6 ? ? ? 1_555 B DT 4  O4 ? ? B DA 12 C DT 20 1_555 ? ? ? ? ? ? WATSON-CRICK    ? ? ? 
hydrog24 hydrog ? ? A DA 12 N1 ? ? ? 1_555 B DT 3  N3 ? ? B DA 13 C DT 19 1_555 ? ? ? ? ? ? 'DA-DT PAIR'    ? ? ? 
hydrog25 hydrog ? ? A DG 13 N1 ? ? ? 1_555 B DC 2  N3 ? ? B DG 14 C DC 18 1_555 ? ? ? ? ? ? WATSON-CRICK    ? ? ? 
hydrog26 hydrog ? ? A DG 13 N2 ? ? ? 1_555 B DC 2  O2 ? ? B DG 14 C DC 18 1_555 ? ? ? ? ? ? WATSON-CRICK    ? ? ? 
hydrog27 hydrog ? ? A DG 13 O6 ? ? ? 1_555 B DC 2  N4 ? ? B DG 14 C DC 18 1_555 ? ? ? ? ? ? WATSON-CRICK    ? ? ? 
hydrog28 hydrog ? ? A DA 14 N1 ? ? ? 1_555 B DT 1  N3 ? ? B DA 15 C DT 17 1_555 ? ? ? ? ? ? WATSON-CRICK    ? ? ? 
hydrog29 hydrog ? ? A DA 14 N6 ? ? ? 1_555 B DT 1  O4 ? ? B DA 15 C DT 17 1_555 ? ? ? ? ? ? WATSON-CRICK    ? ? ? 
hydrog30 hydrog ? ? A DG 2  N1 ? ? ? 1_555 A DT 1  O2 ? ? B DG 3  B DT 2  3_756 ? ? ? ? ? ? 'DG-DT MISPAIR' ? ? ? 
# 
_struct_conn_type.id          hydrog 
_struct_conn_type.criteria    ? 
_struct_conn_type.reference   ? 
# 
loop_
_pdbx_validate_rmsd_bond.id 
_pdbx_validate_rmsd_bond.PDB_model_num 
_pdbx_validate_rmsd_bond.auth_atom_id_1 
_pdbx_validate_rmsd_bond.auth_asym_id_1 
_pdbx_validate_rmsd_bond.auth_comp_id_1 
_pdbx_validate_rmsd_bond.auth_seq_id_1 
_pdbx_validate_rmsd_bond.PDB_ins_code_1 
_pdbx_validate_rmsd_bond.label_alt_id_1 
_pdbx_validate_rmsd_bond.auth_atom_id_2 
_pdbx_validate_rmsd_bond.auth_asym_id_2 
_pdbx_validate_rmsd_bond.auth_comp_id_2 
_pdbx_validate_rmsd_bond.auth_seq_id_2 
_pdbx_validate_rmsd_bond.PDB_ins_code_2 
_pdbx_validate_rmsd_bond.label_alt_id_2 
_pdbx_validate_rmsd_bond.bond_value 
_pdbx_validate_rmsd_bond.bond_target_value 
_pdbx_validate_rmsd_bond.bond_deviation 
_pdbx_validate_rmsd_bond.bond_standard_deviation 
_pdbx_validate_rmsd_bond.linker_flag 
1  1 "C5'" B DT  2   ? ? "C4'" B DT  2   ? ? 1.587 1.512 0.075  0.007 N 
2  1 C2    B DT  2   ? ? N3    B DT  2   ? ? 1.319 1.373 -0.054 0.008 N 
3  1 C6    B DT  2   ? ? N1    B DT  2   ? ? 1.334 1.378 -0.044 0.007 N 
4  1 C5    B DT  2   ? ? C7    B DT  2   ? ? 1.544 1.496 0.048  0.006 N 
5  1 "O3'" B DG  3   ? ? P     B DT  4   ? ? 1.683 1.607 0.076  0.012 Y 
6  1 "C2'" B DT  4   ? ? "C1'" B DT  4   ? ? 1.452 1.518 -0.066 0.010 N 
7  1 "C5'" B DT  5   ? ? "C4'" B DT  5   ? ? 1.564 1.512 0.052  0.007 N 
8  1 "C5'" B DT  8   ? ? "C4'" B DT  8   ? ? 1.561 1.512 0.049  0.007 N 
9  1 "C4'" B DA  12  ? ? "C3'" B DA  12  ? ? 1.445 1.521 -0.076 0.010 N 
10 1 "C2'" B DA  12  ? ? "C1'" B DA  12  ? ? 1.452 1.518 -0.066 0.010 N 
11 1 C5    B DA  12  ? ? C6    B DA  12  ? ? 1.341 1.406 -0.065 0.009 N 
12 1 "C4'" B DA  13  ? ? "C3'" B DA  13  ? ? 1.458 1.521 -0.063 0.010 N 
13 1 "C5'" B DA  15  ? ? "C4'" B DA  15  ? ? 1.572 1.512 0.060  0.007 N 
14 1 N9    B DA  15  ? ? C4    B DA  15  ? ? 1.336 1.374 -0.038 0.006 N 
15 1 N3    C DT  19  ? ? C4    C DT  19  ? ? 1.326 1.382 -0.056 0.008 N 
16 1 "C5'" C DT  22  ? ? "C4'" C DT  22  ? ? 1.442 1.509 -0.067 0.011 N 
17 1 NE2   A HIS 147 ? ? CD2   A HIS 147 ? ? 1.305 1.373 -0.068 0.011 N 
18 1 NE2   A HIS 160 ? ? CD2   A HIS 160 ? ? 1.298 1.373 -0.075 0.011 N 
# 
loop_
_pdbx_validate_rmsd_angle.id 
_pdbx_validate_rmsd_angle.PDB_model_num 
_pdbx_validate_rmsd_angle.auth_atom_id_1 
_pdbx_validate_rmsd_angle.auth_asym_id_1 
_pdbx_validate_rmsd_angle.auth_comp_id_1 
_pdbx_validate_rmsd_angle.auth_seq_id_1 
_pdbx_validate_rmsd_angle.PDB_ins_code_1 
_pdbx_validate_rmsd_angle.label_alt_id_1 
_pdbx_validate_rmsd_angle.auth_atom_id_2 
_pdbx_validate_rmsd_angle.auth_asym_id_2 
_pdbx_validate_rmsd_angle.auth_comp_id_2 
_pdbx_validate_rmsd_angle.auth_seq_id_2 
_pdbx_validate_rmsd_angle.PDB_ins_code_2 
_pdbx_validate_rmsd_angle.label_alt_id_2 
_pdbx_validate_rmsd_angle.auth_atom_id_3 
_pdbx_validate_rmsd_angle.auth_asym_id_3 
_pdbx_validate_rmsd_angle.auth_comp_id_3 
_pdbx_validate_rmsd_angle.auth_seq_id_3 
_pdbx_validate_rmsd_angle.PDB_ins_code_3 
_pdbx_validate_rmsd_angle.label_alt_id_3 
_pdbx_validate_rmsd_angle.angle_value 
_pdbx_validate_rmsd_angle.angle_target_value 
_pdbx_validate_rmsd_angle.angle_deviation 
_pdbx_validate_rmsd_angle.angle_standard_deviation 
_pdbx_validate_rmsd_angle.linker_flag 
1   1 "C5'" B DT  2   ? ? "C4'" B DT  2   ? ? "O4'" B DT  2   ? ? 116.49 109.80 6.69   1.10 N 
2   1 "C1'" B DT  2   ? ? "O4'" B DT  2   ? ? "C4'" B DT  2   ? ? 97.30  110.10 -12.80 1.00 N 
3   1 N1    B DT  2   ? ? "C1'" B DT  2   ? ? "C2'" B DT  2   ? ? 127.02 114.30 12.72  1.40 N 
4   1 "O4'" B DT  2   ? ? "C1'" B DT  2   ? ? N1    B DT  2   ? ? 117.27 108.30 8.97   0.30 N 
5   1 N1    B DT  2   ? ? C2    B DT  2   ? ? N3    B DT  2   ? ? 118.59 114.60 3.99   0.60 N 
6   1 C2    B DT  2   ? ? N3    B DT  2   ? ? C4    B DT  2   ? ? 123.46 127.20 -3.74  0.60 N 
7   1 N3    B DT  2   ? ? C2    B DT  2   ? ? O2    B DT  2   ? ? 114.09 122.30 -8.21  0.60 N 
8   1 N3    B DT  2   ? ? C4    B DT  2   ? ? O4    B DT  2   ? ? 115.55 119.90 -4.35  0.60 N 
9   1 C4    B DT  2   ? ? C5    B DT  2   ? ? C7    B DT  2   ? ? 123.68 119.00 4.68   0.60 N 
10  1 C6    B DT  2   ? ? C5    B DT  2   ? ? C7    B DT  2   ? ? 116.11 122.90 -6.79  0.60 N 
11  1 "C3'" B DT  2   ? ? "O3'" B DT  2   ? ? P     B DG  3   ? ? 131.11 119.70 11.41  1.20 Y 
12  1 "C5'" B DG  3   ? ? "C4'" B DG  3   ? ? "O4'" B DG  3   ? ? 121.96 109.80 12.16  1.10 N 
13  1 "C3'" B DG  3   ? ? "C2'" B DG  3   ? ? "C1'" B DG  3   ? ? 96.92  102.40 -5.48  0.80 N 
14  1 "O4'" B DG  3   ? ? "C1'" B DG  3   ? ? N9    B DG  3   ? ? 121.86 108.30 13.56  0.30 N 
15  1 "C3'" B DG  3   ? ? "O3'" B DG  3   ? ? P     B DT  4   ? ? 131.15 119.70 11.45  1.20 Y 
16  1 "O3'" B DG  3   ? ? P     B DT  4   ? ? "O5'" B DT  4   ? ? 117.81 104.00 13.81  1.90 Y 
17  1 "O4'" B DT  4   ? ? "C1'" B DT  4   ? ? N1    B DT  4   ? ? 114.15 108.30 5.85   0.30 N 
18  1 C4    B DT  4   ? ? C5    B DT  4   ? ? C6    B DT  4   ? ? 122.70 118.00 4.70   0.60 N 
19  1 N3    B DT  4   ? ? C2    B DT  4   ? ? O2    B DT  4   ? ? 116.49 122.30 -5.81  0.60 N 
20  1 "O4'" B DT  5   ? ? "C4'" B DT  5   ? ? "C3'" B DT  5   ? ? 99.63  104.50 -4.87  0.40 N 
21  1 "O4'" B DT  5   ? ? "C1'" B DT  5   ? ? "C2'" B DT  5   ? ? 99.24  105.90 -6.66  0.80 N 
22  1 "O4'" B DT  5   ? ? "C1'" B DT  5   ? ? N1    B DT  5   ? ? 110.24 108.30 1.94   0.30 N 
23  1 "O4'" B DT  6   ? ? "C1'" B DT  6   ? ? "C2'" B DT  6   ? ? 97.65  105.90 -8.25  0.80 N 
24  1 "O4'" B DT  6   ? ? "C1'" B DT  6   ? ? N1    B DT  6   ? ? 111.37 108.30 3.07   0.30 N 
25  1 C6    B DT  6   ? ? C5    B DT  6   ? ? C7    B DT  6   ? ? 119.08 122.90 -3.82  0.60 N 
26  1 "O4'" B DT  7   ? ? "C4'" B DT  7   ? ? "C3'" B DT  7   ? ? 101.29 104.50 -3.21  0.40 N 
27  1 "C1'" B DT  7   ? ? "O4'" B DT  7   ? ? "C4'" B DT  7   ? ? 100.85 110.10 -9.25  1.00 N 
28  1 "C4'" B DT  7   ? ? "C3'" B DT  7   ? ? "C2'" B DT  7   ? ? 94.62  102.20 -7.58  0.70 N 
29  1 "O4'" B DT  7   ? ? "C1'" B DT  7   ? ? N1    B DT  7   ? ? 111.96 108.30 3.66   0.30 N 
30  1 "O4'" B DT  8   ? ? "C1'" B DT  8   ? ? "C2'" B DT  8   ? ? 100.54 105.90 -5.36  0.80 N 
31  1 "O4'" B DT  11  ? ? "C4'" B DT  11  ? ? "C3'" B DT  11  ? ? 101.18 104.50 -3.32  0.40 N 
32  1 "O4'" B DT  11  ? ? "C1'" B DT  11  ? ? "C2'" B DT  11  ? ? 96.49  105.90 -9.41  0.80 N 
33  1 "O4'" B DT  11  ? ? "C1'" B DT  11  ? ? N1    B DT  11  ? ? 111.63 108.30 3.33   0.30 N 
34  1 C4    B DT  11  ? ? C5    B DT  11  ? ? C6    B DT  11  ? ? 123.01 118.00 5.01   0.60 N 
35  1 N3    B DT  11  ? ? C2    B DT  11  ? ? O2    B DT  11  ? ? 117.46 122.30 -4.84  0.60 N 
36  1 C6    B DT  11  ? ? C5    B DT  11  ? ? C7    B DT  11  ? ? 118.75 122.90 -4.15  0.60 N 
37  1 N1    B DA  12  ? ? C6    B DA  12  ? ? N6    B DA  12  ? ? 122.53 118.60 3.93   0.60 N 
38  1 "O4'" B DA  13  ? ? "C4'" B DA  13  ? ? "C3'" B DA  13  ? ? 101.21 104.50 -3.29  0.40 N 
39  1 "C5'" B DA  13  ? ? "C4'" B DA  13  ? ? "O4'" B DA  13  ? ? 119.47 109.80 9.67   1.10 N 
40  1 "O4'" B DA  13  ? ? "C1'" B DA  13  ? ? N9    B DA  13  ? ? 110.66 108.30 2.36   0.30 N 
41  1 N1    B DA  13  ? ? C2    B DA  13  ? ? N3    B DA  13  ? ? 132.87 129.30 3.57   0.50 N 
42  1 C8    B DA  13  ? ? N9    B DA  13  ? ? C4    B DA  13  ? ? 103.30 105.80 -2.50  0.40 N 
43  1 N9    B DA  13  ? ? C4    B DA  13  ? ? C5    B DA  13  ? ? 108.48 105.80 2.68   0.40 N 
44  1 "O4'" B DG  14  ? ? "C1'" B DG  14  ? ? "C2'" B DG  14  ? ? 99.60  105.90 -6.30  0.80 N 
45  1 "O4'" B DA  15  ? ? "C4'" B DA  15  ? ? "C3'" B DA  15  ? ? 98.64  104.50 -5.86  0.40 N 
46  1 "C1'" B DA  15  ? ? "O4'" B DA  15  ? ? "C4'" B DA  15  ? ? 97.38  110.10 -12.72 1.00 N 
47  1 N1    B DA  15  ? ? C6    B DA  15  ? ? N6    B DA  15  ? ? 123.85 118.60 5.25   0.60 N 
48  1 C5    B DA  15  ? ? C6    B DA  15  ? ? N6    B DA  15  ? ? 117.91 123.70 -5.79  0.80 N 
49  1 "O4'" C DT  17  ? ? "C1'" C DT  17  ? ? "C2'" C DT  17  ? ? 97.93  105.90 -7.97  0.80 N 
50  1 "O4'" C DT  17  ? ? "C1'" C DT  17  ? ? N1    C DT  17  ? ? 111.41 108.30 3.11   0.30 N 
51  1 N1    C DT  17  ? ? C2    C DT  17  ? ? N3    C DT  17  ? ? 118.33 114.60 3.73   0.60 N 
52  1 C4    C DT  17  ? ? C5    C DT  17  ? ? C6    C DT  17  ? ? 121.95 118.00 3.95   0.60 N 
53  1 C5    C DT  17  ? ? C6    C DT  17  ? ? N1    C DT  17  ? ? 120.06 123.70 -3.64  0.60 N 
54  1 N3    C DT  17  ? ? C2    C DT  17  ? ? O2    C DT  17  ? ? 116.84 122.30 -5.46  0.60 N 
55  1 C6    C DT  17  ? ? C5    C DT  17  ? ? C7    C DT  17  ? ? 118.82 122.90 -4.08  0.60 N 
56  1 "C3'" C DT  17  ? ? "O3'" C DT  17  ? ? P     C DC  18  ? ? 128.40 119.70 8.70   1.20 Y 
57  1 "O4'" C DC  18  ? ? "C1'" C DC  18  ? ? N1    C DC  18  ? ? 111.60 108.30 3.30   0.30 N 
58  1 "O4'" C DT  19  ? ? "C1'" C DT  19  ? ? N1    C DT  19  ? ? 101.82 108.00 -6.18  0.70 N 
59  1 C5    C DT  19  ? ? C6    C DT  19  ? ? N1    C DT  19  ? ? 119.98 123.70 -3.72  0.60 N 
60  1 N3    C DT  19  ? ? C2    C DT  19  ? ? O2    C DT  19  ? ? 118.28 122.30 -4.02  0.60 N 
61  1 "O3'" C DT  19  ? ? P     C DT  20  ? ? "O5'" C DT  20  ? ? 90.78  104.00 -13.22 1.90 Y 
62  1 "O4'" C DT  20  ? ? "C4'" C DT  20  ? ? "C3'" C DT  20  ? ? 101.53 104.50 -2.97  0.40 N 
63  1 "C4'" C DT  20  ? ? "C3'" C DT  20  ? ? "C2'" C DT  20  ? ? 97.67  102.20 -4.53  0.70 N 
64  1 "O4'" C DT  20  ? ? "C1'" C DT  20  ? ? N1    C DT  20  ? ? 110.75 108.30 2.45   0.30 N 
65  1 C4    C DT  20  ? ? C5    C DT  20  ? ? C6    C DT  20  ? ? 122.71 118.00 4.71   0.60 N 
66  1 C4    C DT  20  ? ? C5    C DT  20  ? ? C7    C DT  20  ? ? 113.53 119.00 -5.47  0.60 N 
67  1 "C3'" C DT  20  ? ? "O3'" C DT  20  ? ? P     C DA  21  ? ? 130.39 119.70 10.69  1.20 Y 
68  1 "O4'" C DA  21  ? ? "C1'" C DA  21  ? ? "C2'" C DA  21  ? ? 99.73  105.90 -6.17  0.80 N 
69  1 "O4'" C DA  21  ? ? "C1'" C DA  21  ? ? N9    C DA  21  ? ? 113.04 108.30 4.74   0.30 N 
70  1 P     C DT  22  ? ? "O5'" C DT  22  ? ? "C5'" C DT  22  ? ? 109.64 120.90 -11.26 1.60 N 
71  1 C6    C DT  22  ? ? C5    C DT  22  ? ? C7    C DT  22  ? ? 118.05 122.90 -4.85  0.60 N 
72  1 "O5'" C DC  23  ? ? "C5'" C DC  23  ? ? "C4'" C DC  23  ? ? 103.36 109.40 -6.04  0.80 N 
73  1 "C1'" C DC  23  ? ? "O4'" C DC  23  ? ? "C4'" C DC  23  ? ? 102.79 110.10 -7.31  1.00 N 
74  1 "O4'" C DC  23  ? ? "C1'" C DC  23  ? ? N1    C DC  23  ? ? 100.58 108.00 -7.42  0.70 N 
75  1 "O4'" C DA  24  ? ? "C4'" C DA  24  ? ? "C3'" C DA  24  ? ? 101.16 104.50 -3.34  0.40 N 
76  1 "O4'" C DA  24  ? ? "C1'" C DA  24  ? ? N9    C DA  24  ? ? 111.33 108.30 3.03   0.30 N 
77  1 "O4'" C DA  25  ? ? "C1'" C DA  25  ? ? "C2'" C DA  25  ? ? 99.44  105.90 -6.46  0.80 N 
78  1 "O4'" C DA  25  ? ? "C1'" C DA  25  ? ? N9    C DA  25  ? ? 111.49 108.30 3.19   0.30 N 
79  1 "C3'" C DA  26  ? ? "C2'" C DA  26  ? ? "C1'" C DA  26  ? ? 110.92 102.50 8.42   1.20 N 
80  1 "O4'" C DA  26  ? ? "C1'" C DA  26  ? ? "C2'" C DA  26  ? ? 98.26  105.90 -7.64  0.80 N 
81  1 "O4'" C DA  27  ? ? "C1'" C DA  27  ? ? "C2'" C DA  27  ? ? 100.17 105.90 -5.73  0.80 N 
82  1 "O4'" C DA  28  ? ? "C4'" C DA  28  ? ? "C3'" C DA  28  ? ? 100.16 104.50 -4.34  0.40 N 
83  1 "C1'" C DA  28  ? ? "O4'" C DA  28  ? ? "C4'" C DA  28  ? ? 100.94 110.10 -9.16  1.00 N 
84  1 "C4'" C DA  28  ? ? "C3'" C DA  28  ? ? "C2'" C DA  28  ? ? 93.27  102.20 -8.93  0.70 N 
85  1 "O4'" C DA  28  ? ? "C1'" C DA  28  ? ? N9    C DA  28  ? ? 114.04 108.30 5.74   0.30 N 
86  1 P     C DC  29  ? ? "O5'" C DC  29  ? ? "C5'" C DC  29  ? ? 137.03 120.90 16.13  1.60 N 
87  1 "C1'" C DC  29  ? ? "O4'" C DC  29  ? ? "C4'" C DC  29  ? ? 100.87 110.10 -9.23  1.00 N 
88  1 "C4'" C DC  29  ? ? "C3'" C DC  29  ? ? "C2'" C DC  29  ? ? 96.91  102.20 -5.29  0.70 N 
89  1 NE    A ARG 140 ? ? CZ    A ARG 140 ? ? NH1   A ARG 140 ? ? 125.45 120.30 5.15   0.50 N 
90  1 NE    A ARG 140 ? ? CZ    A ARG 140 ? ? NH2   A ARG 140 ? ? 114.71 120.30 -5.59  0.50 N 
91  1 NE    A ARG 154 ? ? CZ    A ARG 154 ? ? NH1   A ARG 154 ? ? 123.62 120.30 3.32   0.50 N 
92  1 NE    A ARG 154 ? ? CZ    A ARG 154 ? ? NH2   A ARG 154 ? ? 116.00 120.30 -4.30  0.50 N 
93  1 CA    A LEU 156 ? ? CB    A LEU 156 ? ? CG    A LEU 156 ? ? 130.37 115.30 15.07  2.30 N 
94  1 NE    A ARG 162 ? ? CZ    A ARG 162 ? ? NH2   A ARG 162 ? ? 115.72 120.30 -4.58  0.50 N 
95  1 N     A PHE 169 ? ? CA    A PHE 169 ? ? C     A PHE 169 ? ? 93.86  111.00 -17.14 2.70 N 
96  1 NE    A ARG 178 ? ? CZ    A ARG 178 ? ? NH1   A ARG 178 ? ? 124.53 120.30 4.23   0.50 N 
97  1 NE    A ARG 178 ? ? CZ    A ARG 178 ? ? NH2   A ARG 178 ? ? 117.00 120.30 -3.30  0.50 N 
98  1 CB    A TYR 179 ? ? CG    A TYR 179 ? ? CD2   A TYR 179 ? ? 117.33 121.00 -3.67  0.60 N 
99  1 N     A SER 184 ? ? CA    A SER 184 ? ? C     A SER 184 ? ? 132.16 111.00 21.16  2.70 N 
100 1 N     A LYS 186 ? ? CA    A LYS 186 ? ? C     A LYS 186 ? ? 128.62 111.00 17.62  2.70 N 
101 1 N     A LYS 187 ? ? CA    A LYS 187 ? ? C     A LYS 187 ? ? 129.91 111.00 18.91  2.70 N 
# 
loop_
_pdbx_validate_torsion.id 
_pdbx_validate_torsion.PDB_model_num 
_pdbx_validate_torsion.auth_comp_id 
_pdbx_validate_torsion.auth_asym_id 
_pdbx_validate_torsion.auth_seq_id 
_pdbx_validate_torsion.PDB_ins_code 
_pdbx_validate_torsion.label_alt_id 
_pdbx_validate_torsion.phi 
_pdbx_validate_torsion.psi 
1 1 LYS A 146 ? ? 20.18   -52.92  
2 1 ARG A 154 ? ? -63.75  -70.54  
3 1 LYS A 158 ? ? -98.63  46.29   
4 1 PRO A 181 ? ? -93.54  -122.61 
5 1 ALA A 182 ? ? 175.47  -97.20  
6 1 SER A 184 ? ? 54.55   -27.02  
7 1 LYS A 187 ? ? 175.13  -85.58  
8 1 ARG A 188 ? ? -179.00 -179.08 
9 1 MET A 189 ? ? 74.14   144.62  
# 
_pdbx_validate_peptide_omega.id               1 
_pdbx_validate_peptide_omega.PDB_model_num    1 
_pdbx_validate_peptide_omega.auth_comp_id_1   LYS 
_pdbx_validate_peptide_omega.auth_asym_id_1   A 
_pdbx_validate_peptide_omega.auth_seq_id_1    186 
_pdbx_validate_peptide_omega.PDB_ins_code_1   ? 
_pdbx_validate_peptide_omega.label_alt_id_1   ? 
_pdbx_validate_peptide_omega.auth_comp_id_2   LYS 
_pdbx_validate_peptide_omega.auth_asym_id_2   A 
_pdbx_validate_peptide_omega.auth_seq_id_2    187 
_pdbx_validate_peptide_omega.PDB_ins_code_2   ? 
_pdbx_validate_peptide_omega.label_alt_id_2   ? 
_pdbx_validate_peptide_omega.omega            148.79 
# 
_pdbx_validate_planes.id              1 
_pdbx_validate_planes.PDB_model_num   1 
_pdbx_validate_planes.auth_comp_id    DA 
_pdbx_validate_planes.auth_asym_id    B 
_pdbx_validate_planes.auth_seq_id     13 
_pdbx_validate_planes.PDB_ins_code    ? 
_pdbx_validate_planes.label_alt_id    ? 
_pdbx_validate_planes.rmsd            0.055 
_pdbx_validate_planes.type            'SIDE CHAIN' 
# 
loop_
_chem_comp_atom.comp_id 
_chem_comp_atom.atom_id 
_chem_comp_atom.type_symbol 
_chem_comp_atom.pdbx_aromatic_flag 
_chem_comp_atom.pdbx_stereo_config 
_chem_comp_atom.pdbx_ordinal 
ALA N      N N N 1   
ALA CA     C N S 2   
ALA C      C N N 3   
ALA O      O N N 4   
ALA CB     C N N 5   
ALA OXT    O N N 6   
ALA H      H N N 7   
ALA H2     H N N 8   
ALA HA     H N N 9   
ALA HB1    H N N 10  
ALA HB2    H N N 11  
ALA HB3    H N N 12  
ALA HXT    H N N 13  
ARG N      N N N 14  
ARG CA     C N S 15  
ARG C      C N N 16  
ARG O      O N N 17  
ARG CB     C N N 18  
ARG CG     C N N 19  
ARG CD     C N N 20  
ARG NE     N N N 21  
ARG CZ     C N N 22  
ARG NH1    N N N 23  
ARG NH2    N N N 24  
ARG OXT    O N N 25  
ARG H      H N N 26  
ARG H2     H N N 27  
ARG HA     H N N 28  
ARG HB2    H N N 29  
ARG HB3    H N N 30  
ARG HG2    H N N 31  
ARG HG3    H N N 32  
ARG HD2    H N N 33  
ARG HD3    H N N 34  
ARG HE     H N N 35  
ARG HH11   H N N 36  
ARG HH12   H N N 37  
ARG HH21   H N N 38  
ARG HH22   H N N 39  
ARG HXT    H N N 40  
ASN N      N N N 41  
ASN CA     C N S 42  
ASN C      C N N 43  
ASN O      O N N 44  
ASN CB     C N N 45  
ASN CG     C N N 46  
ASN OD1    O N N 47  
ASN ND2    N N N 48  
ASN OXT    O N N 49  
ASN H      H N N 50  
ASN H2     H N N 51  
ASN HA     H N N 52  
ASN HB2    H N N 53  
ASN HB3    H N N 54  
ASN HD21   H N N 55  
ASN HD22   H N N 56  
ASN HXT    H N N 57  
DA  OP3    O N N 58  
DA  P      P N N 59  
DA  OP1    O N N 60  
DA  OP2    O N N 61  
DA  "O5'"  O N N 62  
DA  "C5'"  C N N 63  
DA  "C4'"  C N R 64  
DA  "O4'"  O N N 65  
DA  "C3'"  C N S 66  
DA  "O3'"  O N N 67  
DA  "C2'"  C N N 68  
DA  "C1'"  C N R 69  
DA  N9     N Y N 70  
DA  C8     C Y N 71  
DA  N7     N Y N 72  
DA  C5     C Y N 73  
DA  C6     C Y N 74  
DA  N6     N N N 75  
DA  N1     N Y N 76  
DA  C2     C Y N 77  
DA  N3     N Y N 78  
DA  C4     C Y N 79  
DA  HOP3   H N N 80  
DA  HOP2   H N N 81  
DA  "H5'"  H N N 82  
DA  "H5''" H N N 83  
DA  "H4'"  H N N 84  
DA  "H3'"  H N N 85  
DA  "HO3'" H N N 86  
DA  "H2'"  H N N 87  
DA  "H2''" H N N 88  
DA  "H1'"  H N N 89  
DA  H8     H N N 90  
DA  H61    H N N 91  
DA  H62    H N N 92  
DA  H2     H N N 93  
DC  OP3    O N N 94  
DC  P      P N N 95  
DC  OP1    O N N 96  
DC  OP2    O N N 97  
DC  "O5'"  O N N 98  
DC  "C5'"  C N N 99  
DC  "C4'"  C N R 100 
DC  "O4'"  O N N 101 
DC  "C3'"  C N S 102 
DC  "O3'"  O N N 103 
DC  "C2'"  C N N 104 
DC  "C1'"  C N R 105 
DC  N1     N N N 106 
DC  C2     C N N 107 
DC  O2     O N N 108 
DC  N3     N N N 109 
DC  C4     C N N 110 
DC  N4     N N N 111 
DC  C5     C N N 112 
DC  C6     C N N 113 
DC  HOP3   H N N 114 
DC  HOP2   H N N 115 
DC  "H5'"  H N N 116 
DC  "H5''" H N N 117 
DC  "H4'"  H N N 118 
DC  "H3'"  H N N 119 
DC  "HO3'" H N N 120 
DC  "H2'"  H N N 121 
DC  "H2''" H N N 122 
DC  "H1'"  H N N 123 
DC  H41    H N N 124 
DC  H42    H N N 125 
DC  H5     H N N 126 
DC  H6     H N N 127 
DG  OP3    O N N 128 
DG  P      P N N 129 
DG  OP1    O N N 130 
DG  OP2    O N N 131 
DG  "O5'"  O N N 132 
DG  "C5'"  C N N 133 
DG  "C4'"  C N R 134 
DG  "O4'"  O N N 135 
DG  "C3'"  C N S 136 
DG  "O3'"  O N N 137 
DG  "C2'"  C N N 138 
DG  "C1'"  C N R 139 
DG  N9     N Y N 140 
DG  C8     C Y N 141 
DG  N7     N Y N 142 
DG  C5     C Y N 143 
DG  C6     C N N 144 
DG  O6     O N N 145 
DG  N1     N N N 146 
DG  C2     C N N 147 
DG  N2     N N N 148 
DG  N3     N N N 149 
DG  C4     C Y N 150 
DG  HOP3   H N N 151 
DG  HOP2   H N N 152 
DG  "H5'"  H N N 153 
DG  "H5''" H N N 154 
DG  "H4'"  H N N 155 
DG  "H3'"  H N N 156 
DG  "HO3'" H N N 157 
DG  "H2'"  H N N 158 
DG  "H2''" H N N 159 
DG  "H1'"  H N N 160 
DG  H8     H N N 161 
DG  H1     H N N 162 
DG  H21    H N N 163 
DG  H22    H N N 164 
DT  OP3    O N N 165 
DT  P      P N N 166 
DT  OP1    O N N 167 
DT  OP2    O N N 168 
DT  "O5'"  O N N 169 
DT  "C5'"  C N N 170 
DT  "C4'"  C N R 171 
DT  "O4'"  O N N 172 
DT  "C3'"  C N S 173 
DT  "O3'"  O N N 174 
DT  "C2'"  C N N 175 
DT  "C1'"  C N R 176 
DT  N1     N N N 177 
DT  C2     C N N 178 
DT  O2     O N N 179 
DT  N3     N N N 180 
DT  C4     C N N 181 
DT  O4     O N N 182 
DT  C5     C N N 183 
DT  C7     C N N 184 
DT  C6     C N N 185 
DT  HOP3   H N N 186 
DT  HOP2   H N N 187 
DT  "H5'"  H N N 188 
DT  "H5''" H N N 189 
DT  "H4'"  H N N 190 
DT  "H3'"  H N N 191 
DT  "HO3'" H N N 192 
DT  "H2'"  H N N 193 
DT  "H2''" H N N 194 
DT  "H1'"  H N N 195 
DT  H3     H N N 196 
DT  H71    H N N 197 
DT  H72    H N N 198 
DT  H73    H N N 199 
DT  H6     H N N 200 
GLN N      N N N 201 
GLN CA     C N S 202 
GLN C      C N N 203 
GLN O      O N N 204 
GLN CB     C N N 205 
GLN CG     C N N 206 
GLN CD     C N N 207 
GLN OE1    O N N 208 
GLN NE2    N N N 209 
GLN OXT    O N N 210 
GLN H      H N N 211 
GLN H2     H N N 212 
GLN HA     H N N 213 
GLN HB2    H N N 214 
GLN HB3    H N N 215 
GLN HG2    H N N 216 
GLN HG3    H N N 217 
GLN HE21   H N N 218 
GLN HE22   H N N 219 
GLN HXT    H N N 220 
GLU N      N N N 221 
GLU CA     C N S 222 
GLU C      C N N 223 
GLU O      O N N 224 
GLU CB     C N N 225 
GLU CG     C N N 226 
GLU CD     C N N 227 
GLU OE1    O N N 228 
GLU OE2    O N N 229 
GLU OXT    O N N 230 
GLU H      H N N 231 
GLU H2     H N N 232 
GLU HA     H N N 233 
GLU HB2    H N N 234 
GLU HB3    H N N 235 
GLU HG2    H N N 236 
GLU HG3    H N N 237 
GLU HE2    H N N 238 
GLU HXT    H N N 239 
GLY N      N N N 240 
GLY CA     C N N 241 
GLY C      C N N 242 
GLY O      O N N 243 
GLY OXT    O N N 244 
GLY H      H N N 245 
GLY H2     H N N 246 
GLY HA2    H N N 247 
GLY HA3    H N N 248 
GLY HXT    H N N 249 
HIS N      N N N 250 
HIS CA     C N S 251 
HIS C      C N N 252 
HIS O      O N N 253 
HIS CB     C N N 254 
HIS CG     C Y N 255 
HIS ND1    N Y N 256 
HIS CD2    C Y N 257 
HIS CE1    C Y N 258 
HIS NE2    N Y N 259 
HIS OXT    O N N 260 
HIS H      H N N 261 
HIS H2     H N N 262 
HIS HA     H N N 263 
HIS HB2    H N N 264 
HIS HB3    H N N 265 
HIS HD1    H N N 266 
HIS HD2    H N N 267 
HIS HE1    H N N 268 
HIS HE2    H N N 269 
HIS HXT    H N N 270 
HOH O      O N N 271 
HOH H1     H N N 272 
HOH H2     H N N 273 
ILE N      N N N 274 
ILE CA     C N S 275 
ILE C      C N N 276 
ILE O      O N N 277 
ILE CB     C N S 278 
ILE CG1    C N N 279 
ILE CG2    C N N 280 
ILE CD1    C N N 281 
ILE OXT    O N N 282 
ILE H      H N N 283 
ILE H2     H N N 284 
ILE HA     H N N 285 
ILE HB     H N N 286 
ILE HG12   H N N 287 
ILE HG13   H N N 288 
ILE HG21   H N N 289 
ILE HG22   H N N 290 
ILE HG23   H N N 291 
ILE HD11   H N N 292 
ILE HD12   H N N 293 
ILE HD13   H N N 294 
ILE HXT    H N N 295 
LEU N      N N N 296 
LEU CA     C N S 297 
LEU C      C N N 298 
LEU O      O N N 299 
LEU CB     C N N 300 
LEU CG     C N N 301 
LEU CD1    C N N 302 
LEU CD2    C N N 303 
LEU OXT    O N N 304 
LEU H      H N N 305 
LEU H2     H N N 306 
LEU HA     H N N 307 
LEU HB2    H N N 308 
LEU HB3    H N N 309 
LEU HG     H N N 310 
LEU HD11   H N N 311 
LEU HD12   H N N 312 
LEU HD13   H N N 313 
LEU HD21   H N N 314 
LEU HD22   H N N 315 
LEU HD23   H N N 316 
LEU HXT    H N N 317 
LYS N      N N N 318 
LYS CA     C N S 319 
LYS C      C N N 320 
LYS O      O N N 321 
LYS CB     C N N 322 
LYS CG     C N N 323 
LYS CD     C N N 324 
LYS CE     C N N 325 
LYS NZ     N N N 326 
LYS OXT    O N N 327 
LYS H      H N N 328 
LYS H2     H N N 329 
LYS HA     H N N 330 
LYS HB2    H N N 331 
LYS HB3    H N N 332 
LYS HG2    H N N 333 
LYS HG3    H N N 334 
LYS HD2    H N N 335 
LYS HD3    H N N 336 
LYS HE2    H N N 337 
LYS HE3    H N N 338 
LYS HZ1    H N N 339 
LYS HZ2    H N N 340 
LYS HZ3    H N N 341 
LYS HXT    H N N 342 
MET N      N N N 343 
MET CA     C N S 344 
MET C      C N N 345 
MET O      O N N 346 
MET CB     C N N 347 
MET CG     C N N 348 
MET SD     S N N 349 
MET CE     C N N 350 
MET OXT    O N N 351 
MET H      H N N 352 
MET H2     H N N 353 
MET HA     H N N 354 
MET HB2    H N N 355 
MET HB3    H N N 356 
MET HG2    H N N 357 
MET HG3    H N N 358 
MET HE1    H N N 359 
MET HE2    H N N 360 
MET HE3    H N N 361 
MET HXT    H N N 362 
PHE N      N N N 363 
PHE CA     C N S 364 
PHE C      C N N 365 
PHE O      O N N 366 
PHE CB     C N N 367 
PHE CG     C Y N 368 
PHE CD1    C Y N 369 
PHE CD2    C Y N 370 
PHE CE1    C Y N 371 
PHE CE2    C Y N 372 
PHE CZ     C Y N 373 
PHE OXT    O N N 374 
PHE H      H N N 375 
PHE H2     H N N 376 
PHE HA     H N N 377 
PHE HB2    H N N 378 
PHE HB3    H N N 379 
PHE HD1    H N N 380 
PHE HD2    H N N 381 
PHE HE1    H N N 382 
PHE HE2    H N N 383 
PHE HZ     H N N 384 
PHE HXT    H N N 385 
PRO N      N N N 386 
PRO CA     C N S 387 
PRO C      C N N 388 
PRO O      O N N 389 
PRO CB     C N N 390 
PRO CG     C N N 391 
PRO CD     C N N 392 
PRO OXT    O N N 393 
PRO H      H N N 394 
PRO HA     H N N 395 
PRO HB2    H N N 396 
PRO HB3    H N N 397 
PRO HG2    H N N 398 
PRO HG3    H N N 399 
PRO HD2    H N N 400 
PRO HD3    H N N 401 
PRO HXT    H N N 402 
SER N      N N N 403 
SER CA     C N S 404 
SER C      C N N 405 
SER O      O N N 406 
SER CB     C N N 407 
SER OG     O N N 408 
SER OXT    O N N 409 
SER H      H N N 410 
SER H2     H N N 411 
SER HA     H N N 412 
SER HB2    H N N 413 
SER HB3    H N N 414 
SER HG     H N N 415 
SER HXT    H N N 416 
THR N      N N N 417 
THR CA     C N S 418 
THR C      C N N 419 
THR O      O N N 420 
THR CB     C N R 421 
THR OG1    O N N 422 
THR CG2    C N N 423 
THR OXT    O N N 424 
THR H      H N N 425 
THR H2     H N N 426 
THR HA     H N N 427 
THR HB     H N N 428 
THR HG1    H N N 429 
THR HG21   H N N 430 
THR HG22   H N N 431 
THR HG23   H N N 432 
THR HXT    H N N 433 
TYR N      N N N 434 
TYR CA     C N S 435 
TYR C      C N N 436 
TYR O      O N N 437 
TYR CB     C N N 438 
TYR CG     C Y N 439 
TYR CD1    C Y N 440 
TYR CD2    C Y N 441 
TYR CE1    C Y N 442 
TYR CE2    C Y N 443 
TYR CZ     C Y N 444 
TYR OH     O N N 445 
TYR OXT    O N N 446 
TYR H      H N N 447 
TYR H2     H N N 448 
TYR HA     H N N 449 
TYR HB2    H N N 450 
TYR HB3    H N N 451 
TYR HD1    H N N 452 
TYR HD2    H N N 453 
TYR HE1    H N N 454 
TYR HE2    H N N 455 
TYR HH     H N N 456 
TYR HXT    H N N 457 
VAL N      N N N 458 
VAL CA     C N S 459 
VAL C      C N N 460 
VAL O      O N N 461 
VAL CB     C N N 462 
VAL CG1    C N N 463 
VAL CG2    C N N 464 
VAL OXT    O N N 465 
VAL H      H N N 466 
VAL H2     H N N 467 
VAL HA     H N N 468 
VAL HB     H N N 469 
VAL HG11   H N N 470 
VAL HG12   H N N 471 
VAL HG13   H N N 472 
VAL HG21   H N N 473 
VAL HG22   H N N 474 
VAL HG23   H N N 475 
VAL HXT    H N N 476 
# 
loop_
_chem_comp_bond.comp_id 
_chem_comp_bond.atom_id_1 
_chem_comp_bond.atom_id_2 
_chem_comp_bond.value_order 
_chem_comp_bond.pdbx_aromatic_flag 
_chem_comp_bond.pdbx_stereo_config 
_chem_comp_bond.pdbx_ordinal 
ALA N     CA     sing N N 1   
ALA N     H      sing N N 2   
ALA N     H2     sing N N 3   
ALA CA    C      sing N N 4   
ALA CA    CB     sing N N 5   
ALA CA    HA     sing N N 6   
ALA C     O      doub N N 7   
ALA C     OXT    sing N N 8   
ALA CB    HB1    sing N N 9   
ALA CB    HB2    sing N N 10  
ALA CB    HB3    sing N N 11  
ALA OXT   HXT    sing N N 12  
ARG N     CA     sing N N 13  
ARG N     H      sing N N 14  
ARG N     H2     sing N N 15  
ARG CA    C      sing N N 16  
ARG CA    CB     sing N N 17  
ARG CA    HA     sing N N 18  
ARG C     O      doub N N 19  
ARG C     OXT    sing N N 20  
ARG CB    CG     sing N N 21  
ARG CB    HB2    sing N N 22  
ARG CB    HB3    sing N N 23  
ARG CG    CD     sing N N 24  
ARG CG    HG2    sing N N 25  
ARG CG    HG3    sing N N 26  
ARG CD    NE     sing N N 27  
ARG CD    HD2    sing N N 28  
ARG CD    HD3    sing N N 29  
ARG NE    CZ     sing N N 30  
ARG NE    HE     sing N N 31  
ARG CZ    NH1    sing N N 32  
ARG CZ    NH2    doub N N 33  
ARG NH1   HH11   sing N N 34  
ARG NH1   HH12   sing N N 35  
ARG NH2   HH21   sing N N 36  
ARG NH2   HH22   sing N N 37  
ARG OXT   HXT    sing N N 38  
ASN N     CA     sing N N 39  
ASN N     H      sing N N 40  
ASN N     H2     sing N N 41  
ASN CA    C      sing N N 42  
ASN CA    CB     sing N N 43  
ASN CA    HA     sing N N 44  
ASN C     O      doub N N 45  
ASN C     OXT    sing N N 46  
ASN CB    CG     sing N N 47  
ASN CB    HB2    sing N N 48  
ASN CB    HB3    sing N N 49  
ASN CG    OD1    doub N N 50  
ASN CG    ND2    sing N N 51  
ASN ND2   HD21   sing N N 52  
ASN ND2   HD22   sing N N 53  
ASN OXT   HXT    sing N N 54  
DA  OP3   P      sing N N 55  
DA  OP3   HOP3   sing N N 56  
DA  P     OP1    doub N N 57  
DA  P     OP2    sing N N 58  
DA  P     "O5'"  sing N N 59  
DA  OP2   HOP2   sing N N 60  
DA  "O5'" "C5'"  sing N N 61  
DA  "C5'" "C4'"  sing N N 62  
DA  "C5'" "H5'"  sing N N 63  
DA  "C5'" "H5''" sing N N 64  
DA  "C4'" "O4'"  sing N N 65  
DA  "C4'" "C3'"  sing N N 66  
DA  "C4'" "H4'"  sing N N 67  
DA  "O4'" "C1'"  sing N N 68  
DA  "C3'" "O3'"  sing N N 69  
DA  "C3'" "C2'"  sing N N 70  
DA  "C3'" "H3'"  sing N N 71  
DA  "O3'" "HO3'" sing N N 72  
DA  "C2'" "C1'"  sing N N 73  
DA  "C2'" "H2'"  sing N N 74  
DA  "C2'" "H2''" sing N N 75  
DA  "C1'" N9     sing N N 76  
DA  "C1'" "H1'"  sing N N 77  
DA  N9    C8     sing Y N 78  
DA  N9    C4     sing Y N 79  
DA  C8    N7     doub Y N 80  
DA  C8    H8     sing N N 81  
DA  N7    C5     sing Y N 82  
DA  C5    C6     sing Y N 83  
DA  C5    C4     doub Y N 84  
DA  C6    N6     sing N N 85  
DA  C6    N1     doub Y N 86  
DA  N6    H61    sing N N 87  
DA  N6    H62    sing N N 88  
DA  N1    C2     sing Y N 89  
DA  C2    N3     doub Y N 90  
DA  C2    H2     sing N N 91  
DA  N3    C4     sing Y N 92  
DC  OP3   P      sing N N 93  
DC  OP3   HOP3   sing N N 94  
DC  P     OP1    doub N N 95  
DC  P     OP2    sing N N 96  
DC  P     "O5'"  sing N N 97  
DC  OP2   HOP2   sing N N 98  
DC  "O5'" "C5'"  sing N N 99  
DC  "C5'" "C4'"  sing N N 100 
DC  "C5'" "H5'"  sing N N 101 
DC  "C5'" "H5''" sing N N 102 
DC  "C4'" "O4'"  sing N N 103 
DC  "C4'" "C3'"  sing N N 104 
DC  "C4'" "H4'"  sing N N 105 
DC  "O4'" "C1'"  sing N N 106 
DC  "C3'" "O3'"  sing N N 107 
DC  "C3'" "C2'"  sing N N 108 
DC  "C3'" "H3'"  sing N N 109 
DC  "O3'" "HO3'" sing N N 110 
DC  "C2'" "C1'"  sing N N 111 
DC  "C2'" "H2'"  sing N N 112 
DC  "C2'" "H2''" sing N N 113 
DC  "C1'" N1     sing N N 114 
DC  "C1'" "H1'"  sing N N 115 
DC  N1    C2     sing N N 116 
DC  N1    C6     sing N N 117 
DC  C2    O2     doub N N 118 
DC  C2    N3     sing N N 119 
DC  N3    C4     doub N N 120 
DC  C4    N4     sing N N 121 
DC  C4    C5     sing N N 122 
DC  N4    H41    sing N N 123 
DC  N4    H42    sing N N 124 
DC  C5    C6     doub N N 125 
DC  C5    H5     sing N N 126 
DC  C6    H6     sing N N 127 
DG  OP3   P      sing N N 128 
DG  OP3   HOP3   sing N N 129 
DG  P     OP1    doub N N 130 
DG  P     OP2    sing N N 131 
DG  P     "O5'"  sing N N 132 
DG  OP2   HOP2   sing N N 133 
DG  "O5'" "C5'"  sing N N 134 
DG  "C5'" "C4'"  sing N N 135 
DG  "C5'" "H5'"  sing N N 136 
DG  "C5'" "H5''" sing N N 137 
DG  "C4'" "O4'"  sing N N 138 
DG  "C4'" "C3'"  sing N N 139 
DG  "C4'" "H4'"  sing N N 140 
DG  "O4'" "C1'"  sing N N 141 
DG  "C3'" "O3'"  sing N N 142 
DG  "C3'" "C2'"  sing N N 143 
DG  "C3'" "H3'"  sing N N 144 
DG  "O3'" "HO3'" sing N N 145 
DG  "C2'" "C1'"  sing N N 146 
DG  "C2'" "H2'"  sing N N 147 
DG  "C2'" "H2''" sing N N 148 
DG  "C1'" N9     sing N N 149 
DG  "C1'" "H1'"  sing N N 150 
DG  N9    C8     sing Y N 151 
DG  N9    C4     sing Y N 152 
DG  C8    N7     doub Y N 153 
DG  C8    H8     sing N N 154 
DG  N7    C5     sing Y N 155 
DG  C5    C6     sing N N 156 
DG  C5    C4     doub Y N 157 
DG  C6    O6     doub N N 158 
DG  C6    N1     sing N N 159 
DG  N1    C2     sing N N 160 
DG  N1    H1     sing N N 161 
DG  C2    N2     sing N N 162 
DG  C2    N3     doub N N 163 
DG  N2    H21    sing N N 164 
DG  N2    H22    sing N N 165 
DG  N3    C4     sing N N 166 
DT  OP3   P      sing N N 167 
DT  OP3   HOP3   sing N N 168 
DT  P     OP1    doub N N 169 
DT  P     OP2    sing N N 170 
DT  P     "O5'"  sing N N 171 
DT  OP2   HOP2   sing N N 172 
DT  "O5'" "C5'"  sing N N 173 
DT  "C5'" "C4'"  sing N N 174 
DT  "C5'" "H5'"  sing N N 175 
DT  "C5'" "H5''" sing N N 176 
DT  "C4'" "O4'"  sing N N 177 
DT  "C4'" "C3'"  sing N N 178 
DT  "C4'" "H4'"  sing N N 179 
DT  "O4'" "C1'"  sing N N 180 
DT  "C3'" "O3'"  sing N N 181 
DT  "C3'" "C2'"  sing N N 182 
DT  "C3'" "H3'"  sing N N 183 
DT  "O3'" "HO3'" sing N N 184 
DT  "C2'" "C1'"  sing N N 185 
DT  "C2'" "H2'"  sing N N 186 
DT  "C2'" "H2''" sing N N 187 
DT  "C1'" N1     sing N N 188 
DT  "C1'" "H1'"  sing N N 189 
DT  N1    C2     sing N N 190 
DT  N1    C6     sing N N 191 
DT  C2    O2     doub N N 192 
DT  C2    N3     sing N N 193 
DT  N3    C4     sing N N 194 
DT  N3    H3     sing N N 195 
DT  C4    O4     doub N N 196 
DT  C4    C5     sing N N 197 
DT  C5    C7     sing N N 198 
DT  C5    C6     doub N N 199 
DT  C7    H71    sing N N 200 
DT  C7    H72    sing N N 201 
DT  C7    H73    sing N N 202 
DT  C6    H6     sing N N 203 
GLN N     CA     sing N N 204 
GLN N     H      sing N N 205 
GLN N     H2     sing N N 206 
GLN CA    C      sing N N 207 
GLN CA    CB     sing N N 208 
GLN CA    HA     sing N N 209 
GLN C     O      doub N N 210 
GLN C     OXT    sing N N 211 
GLN CB    CG     sing N N 212 
GLN CB    HB2    sing N N 213 
GLN CB    HB3    sing N N 214 
GLN CG    CD     sing N N 215 
GLN CG    HG2    sing N N 216 
GLN CG    HG3    sing N N 217 
GLN CD    OE1    doub N N 218 
GLN CD    NE2    sing N N 219 
GLN NE2   HE21   sing N N 220 
GLN NE2   HE22   sing N N 221 
GLN OXT   HXT    sing N N 222 
GLU N     CA     sing N N 223 
GLU N     H      sing N N 224 
GLU N     H2     sing N N 225 
GLU CA    C      sing N N 226 
GLU CA    CB     sing N N 227 
GLU CA    HA     sing N N 228 
GLU C     O      doub N N 229 
GLU C     OXT    sing N N 230 
GLU CB    CG     sing N N 231 
GLU CB    HB2    sing N N 232 
GLU CB    HB3    sing N N 233 
GLU CG    CD     sing N N 234 
GLU CG    HG2    sing N N 235 
GLU CG    HG3    sing N N 236 
GLU CD    OE1    doub N N 237 
GLU CD    OE2    sing N N 238 
GLU OE2   HE2    sing N N 239 
GLU OXT   HXT    sing N N 240 
GLY N     CA     sing N N 241 
GLY N     H      sing N N 242 
GLY N     H2     sing N N 243 
GLY CA    C      sing N N 244 
GLY CA    HA2    sing N N 245 
GLY CA    HA3    sing N N 246 
GLY C     O      doub N N 247 
GLY C     OXT    sing N N 248 
GLY OXT   HXT    sing N N 249 
HIS N     CA     sing N N 250 
HIS N     H      sing N N 251 
HIS N     H2     sing N N 252 
HIS CA    C      sing N N 253 
HIS CA    CB     sing N N 254 
HIS CA    HA     sing N N 255 
HIS C     O      doub N N 256 
HIS C     OXT    sing N N 257 
HIS CB    CG     sing N N 258 
HIS CB    HB2    sing N N 259 
HIS CB    HB3    sing N N 260 
HIS CG    ND1    sing Y N 261 
HIS CG    CD2    doub Y N 262 
HIS ND1   CE1    doub Y N 263 
HIS ND1   HD1    sing N N 264 
HIS CD2   NE2    sing Y N 265 
HIS CD2   HD2    sing N N 266 
HIS CE1   NE2    sing Y N 267 
HIS CE1   HE1    sing N N 268 
HIS NE2   HE2    sing N N 269 
HIS OXT   HXT    sing N N 270 
HOH O     H1     sing N N 271 
HOH O     H2     sing N N 272 
ILE N     CA     sing N N 273 
ILE N     H      sing N N 274 
ILE N     H2     sing N N 275 
ILE CA    C      sing N N 276 
ILE CA    CB     sing N N 277 
ILE CA    HA     sing N N 278 
ILE C     O      doub N N 279 
ILE C     OXT    sing N N 280 
ILE CB    CG1    sing N N 281 
ILE CB    CG2    sing N N 282 
ILE CB    HB     sing N N 283 
ILE CG1   CD1    sing N N 284 
ILE CG1   HG12   sing N N 285 
ILE CG1   HG13   sing N N 286 
ILE CG2   HG21   sing N N 287 
ILE CG2   HG22   sing N N 288 
ILE CG2   HG23   sing N N 289 
ILE CD1   HD11   sing N N 290 
ILE CD1   HD12   sing N N 291 
ILE CD1   HD13   sing N N 292 
ILE OXT   HXT    sing N N 293 
LEU N     CA     sing N N 294 
LEU N     H      sing N N 295 
LEU N     H2     sing N N 296 
LEU CA    C      sing N N 297 
LEU CA    CB     sing N N 298 
LEU CA    HA     sing N N 299 
LEU C     O      doub N N 300 
LEU C     OXT    sing N N 301 
LEU CB    CG     sing N N 302 
LEU CB    HB2    sing N N 303 
LEU CB    HB3    sing N N 304 
LEU CG    CD1    sing N N 305 
LEU CG    CD2    sing N N 306 
LEU CG    HG     sing N N 307 
LEU CD1   HD11   sing N N 308 
LEU CD1   HD12   sing N N 309 
LEU CD1   HD13   sing N N 310 
LEU CD2   HD21   sing N N 311 
LEU CD2   HD22   sing N N 312 
LEU CD2   HD23   sing N N 313 
LEU OXT   HXT    sing N N 314 
LYS N     CA     sing N N 315 
LYS N     H      sing N N 316 
LYS N     H2     sing N N 317 
LYS CA    C      sing N N 318 
LYS CA    CB     sing N N 319 
LYS CA    HA     sing N N 320 
LYS C     O      doub N N 321 
LYS C     OXT    sing N N 322 
LYS CB    CG     sing N N 323 
LYS CB    HB2    sing N N 324 
LYS CB    HB3    sing N N 325 
LYS CG    CD     sing N N 326 
LYS CG    HG2    sing N N 327 
LYS CG    HG3    sing N N 328 
LYS CD    CE     sing N N 329 
LYS CD    HD2    sing N N 330 
LYS CD    HD3    sing N N 331 
LYS CE    NZ     sing N N 332 
LYS CE    HE2    sing N N 333 
LYS CE    HE3    sing N N 334 
LYS NZ    HZ1    sing N N 335 
LYS NZ    HZ2    sing N N 336 
LYS NZ    HZ3    sing N N 337 
LYS OXT   HXT    sing N N 338 
MET N     CA     sing N N 339 
MET N     H      sing N N 340 
MET N     H2     sing N N 341 
MET CA    C      sing N N 342 
MET CA    CB     sing N N 343 
MET CA    HA     sing N N 344 
MET C     O      doub N N 345 
MET C     OXT    sing N N 346 
MET CB    CG     sing N N 347 
MET CB    HB2    sing N N 348 
MET CB    HB3    sing N N 349 
MET CG    SD     sing N N 350 
MET CG    HG2    sing N N 351 
MET CG    HG3    sing N N 352 
MET SD    CE     sing N N 353 
MET CE    HE1    sing N N 354 
MET CE    HE2    sing N N 355 
MET CE    HE3    sing N N 356 
MET OXT   HXT    sing N N 357 
PHE N     CA     sing N N 358 
PHE N     H      sing N N 359 
PHE N     H2     sing N N 360 
PHE CA    C      sing N N 361 
PHE CA    CB     sing N N 362 
PHE CA    HA     sing N N 363 
PHE C     O      doub N N 364 
PHE C     OXT    sing N N 365 
PHE CB    CG     sing N N 366 
PHE CB    HB2    sing N N 367 
PHE CB    HB3    sing N N 368 
PHE CG    CD1    doub Y N 369 
PHE CG    CD2    sing Y N 370 
PHE CD1   CE1    sing Y N 371 
PHE CD1   HD1    sing N N 372 
PHE CD2   CE2    doub Y N 373 
PHE CD2   HD2    sing N N 374 
PHE CE1   CZ     doub Y N 375 
PHE CE1   HE1    sing N N 376 
PHE CE2   CZ     sing Y N 377 
PHE CE2   HE2    sing N N 378 
PHE CZ    HZ     sing N N 379 
PHE OXT   HXT    sing N N 380 
PRO N     CA     sing N N 381 
PRO N     CD     sing N N 382 
PRO N     H      sing N N 383 
PRO CA    C      sing N N 384 
PRO CA    CB     sing N N 385 
PRO CA    HA     sing N N 386 
PRO C     O      doub N N 387 
PRO C     OXT    sing N N 388 
PRO CB    CG     sing N N 389 
PRO CB    HB2    sing N N 390 
PRO CB    HB3    sing N N 391 
PRO CG    CD     sing N N 392 
PRO CG    HG2    sing N N 393 
PRO CG    HG3    sing N N 394 
PRO CD    HD2    sing N N 395 
PRO CD    HD3    sing N N 396 
PRO OXT   HXT    sing N N 397 
SER N     CA     sing N N 398 
SER N     H      sing N N 399 
SER N     H2     sing N N 400 
SER CA    C      sing N N 401 
SER CA    CB     sing N N 402 
SER CA    HA     sing N N 403 
SER C     O      doub N N 404 
SER C     OXT    sing N N 405 
SER CB    OG     sing N N 406 
SER CB    HB2    sing N N 407 
SER CB    HB3    sing N N 408 
SER OG    HG     sing N N 409 
SER OXT   HXT    sing N N 410 
THR N     CA     sing N N 411 
THR N     H      sing N N 412 
THR N     H2     sing N N 413 
THR CA    C      sing N N 414 
THR CA    CB     sing N N 415 
THR CA    HA     sing N N 416 
THR C     O      doub N N 417 
THR C     OXT    sing N N 418 
THR CB    OG1    sing N N 419 
THR CB    CG2    sing N N 420 
THR CB    HB     sing N N 421 
THR OG1   HG1    sing N N 422 
THR CG2   HG21   sing N N 423 
THR CG2   HG22   sing N N 424 
THR CG2   HG23   sing N N 425 
THR OXT   HXT    sing N N 426 
TYR N     CA     sing N N 427 
TYR N     H      sing N N 428 
TYR N     H2     sing N N 429 
TYR CA    C      sing N N 430 
TYR CA    CB     sing N N 431 
TYR CA    HA     sing N N 432 
TYR C     O      doub N N 433 
TYR C     OXT    sing N N 434 
TYR CB    CG     sing N N 435 
TYR CB    HB2    sing N N 436 
TYR CB    HB3    sing N N 437 
TYR CG    CD1    doub Y N 438 
TYR CG    CD2    sing Y N 439 
TYR CD1   CE1    sing Y N 440 
TYR CD1   HD1    sing N N 441 
TYR CD2   CE2    doub Y N 442 
TYR CD2   HD2    sing N N 443 
TYR CE1   CZ     doub Y N 444 
TYR CE1   HE1    sing N N 445 
TYR CE2   CZ     sing Y N 446 
TYR CE2   HE2    sing N N 447 
TYR CZ    OH     sing N N 448 
TYR OH    HH     sing N N 449 
TYR OXT   HXT    sing N N 450 
VAL N     CA     sing N N 451 
VAL N     H      sing N N 452 
VAL N     H2     sing N N 453 
VAL CA    C      sing N N 454 
VAL CA    CB     sing N N 455 
VAL CA    HA     sing N N 456 
VAL C     O      doub N N 457 
VAL C     OXT    sing N N 458 
VAL CB    CG1    sing N N 459 
VAL CB    CG2    sing N N 460 
VAL CB    HB     sing N N 461 
VAL CG1   HG11   sing N N 462 
VAL CG1   HG12   sing N N 463 
VAL CG1   HG13   sing N N 464 
VAL CG2   HG21   sing N N 465 
VAL CG2   HG22   sing N N 466 
VAL CG2   HG23   sing N N 467 
VAL OXT   HXT    sing N N 468 
# 
loop_
_ndb_struct_conf_na.entry_id 
_ndb_struct_conf_na.feature 
1HCR 'double helix'        
1HCR 'b-form double helix' 
# 
loop_
_ndb_struct_na_base_pair.model_number 
_ndb_struct_na_base_pair.i_label_asym_id 
_ndb_struct_na_base_pair.i_label_comp_id 
_ndb_struct_na_base_pair.i_label_seq_id 
_ndb_struct_na_base_pair.i_symmetry 
_ndb_struct_na_base_pair.j_label_asym_id 
_ndb_struct_na_base_pair.j_label_comp_id 
_ndb_struct_na_base_pair.j_label_seq_id 
_ndb_struct_na_base_pair.j_symmetry 
_ndb_struct_na_base_pair.shear 
_ndb_struct_na_base_pair.stretch 
_ndb_struct_na_base_pair.stagger 
_ndb_struct_na_base_pair.buckle 
_ndb_struct_na_base_pair.propeller 
_ndb_struct_na_base_pair.opening 
_ndb_struct_na_base_pair.pair_number 
_ndb_struct_na_base_pair.pair_name 
_ndb_struct_na_base_pair.i_auth_asym_id 
_ndb_struct_na_base_pair.i_auth_seq_id 
_ndb_struct_na_base_pair.i_PDB_ins_code 
_ndb_struct_na_base_pair.j_auth_asym_id 
_ndb_struct_na_base_pair.j_auth_seq_id 
_ndb_struct_na_base_pair.j_PDB_ins_code 
_ndb_struct_na_base_pair.hbond_type_28 
_ndb_struct_na_base_pair.hbond_type_12 
1 A DG 2  1_555 B DC 13 1_555 -0.420 -0.440 0.093  -0.421  -4.081  -1.005  1  B_DG3:DC29_C  B 3  ? C 29 ? 19 1 
1 A DT 3  1_555 B DA 12 1_555 0.585  -0.459 0.101  1.732   -20.460 -9.453  2  B_DT4:DA28_C  B 4  ? C 28 ? 20 1 
1 A DT 4  1_555 B DA 11 1_555 0.869  -0.603 0.167  -9.421  -14.596 -3.478  3  B_DT5:DA27_C  B 5  ? C 27 ? 20 1 
1 A DT 5  1_555 B DA 10 1_555 0.353  -0.323 -0.687 10.796  -26.681 -1.172  4  B_DT6:DA26_C  B 6  ? C 26 ? 20 1 
1 A DT 6  1_555 B DA 9  1_555 -0.554 -0.446 0.265  -6.283  -13.898 1.301   5  B_DT7:DA25_C  B 7  ? C 25 ? 20 1 
1 A DT 7  1_555 B DA 8  1_555 -1.110 -0.283 -0.599 -5.879  -19.139 -10.186 6  B_DT8:DA24_C  B 8  ? C 24 ? 20 1 
1 A DG 8  1_555 B DC 7  1_555 -0.510 -0.461 -0.327 -5.090  -10.128 -3.584  7  B_DG9:DC23_C  B 9  ? C 23 ? 19 1 
1 A DA 9  1_555 B DT 6  1_555 0.538  -0.332 0.063  1.811   -8.069  -8.143  8  B_DA10:DT22_C B 10 ? C 22 ? 20 1 
1 A DT 10 1_555 B DA 5  1_555 0.368  -0.249 0.017  1.068   -13.671 1.597   9  B_DT11:DA21_C B 11 ? C 21 ? 20 1 
1 A DA 11 1_555 B DT 4  1_555 0.689  -0.515 -0.110 3.709   -22.944 -0.209  10 B_DA12:DT20_C B 12 ? C 20 ? 20 1 
1 A DA 12 1_555 B DT 3  1_555 1.203  0.096  0.295  6.363   -15.673 24.002  11 B_DA13:DT19_C B 13 ? C 19 ? ?  1 
1 A DG 13 1_555 B DC 2  1_555 -0.205 -0.348 0.031  -3.521  -19.793 3.216   12 B_DG14:DC18_C B 14 ? C 18 ? 19 1 
1 A DA 14 1_555 B DT 1  1_555 1.087  -0.396 -0.050 -2.352  -27.228 -16.400 13 B_DA15:DT17_C B 15 ? C 17 ? 20 1 
1 A DT 1  1_555 A DG 2  1_555 -3.266 1.634  0.756  -36.391 7.316   92.249  14 B_DT2:DG3_B   B 2  ? B 3  ? ?  ? 
1 A DT 1  1_555 A DG 2  3_756 -3.266 1.634  0.756  -36.391 7.316   92.249  15 B_DT2:DG3_B   B 2  ? B 3  ? ?  ? 
# 
loop_
_ndb_struct_na_base_pair_step.model_number 
_ndb_struct_na_base_pair_step.i_label_asym_id_1 
_ndb_struct_na_base_pair_step.i_label_comp_id_1 
_ndb_struct_na_base_pair_step.i_label_seq_id_1 
_ndb_struct_na_base_pair_step.i_symmetry_1 
_ndb_struct_na_base_pair_step.j_label_asym_id_1 
_ndb_struct_na_base_pair_step.j_label_comp_id_1 
_ndb_struct_na_base_pair_step.j_label_seq_id_1 
_ndb_struct_na_base_pair_step.j_symmetry_1 
_ndb_struct_na_base_pair_step.i_label_asym_id_2 
_ndb_struct_na_base_pair_step.i_label_comp_id_2 
_ndb_struct_na_base_pair_step.i_label_seq_id_2 
_ndb_struct_na_base_pair_step.i_symmetry_2 
_ndb_struct_na_base_pair_step.j_label_asym_id_2 
_ndb_struct_na_base_pair_step.j_label_comp_id_2 
_ndb_struct_na_base_pair_step.j_label_seq_id_2 
_ndb_struct_na_base_pair_step.j_symmetry_2 
_ndb_struct_na_base_pair_step.shift 
_ndb_struct_na_base_pair_step.slide 
_ndb_struct_na_base_pair_step.rise 
_ndb_struct_na_base_pair_step.tilt 
_ndb_struct_na_base_pair_step.roll 
_ndb_struct_na_base_pair_step.twist 
_ndb_struct_na_base_pair_step.x_displacement 
_ndb_struct_na_base_pair_step.y_displacement 
_ndb_struct_na_base_pair_step.helical_rise 
_ndb_struct_na_base_pair_step.inclination 
_ndb_struct_na_base_pair_step.tip 
_ndb_struct_na_base_pair_step.helical_twist 
_ndb_struct_na_base_pair_step.step_number 
_ndb_struct_na_base_pair_step.step_name 
_ndb_struct_na_base_pair_step.i_auth_asym_id_1 
_ndb_struct_na_base_pair_step.i_auth_seq_id_1 
_ndb_struct_na_base_pair_step.i_PDB_ins_code_1 
_ndb_struct_na_base_pair_step.j_auth_asym_id_1 
_ndb_struct_na_base_pair_step.j_auth_seq_id_1 
_ndb_struct_na_base_pair_step.j_PDB_ins_code_1 
_ndb_struct_na_base_pair_step.i_auth_asym_id_2 
_ndb_struct_na_base_pair_step.i_auth_seq_id_2 
_ndb_struct_na_base_pair_step.i_PDB_ins_code_2 
_ndb_struct_na_base_pair_step.j_auth_asym_id_2 
_ndb_struct_na_base_pair_step.j_auth_seq_id_2 
_ndb_struct_na_base_pair_step.j_PDB_ins_code_2 
1 A DG 2  1_555 B DC 13 1_555 A DT 3  1_555 B DA 12 1_555 -1.441 -0.810 3.433 -3.835 5.309   31.404  -2.476 1.880  3.401 9.677  
6.989   32.063  1  BB_DG3DT4:DA28DC29_CC   B 3  ? C 29 ? B 4  ? C 28 ? 
1 A DT 3  1_555 B DA 12 1_555 A DT 4  1_555 B DA 11 1_555 0.419  -0.352 3.636 2.475  1.560   34.046  -0.873 -0.278 3.637 2.659  
-4.218  34.168  2  BB_DT4DT5:DA27DA28_CC   B 4  ? C 28 ? B 5  ? C 27 ? 
1 A DT 4  1_555 B DA 11 1_555 A DT 5  1_555 B DA 10 1_555 -0.246 0.525  2.394 7.802  3.316   34.704  0.505  1.228  2.325 5.459  
-12.843 35.693  3  BB_DT5DT6:DA26DA27_CC   B 5  ? C 27 ? B 6  ? C 26 ? 
1 A DT 5  1_555 B DA 10 1_555 A DT 6  1_555 B DA 9  1_555 1.357  0.590  3.816 -1.512 -3.385  34.866  1.564  -2.514 3.684 -5.630 
2.515   35.057  4  BB_DT6DT7:DA25DA26_CC   B 6  ? C 26 ? B 7  ? C 25 ? 
1 A DT 6  1_555 B DA 9  1_555 A DT 7  1_555 B DA 8  1_555 -1.238 -0.509 3.073 6.713  1.635   31.481  -1.178 3.306  2.729 2.969  
-12.190 32.211  5  BB_DT7DT8:DA24DA25_CC   B 7  ? C 25 ? B 8  ? C 24 ? 
1 A DT 7  1_555 B DA 8  1_555 A DG 8  1_555 B DC 7  1_555 1.050  1.106  3.429 -0.533 8.184   37.941  0.583  -1.651 3.568 12.411 
0.808   38.786  6  BB_DT8DG9:DC23DA24_CC   B 8  ? C 24 ? B 9  ? C 23 ? 
1 A DG 8  1_555 B DC 7  1_555 A DA 9  1_555 B DT 6  1_555 -0.966 0.688  3.196 -7.322 4.103   40.876  0.528  0.575  3.363 5.801  
10.352  41.693  7  BB_DG9DA10:DT22DC23_CC  B 9  ? C 23 ? B 10 ? C 22 ? 
1 A DA 9  1_555 B DT 6  1_555 A DT 10 1_555 B DA 5  1_555 0.985  -0.719 3.346 1.106  -1.133  31.493  -1.105 -1.600 3.401 -2.086 
-2.035  31.532  8  BB_DA10DT11:DA21DT22_CC B 10 ? C 22 ? B 11 ? C 21 ? 
1 A DT 10 1_555 B DA 5  1_555 A DA 11 1_555 B DT 4  1_555 -0.907 1.191  3.322 -0.943 4.064   41.677  1.227  1.167  3.437 5.694  
1.321   41.876  9  BB_DT11DA12:DT20DA21_CC B 11 ? C 21 ? B 12 ? C 20 ? 
1 A DA 11 1_555 B DT 4  1_555 A DA 12 1_555 B DT 3  1_555 1.357  -0.361 3.128 -1.345 1.175   34.641  -0.777 -2.472 3.061 1.972  
2.257   34.686  10 BB_DA12DA13:DT19DT20_CC B 12 ? C 20 ? B 13 ? C 19 ? 
1 A DA 12 1_555 B DT 3  1_555 A DG 13 1_555 B DC 2  1_555 -0.919 0.350  3.396 -2.832 11.206  30.813  -1.438 1.105  3.384 20.220 
5.110   32.861  11 BB_DA13DG14:DC18DT19_CC B 13 ? C 19 ? B 14 ? C 18 ? 
1 A DG 13 1_555 B DC 2  1_555 A DA 14 1_555 B DT 1  1_555 -0.763 -1.142 3.323 -0.415 -4.557  31.467  -1.216 1.313  3.460 -8.347 
0.759   31.789  12 BB_DG14DA15:DT17DC18_CC B 14 ? C 18 ? B 15 ? C 17 ? 
1 A DT 1  1_555 A DG 2  1_555 A DT 1  1_555 A DG 2  3_756 -0.641 4.431  0.000 91.644 146.504 180.000 2.216  0.321  0.000 73.252 
-45.822 180.000 13 BB_DT2DT2:DG3DG3_BB     B 2  ? B 3  ? B 2  ? B 3  ? 
# 
_atom_sites.entry_id                    1HCR 
_atom_sites.fract_transf_matrix[1][1]   0.00119757 
_atom_sites.fract_transf_matrix[1][2]   0.00679036 
_atom_sites.fract_transf_matrix[1][3]   -0.00954626 
_atom_sites.fract_transf_matrix[2][1]   0.00291868 
_atom_sites.fract_transf_matrix[2][2]   -0.00989825 
_atom_sites.fract_transf_matrix[2][3]   -0.00667459 
_atom_sites.fract_transf_matrix[3][1]   -0.02193618 
_atom_sites.fract_transf_matrix[3][2]   -0.00311738 
_atom_sites.fract_transf_matrix[3][3]   -0.00496931 
_atom_sites.fract_transf_vector[1]      0.709855 
_atom_sites.fract_transf_vector[2]      0.921950 
_atom_sites.fract_transf_vector[3]      0.725603 
# 
_atom_sites_footnote.id     1 
_atom_sites_footnote.text   'LYS A 186 - LYS A 187 OMEGA =148.79 PEPTIDE BOND DEVIATES SIGNIFICANTLY FROM TRANS CONFORMATION' 
# 
loop_
_atom_type.symbol 
C 
N 
O 
P 
S 
# 
loop_
_atom_site.group_PDB 
_atom_site.id 
_atom_site.type_symbol 
_atom_site.label_atom_id 
_atom_site.label_alt_id 
_atom_site.label_comp_id 
_atom_site.label_asym_id 
_atom_site.label_entity_id 
_atom_site.label_seq_id 
_atom_site.pdbx_PDB_ins_code 
_atom_site.Cartn_x 
_atom_site.Cartn_y 
_atom_site.Cartn_z 
_atom_site.occupancy 
_atom_site.B_iso_or_equiv 
_atom_site.pdbx_formal_charge 
_atom_site.auth_seq_id 
_atom_site.auth_comp_id 
_atom_site.auth_asym_id 
_atom_site.auth_atom_id 
_atom_site.pdbx_PDB_model_num 
ATOM   1   O "O5'" . DT  A 1 1  ? -12.372 27.215  -9.914  1.00 61.01 ? 2   DT  B "O5'" 1 
ATOM   2   C "C5'" . DT  A 1 1  ? -12.133 28.206  -10.961 1.00 61.63 ? 2   DT  B "C5'" 1 
ATOM   3   C "C4'" . DT  A 1 1  ? -10.594 28.413  -11.285 1.00 68.54 ? 2   DT  B "C4'" 1 
ATOM   4   O "O4'" . DT  A 1 1  ? -9.875  27.255  -11.765 1.00 63.17 ? 2   DT  B "O4'" 1 
ATOM   5   C "C3'" . DT  A 1 1  ? -10.057 29.655  -12.105 1.00 69.18 ? 2   DT  B "C3'" 1 
ATOM   6   O "O3'" . DT  A 1 1  ? -9.850  30.768  -11.161 1.00 74.56 ? 2   DT  B "O3'" 1 
ATOM   7   C "C2'" . DT  A 1 1  ? -8.756  29.064  -12.709 1.00 61.15 ? 2   DT  B "C2'" 1 
ATOM   8   C "C1'" . DT  A 1 1  ? -8.588  27.859  -11.841 1.00 61.65 ? 2   DT  B "C1'" 1 
ATOM   9   N N1    . DT  A 1 1  ? -7.423  26.970  -11.781 1.00 56.67 ? 2   DT  B N1    1 
ATOM   10  C C2    . DT  A 1 1  ? -6.215  27.441  -11.265 1.00 55.17 ? 2   DT  B C2    1 
ATOM   11  O O2    . DT  A 1 1  ? -5.970  28.558  -10.878 1.00 59.72 ? 2   DT  B O2    1 
ATOM   12  N N3    . DT  A 1 1  ? -5.195  26.607  -11.185 1.00 43.90 ? 2   DT  B N3    1 
ATOM   13  C C4    . DT  A 1 1  ? -5.256  25.316  -11.577 1.00 51.15 ? 2   DT  B C4    1 
ATOM   14  O O4    . DT  A 1 1  ? -4.205  24.685  -11.489 1.00 62.50 ? 2   DT  B O4    1 
ATOM   15  C C5    . DT  A 1 1  ? -6.557  24.865  -12.106 1.00 50.82 ? 2   DT  B C5    1 
ATOM   16  C C7    . DT  A 1 1  ? -6.839  23.418  -12.566 1.00 49.97 ? 2   DT  B C7    1 
ATOM   17  C C6    . DT  A 1 1  ? -7.569  25.707  -12.186 1.00 49.10 ? 2   DT  B C6    1 
ATOM   18  P P     . DG  A 1 2  ? -8.600  31.829  -10.993 1.00 82.17 ? 3   DG  B P     1 
ATOM   19  O OP1   . DG  A 1 2  ? -9.017  32.847  -9.985  1.00 71.52 ? 3   DG  B OP1   1 
ATOM   20  O OP2   . DG  A 1 2  ? -8.173  32.264  -12.349 1.00 80.51 ? 3   DG  B OP2   1 
ATOM   21  O "O5'" . DG  A 1 2  ? -7.418  30.908  -10.358 1.00 74.16 ? 3   DG  B "O5'" 1 
ATOM   22  C "C5'" . DG  A 1 2  ? -6.685  31.221  -9.147  1.00 64.73 ? 3   DG  B "C5'" 1 
ATOM   23  C "C4'" . DG  A 1 2  ? -6.515  30.029  -8.177  1.00 52.66 ? 3   DG  B "C4'" 1 
ATOM   24  O "O4'" . DG  A 1 2  ? -5.353  29.153  -8.228  1.00 46.96 ? 3   DG  B "O4'" 1 
ATOM   25  C "C3'" . DG  A 1 2  ? -6.572  30.612  -6.801  1.00 52.28 ? 3   DG  B "C3'" 1 
ATOM   26  O "O3'" . DG  A 1 2  ? -7.301  29.548  -6.138  1.00 59.76 ? 3   DG  B "O3'" 1 
ATOM   27  C "C2'" . DG  A 1 2  ? -5.084  30.792  -6.506  1.00 33.94 ? 3   DG  B "C2'" 1 
ATOM   28  C "C1'" . DG  A 1 2  ? -4.637  29.442  -7.001  1.00 43.55 ? 3   DG  B "C1'" 1 
ATOM   29  N N9    . DG  A 1 2  ? -3.224  29.007  -6.792  1.00 44.72 ? 3   DG  B N9    1 
ATOM   30  C C8    . DG  A 1 2  ? -2.400  29.347  -5.745  1.00 47.90 ? 3   DG  B C8    1 
ATOM   31  N N7    . DG  A 1 2  ? -1.229  28.779  -5.755  1.00 49.35 ? 3   DG  B N7    1 
ATOM   32  C C5    . DG  A 1 2  ? -1.252  27.996  -6.903  1.00 52.03 ? 3   DG  B C5    1 
ATOM   33  C C6    . DG  A 1 2  ? -0.238  27.138  -7.429  1.00 48.38 ? 3   DG  B C6    1 
ATOM   34  O O6    . DG  A 1 2  ? 0.887   26.877  -6.997  1.00 39.39 ? 3   DG  B O6    1 
ATOM   35  N N1    . DG  A 1 2  ? -0.671  26.529  -8.591  1.00 45.61 ? 3   DG  B N1    1 
ATOM   36  C C2    . DG  A 1 2  ? -1.916  26.705  -9.184  1.00 48.92 ? 3   DG  B C2    1 
ATOM   37  N N2    . DG  A 1 2  ? -2.153  26.005  -10.283 1.00 39.75 ? 3   DG  B N2    1 
ATOM   38  N N3    . DG  A 1 2  ? -2.881  27.504  -8.707  1.00 45.78 ? 3   DG  B N3    1 
ATOM   39  C C4    . DG  A 1 2  ? -2.476  28.124  -7.556  1.00 46.42 ? 3   DG  B C4    1 
ATOM   40  P P     . DT  A 1 3  ? -8.871  28.980  -6.352  1.00 70.01 ? 4   DT  B P     1 
ATOM   41  O OP1   . DT  A 1 3  ? -9.828  30.115  -6.219  1.00 68.03 ? 4   DT  B OP1   1 
ATOM   42  O OP2   . DT  A 1 3  ? -8.926  27.893  -5.353  1.00 70.92 ? 4   DT  B OP2   1 
ATOM   43  O "O5'" . DT  A 1 3  ? -9.245  28.294  -7.792  1.00 61.50 ? 4   DT  B "O5'" 1 
ATOM   44  C "C5'" . DT  A 1 3  ? -9.569  26.912  -7.869  1.00 50.65 ? 4   DT  B "C5'" 1 
ATOM   45  C "C4'" . DT  A 1 3  ? -8.458  26.126  -8.554  1.00 47.76 ? 4   DT  B "C4'" 1 
ATOM   46  O "O4'" . DT  A 1 3  ? -7.168  26.277  -7.991  1.00 45.81 ? 4   DT  B "O4'" 1 
ATOM   47  C "C3'" . DT  A 1 3  ? -8.734  24.698  -8.320  1.00 47.46 ? 4   DT  B "C3'" 1 
ATOM   48  O "O3'" . DT  A 1 3  ? -9.724  24.303  -9.281  1.00 56.75 ? 4   DT  B "O3'" 1 
ATOM   49  C "C2'" . DT  A 1 3  ? -7.367  24.070  -8.488  1.00 44.18 ? 4   DT  B "C2'" 1 
ATOM   50  C "C1'" . DT  A 1 3  ? -6.381  25.126  -8.350  1.00 36.77 ? 4   DT  B "C1'" 1 
ATOM   51  N N1    . DT  A 1 3  ? -5.172  24.919  -7.490  1.00 32.08 ? 4   DT  B N1    1 
ATOM   52  C C2    . DT  A 1 3  ? -4.088  24.113  -7.894  1.00 38.54 ? 4   DT  B C2    1 
ATOM   53  O O2    . DT  A 1 3  ? -4.050  23.367  -8.876  1.00 40.82 ? 4   DT  B O2    1 
ATOM   54  N N3    . DT  A 1 3  ? -2.978  24.105  -7.070  1.00 35.65 ? 4   DT  B N3    1 
ATOM   55  C C4    . DT  A 1 3  ? -2.831  24.794  -5.885  1.00 41.16 ? 4   DT  B C4    1 
ATOM   56  O O4    . DT  A 1 3  ? -1.808  24.741  -5.208  1.00 45.53 ? 4   DT  B O4    1 
ATOM   57  C C5    . DT  A 1 3  ? -3.981  25.567  -5.548  1.00 41.01 ? 4   DT  B C5    1 
ATOM   58  C C7    . DT  A 1 3  ? -3.922  26.349  -4.251  1.00 47.58 ? 4   DT  B C7    1 
ATOM   59  C C6    . DT  A 1 3  ? -5.083  25.611  -6.326  1.00 34.77 ? 4   DT  B C6    1 
ATOM   60  P P     . DT  A 1 4  ? -10.854 23.222  -8.903  1.00 59.46 ? 5   DT  B P     1 
ATOM   61  O OP1   . DT  A 1 4  ? -11.895 23.122  -9.954  1.00 59.68 ? 5   DT  B OP1   1 
ATOM   62  O OP2   . DT  A 1 4  ? -11.266 23.484  -7.505  1.00 60.77 ? 5   DT  B OP2   1 
ATOM   63  O "O5'" . DT  A 1 4  ? -9.984  21.882  -8.918  1.00 60.22 ? 5   DT  B "O5'" 1 
ATOM   64  C "C5'" . DT  A 1 4  ? -9.236  21.412  -10.056 1.00 56.63 ? 5   DT  B "C5'" 1 
ATOM   65  C "C4'" . DT  A 1 4  ? -7.987  20.582  -9.615  1.00 55.27 ? 5   DT  B "C4'" 1 
ATOM   66  O "O4'" . DT  A 1 4  ? -7.382  21.193  -8.484  1.00 53.64 ? 5   DT  B "O4'" 1 
ATOM   67  C "C3'" . DT  A 1 4  ? -8.181  19.192  -9.076  1.00 47.88 ? 5   DT  B "C3'" 1 
ATOM   68  O "O3'" . DT  A 1 4  ? -7.952  18.241  -10.094 1.00 51.24 ? 5   DT  B "O3'" 1 
ATOM   69  C "C2'" . DT  A 1 4  ? -6.995  19.041  -8.171  1.00 46.55 ? 5   DT  B "C2'" 1 
ATOM   70  C "C1'" . DT  A 1 4  ? -6.313  20.359  -8.089  1.00 41.27 ? 5   DT  B "C1'" 1 
ATOM   71  N N1    . DT  A 1 4  ? -5.726  20.845  -6.800  1.00 42.95 ? 5   DT  B N1    1 
ATOM   72  C C2    . DT  A 1 4  ? -4.414  20.473  -6.483  1.00 45.80 ? 5   DT  B C2    1 
ATOM   73  O O2    . DT  A 1 4  ? -3.739  19.647  -7.117  1.00 43.44 ? 5   DT  B O2    1 
ATOM   74  N N3    . DT  A 1 4  ? -3.884  21.060  -5.350  1.00 39.06 ? 5   DT  B N3    1 
ATOM   75  C C4    . DT  A 1 4  ? -4.515  21.968  -4.495  1.00 44.50 ? 5   DT  B C4    1 
ATOM   76  O O4    . DT  A 1 4  ? -3.915  22.476  -3.536  1.00 44.06 ? 5   DT  B O4    1 
ATOM   77  C C5    . DT  A 1 4  ? -5.866  22.274  -4.886  1.00 38.66 ? 5   DT  B C5    1 
ATOM   78  C C7    . DT  A 1 4  ? -6.654  23.214  -4.013  1.00 43.99 ? 5   DT  B C7    1 
ATOM   79  C C6    . DT  A 1 4  ? -6.420  21.729  -5.986  1.00 40.12 ? 5   DT  B C6    1 
ATOM   80  P P     . DT  A 1 5  ? -8.836  16.923  -10.100 1.00 56.09 ? 6   DT  B P     1 
ATOM   81  O OP1   . DT  A 1 5  ? -9.008  16.562  -11.533 1.00 60.55 ? 6   DT  B OP1   1 
ATOM   82  O OP2   . DT  A 1 5  ? -10.010 17.127  -9.191  1.00 46.49 ? 6   DT  B OP2   1 
ATOM   83  O "O5'" . DT  A 1 5  ? -7.975  15.777  -9.490  1.00 51.83 ? 6   DT  B "O5'" 1 
ATOM   84  C "C5'" . DT  A 1 5  ? -7.059  15.198  -10.358 1.00 47.12 ? 6   DT  B "C5'" 1 
ATOM   85  C "C4'" . DT  A 1 5  ? -5.926  14.815  -9.512  1.00 53.59 ? 6   DT  B "C4'" 1 
ATOM   86  O "O4'" . DT  A 1 5  ? -5.445  15.886  -8.646  1.00 49.63 ? 6   DT  B "O4'" 1 
ATOM   87  C "C3'" . DT  A 1 5  ? -6.382  13.691  -8.667  1.00 54.56 ? 6   DT  B "C3'" 1 
ATOM   88  O "O3'" . DT  A 1 5  ? -5.256  12.841  -8.617  1.00 69.64 ? 6   DT  B "O3'" 1 
ATOM   89  C "C2'" . DT  A 1 5  ? -6.463  14.389  -7.362  1.00 52.43 ? 6   DT  B "C2'" 1 
ATOM   90  C "C1'" . DT  A 1 5  ? -5.255  15.322  -7.355  1.00 41.35 ? 6   DT  B "C1'" 1 
ATOM   91  N N1    . DT  A 1 5  ? -5.349  16.341  -6.308  1.00 34.63 ? 6   DT  B N1    1 
ATOM   92  C C2    . DT  A 1 5  ? -4.209  16.904  -5.792  1.00 39.06 ? 6   DT  B C2    1 
ATOM   93  O O2    . DT  A 1 5  ? -3.084  16.614  -6.180  1.00 44.31 ? 6   DT  B O2    1 
ATOM   94  N N3    . DT  A 1 5  ? -4.386  17.848  -4.802  1.00 32.31 ? 6   DT  B N3    1 
ATOM   95  C C4    . DT  A 1 5  ? -5.607  18.265  -4.302  1.00 28.10 ? 6   DT  B C4    1 
ATOM   96  O O4    . DT  A 1 5  ? -5.673  19.115  -3.428  1.00 42.69 ? 6   DT  B O4    1 
ATOM   97  C C5    . DT  A 1 5  ? -6.747  17.633  -4.887  1.00 31.46 ? 6   DT  B C5    1 
ATOM   98  C C7    . DT  A 1 5  ? -8.154  17.973  -4.416  1.00 21.73 ? 6   DT  B C7    1 
ATOM   99  C C6    . DT  A 1 5  ? -6.587  16.718  -5.847  1.00 37.35 ? 6   DT  B C6    1 
ATOM   100 P P     . DT  A 1 6  ? -5.388  11.284  -8.931  1.00 77.57 ? 7   DT  B P     1 
ATOM   101 O OP1   . DT  A 1 6  ? -4.721  11.000  -10.244 1.00 73.85 ? 7   DT  B OP1   1 
ATOM   102 O OP2   . DT  A 1 6  ? -6.795  10.861  -8.668  1.00 75.32 ? 7   DT  B OP2   1 
ATOM   103 O "O5'" . DT  A 1 6  ? -4.522  10.638  -7.787  1.00 69.81 ? 7   DT  B "O5'" 1 
ATOM   104 C "C5'" . DT  A 1 6  ? -3.180  11.057  -7.785  1.00 61.09 ? 7   DT  B "C5'" 1 
ATOM   105 C "C4'" . DT  A 1 6  ? -2.871  11.528  -6.424  1.00 51.04 ? 7   DT  B "C4'" 1 
ATOM   106 O "O4'" . DT  A 1 6  ? -3.705  12.602  -6.028  1.00 47.62 ? 7   DT  B "O4'" 1 
ATOM   107 C "C3'" . DT  A 1 6  ? -3.233  10.491  -5.419  1.00 49.38 ? 7   DT  B "C3'" 1 
ATOM   108 O "O3'" . DT  A 1 6  ? -2.349  9.391   -5.549  1.00 46.36 ? 7   DT  B "O3'" 1 
ATOM   109 C "C2'" . DT  A 1 6  ? -2.982  11.383  -4.228  1.00 53.11 ? 7   DT  B "C2'" 1 
ATOM   110 C "C1'" . DT  A 1 6  ? -3.317  12.753  -4.667  1.00 38.66 ? 7   DT  B "C1'" 1 
ATOM   111 N N1    . DT  A 1 6  ? -4.362  13.392  -3.869  1.00 33.82 ? 7   DT  B N1    1 
ATOM   112 C C2    . DT  A 1 6  ? -3.911  14.254  -2.891  1.00 33.09 ? 7   DT  B C2    1 
ATOM   113 O O2    . DT  A 1 6  ? -2.736  14.404  -2.573  1.00 42.79 ? 7   DT  B O2    1 
ATOM   114 N N3    . DT  A 1 6  ? -4.868  14.933  -2.215  1.00 21.47 ? 7   DT  B N3    1 
ATOM   115 C C4    . DT  A 1 6  ? -6.195  14.858  -2.394  1.00 28.94 ? 7   DT  B C4    1 
ATOM   116 O O4    . DT  A 1 6  ? -6.914  15.589  -1.730  1.00 36.05 ? 7   DT  B O4    1 
ATOM   117 C C5    . DT  A 1 6  ? -6.613  13.940  -3.402  1.00 28.46 ? 7   DT  B C5    1 
ATOM   118 C C7    . DT  A 1 6  ? -8.104  13.836  -3.622  1.00 29.52 ? 7   DT  B C7    1 
ATOM   119 C C6    . DT  A 1 6  ? -5.704  13.232  -4.108  1.00 26.24 ? 7   DT  B C6    1 
ATOM   120 P P     . DT  A 1 7  ? -2.239  8.246   -4.461  1.00 48.63 ? 8   DT  B P     1 
ATOM   121 O OP1   . DT  A 1 7  ? -1.276  7.253   -4.973  1.00 47.02 ? 8   DT  B OP1   1 
ATOM   122 O OP2   . DT  A 1 7  ? -3.610  7.806   -4.113  1.00 48.50 ? 8   DT  B OP2   1 
ATOM   123 O "O5'" . DT  A 1 7  ? -1.481  9.027   -3.271  1.00 39.40 ? 8   DT  B "O5'" 1 
ATOM   124 C "C5'" . DT  A 1 7  ? -0.175  9.544   -3.619  1.00 38.25 ? 8   DT  B "C5'" 1 
ATOM   125 C "C4'" . DT  A 1 7  ? 0.601   10.323  -2.512  1.00 39.38 ? 8   DT  B "C4'" 1 
ATOM   126 O "O4'" . DT  A 1 7  ? -0.230  11.360  -2.011  1.00 41.32 ? 8   DT  B "O4'" 1 
ATOM   127 C "C3'" . DT  A 1 7  ? 1.029   9.552   -1.275  1.00 39.47 ? 8   DT  B "C3'" 1 
ATOM   128 O "O3'" . DT  A 1 7  ? 2.407   9.804   -0.939  1.00 32.99 ? 8   DT  B "O3'" 1 
ATOM   129 C "C2'" . DT  A 1 7  ? 0.070   10.055  -0.216  1.00 34.15 ? 8   DT  B "C2'" 1 
ATOM   130 C "C1'" . DT  A 1 7  ? -0.194  11.473  -0.597  1.00 32.36 ? 8   DT  B "C1'" 1 
ATOM   131 N N1    . DT  A 1 7  ? -1.534  11.945  -0.249  1.00 31.37 ? 8   DT  B N1    1 
ATOM   132 C C2    . DT  A 1 7  ? -1.628  13.032  0.541   1.00 30.30 ? 8   DT  B C2    1 
ATOM   133 O O2    . DT  A 1 7  ? -0.659  13.622  1.001   1.00 37.40 ? 8   DT  B O2    1 
ATOM   134 N N3    . DT  A 1 7  ? -2.892  13.433  0.822   1.00 30.84 ? 8   DT  B N3    1 
ATOM   135 C C4    . DT  A 1 7  ? -4.035  12.840  0.389   1.00 35.44 ? 8   DT  B C4    1 
ATOM   136 O O4    . DT  A 1 7  ? -5.117  13.292  0.721   1.00 42.13 ? 8   DT  B O4    1 
ATOM   137 C C5    . DT  A 1 7  ? -3.861  11.710  -0.427  1.00 30.49 ? 8   DT  B C5    1 
ATOM   138 C C7    . DT  A 1 7  ? -5.085  10.963  -0.934  1.00 33.79 ? 8   DT  B C7    1 
ATOM   139 C C6    . DT  A 1 7  ? -2.637  11.301  -0.721  1.00 32.02 ? 8   DT  B C6    1 
ATOM   140 P P     . DG  A 1 8  ? 2.957   8.820   0.116   1.00 36.07 ? 9   DG  B P     1 
ATOM   141 O OP1   . DG  A 1 8  ? 4.429   8.836   0.173   1.00 35.20 ? 9   DG  B OP1   1 
ATOM   142 O OP2   . DG  A 1 8  ? 2.206   7.537   0.017   1.00 24.98 ? 9   DG  B OP2   1 
ATOM   143 O "O5'" . DG  A 1 8  ? 2.438   9.514   1.396   1.00 39.91 ? 9   DG  B "O5'" 1 
ATOM   144 C "C5'" . DG  A 1 8  ? 3.173   10.525  2.100   1.00 43.55 ? 9   DG  B "C5'" 1 
ATOM   145 C "C4'" . DG  A 1 8  ? 2.514   10.867  3.464   1.00 40.47 ? 9   DG  B "C4'" 1 
ATOM   146 O "O4'" . DG  A 1 8  ? 1.129   11.185  3.205   1.00 44.94 ? 9   DG  B "O4'" 1 
ATOM   147 C "C3'" . DG  A 1 8  ? 2.478   9.692   4.452   1.00 37.06 ? 9   DG  B "C3'" 1 
ATOM   148 O "O3'" . DG  A 1 8  ? 2.423   10.113  5.792   1.00 42.35 ? 9   DG  B "O3'" 1 
ATOM   149 C "C2'" . DG  A 1 8  ? 1.106   9.160   4.283   1.00 35.14 ? 9   DG  B "C2'" 1 
ATOM   150 C "C1'" . DG  A 1 8  ? 0.375   10.418  4.092   1.00 33.49 ? 9   DG  B "C1'" 1 
ATOM   151 N N9    . DG  A 1 8  ? -0.893  10.198  3.531   1.00 31.92 ? 9   DG  B N9    1 
ATOM   152 C C8    . DG  A 1 8  ? -1.309  9.257   2.684   1.00 27.00 ? 9   DG  B C8    1 
ATOM   153 N N7    . DG  A 1 8  ? -2.573  9.374   2.439   1.00 34.87 ? 9   DG  B N7    1 
ATOM   154 C C5    . DG  A 1 8  ? -2.987  10.451  3.171   1.00 28.37 ? 9   DG  B C5    1 
ATOM   155 C C6    . DG  A 1 8  ? -4.246  11.016  3.295   1.00 30.85 ? 9   DG  B C6    1 
ATOM   156 O O6    . DG  A 1 8  ? -5.258  10.685  2.693   1.00 41.75 ? 9   DG  B O6    1 
ATOM   157 N N1    . DG  A 1 8  ? -4.257  12.097  4.165   1.00 28.10 ? 9   DG  B N1    1 
ATOM   158 C C2    . DG  A 1 8  ? -3.163  12.573  4.827   1.00 29.29 ? 9   DG  B C2    1 
ATOM   159 N N2    . DG  A 1 8  ? -3.340  13.630  5.631   1.00 34.96 ? 9   DG  B N2    1 
ATOM   160 N N3    . DG  A 1 8  ? -1.953  12.028  4.695   1.00 30.97 ? 9   DG  B N3    1 
ATOM   161 C C4    . DG  A 1 8  ? -1.953  10.970  3.851   1.00 28.05 ? 9   DG  B C4    1 
ATOM   162 P P     . DA  A 1 9  ? 3.204   9.193   6.779   1.00 46.70 ? 10  DA  B P     1 
ATOM   163 O OP1   . DA  A 1 9  ? 4.682   9.462   6.657   1.00 41.63 ? 10  DA  B OP1   1 
ATOM   164 O OP2   . DA  A 1 9  ? 2.606   7.831   6.610   1.00 42.38 ? 10  DA  B OP2   1 
ATOM   165 O "O5'" . DA  A 1 9  ? 2.771   9.747   8.171   1.00 44.39 ? 10  DA  B "O5'" 1 
ATOM   166 C "C5'" . DA  A 1 9  ? 3.187   11.050  8.564   1.00 47.19 ? 10  DA  B "C5'" 1 
ATOM   167 C "C4'" . DA  A 1 9  ? 2.012   11.752  9.221   1.00 41.27 ? 10  DA  B "C4'" 1 
ATOM   168 O "O4'" . DA  A 1 9  ? 0.864   11.641  8.367   1.00 41.25 ? 10  DA  B "O4'" 1 
ATOM   169 C "C3'" . DA  A 1 9  ? 1.641   11.117  10.521  1.00 40.68 ? 10  DA  B "C3'" 1 
ATOM   170 O "O3'" . DA  A 1 9  ? 1.110   12.115  11.348  1.00 52.03 ? 10  DA  B "O3'" 1 
ATOM   171 C "C2'" . DA  A 1 9  ? 0.534   10.221  10.110  1.00 38.17 ? 10  DA  B "C2'" 1 
ATOM   172 C "C1'" . DA  A 1 9  ? -0.163  11.058  9.115   1.00 34.63 ? 10  DA  B "C1'" 1 
ATOM   173 N N9    . DA  A 1 9  ? -0.869  10.263  8.213   1.00 29.54 ? 10  DA  B N9    1 
ATOM   174 C C8    . DA  A 1 9  ? -0.388  9.267   7.423   1.00 37.48 ? 10  DA  B C8    1 
ATOM   175 N N7    . DA  A 1 9  ? -1.320  8.746   6.678   1.00 46.31 ? 10  DA  B N7    1 
ATOM   176 C C5    . DA  A 1 9  ? -2.481  9.450   7.011   1.00 41.67 ? 10  DA  B C5    1 
ATOM   177 C C6    . DA  A 1 9  ? -3.822  9.376   6.548   1.00 38.41 ? 10  DA  B C6    1 
ATOM   178 N N6    . DA  A 1 9  ? -4.175  8.512   5.592   1.00 42.24 ? 10  DA  B N6    1 
ATOM   179 N N1    . DA  A 1 9  ? -4.729  10.219  7.074   1.00 28.29 ? 10  DA  B N1    1 
ATOM   180 C C2    . DA  A 1 9  ? -4.285  11.062  7.994   1.00 40.96 ? 10  DA  B C2    1 
ATOM   181 N N3    . DA  A 1 9  ? -3.055  11.233  8.507   1.00 38.15 ? 10  DA  B N3    1 
ATOM   182 C C4    . DA  A 1 9  ? -2.191  10.378  7.959   1.00 31.96 ? 10  DA  B C4    1 
ATOM   183 P P     . DT  A 1 10 ? 1.418   12.147  12.908  1.00 60.99 ? 11  DT  B P     1 
ATOM   184 O OP1   . DT  A 1 10 ? 2.021   13.482  13.186  1.00 56.65 ? 11  DT  B OP1   1 
ATOM   185 O OP2   . DT  A 1 10 ? 2.172   10.921  13.268  1.00 63.52 ? 11  DT  B OP2   1 
ATOM   186 O "O5'" . DT  A 1 10 ? -0.080  12.022  13.506  1.00 54.17 ? 11  DT  B "O5'" 1 
ATOM   187 C "C5'" . DT  A 1 10 ? -1.143  12.863  13.022  1.00 52.12 ? 11  DT  B "C5'" 1 
ATOM   188 C "C4'" . DT  A 1 10 ? -2.420  12.064  12.778  1.00 51.11 ? 11  DT  B "C4'" 1 
ATOM   189 O "O4'" . DT  A 1 10 ? -2.347  11.118  11.723  1.00 45.63 ? 11  DT  B "O4'" 1 
ATOM   190 C "C3'" . DT  A 1 10 ? -2.644  11.170  13.954  1.00 55.32 ? 11  DT  B "C3'" 1 
ATOM   191 O "O3'" . DT  A 1 10 ? -3.583  11.725  14.895  1.00 63.32 ? 11  DT  B "O3'" 1 
ATOM   192 C "C2'" . DT  A 1 10 ? -3.049  9.849   13.333  1.00 48.59 ? 11  DT  B "C2'" 1 
ATOM   193 C "C1'" . DT  A 1 10 ? -3.419  10.190  11.952  1.00 33.34 ? 11  DT  B "C1'" 1 
ATOM   194 N N1    . DT  A 1 10 ? -3.334  9.022   11.044  1.00 34.38 ? 11  DT  B N1    1 
ATOM   195 C C2    . DT  A 1 10 ? -4.452  8.672   10.301  1.00 34.47 ? 11  DT  B C2    1 
ATOM   196 O O2    . DT  A 1 10 ? -5.536  9.234   10.355  1.00 37.22 ? 11  DT  B O2    1 
ATOM   197 N N3    . DT  A 1 10 ? -4.328  7.620   9.430   1.00 39.26 ? 11  DT  B N3    1 
ATOM   198 C C4    . DT  A 1 10 ? -3.193  6.865   9.209   1.00 40.01 ? 11  DT  B C4    1 
ATOM   199 O O4    . DT  A 1 10 ? -3.174  5.950   8.373   1.00 43.75 ? 11  DT  B O4    1 
ATOM   200 C C5    . DT  A 1 10 ? -2.079  7.298   10.029  1.00 34.64 ? 11  DT  B C5    1 
ATOM   201 C C7    . DT  A 1 10 ? -0.772  6.597   9.871   1.00 44.42 ? 11  DT  B C7    1 
ATOM   202 C C6    . DT  A 1 10 ? -2.163  8.321   10.897  1.00 30.30 ? 11  DT  B C6    1 
ATOM   203 P P     . DA  A 1 11 ? -3.803  11.044  16.348  1.00 70.04 ? 12  DA  B P     1 
ATOM   204 O OP1   . DA  A 1 11 ? -3.428  12.030  17.402  1.00 69.88 ? 12  DA  B OP1   1 
ATOM   205 O OP2   . DA  A 1 11 ? -3.153  9.713   16.354  1.00 73.58 ? 12  DA  B OP2   1 
ATOM   206 O "O5'" . DA  A 1 11 ? -5.369  10.713  16.414  1.00 53.41 ? 12  DA  B "O5'" 1 
ATOM   207 C "C5'" . DA  A 1 11 ? -6.217  11.829  16.294  1.00 46.58 ? 12  DA  B "C5'" 1 
ATOM   208 C "C4'" . DA  A 1 11 ? -7.560  11.430  15.866  1.00 42.16 ? 12  DA  B "C4'" 1 
ATOM   209 O "O4'" . DA  A 1 11 ? -7.493  10.658  14.683  1.00 40.03 ? 12  DA  B "O4'" 1 
ATOM   210 C "C3'" . DA  A 1 11 ? -8.135  10.592  16.893  1.00 41.68 ? 12  DA  B "C3'" 1 
ATOM   211 O "O3'" . DA  A 1 11 ? -9.480  11.000  17.045  1.00 58.71 ? 12  DA  B "O3'" 1 
ATOM   212 C "C2'" . DA  A 1 11 ? -7.978  9.245   16.315  1.00 35.02 ? 12  DA  B "C2'" 1 
ATOM   213 C "C1'" . DA  A 1 11 ? -7.999  9.380   14.869  1.00 30.07 ? 12  DA  B "C1'" 1 
ATOM   214 N N9    . DA  A 1 11 ? -6.981  8.494   14.415  1.00 30.01 ? 12  DA  B N9    1 
ATOM   215 C C8    . DA  A 1 11 ? -5.698  8.281   14.854  1.00 37.67 ? 12  DA  B C8    1 
ATOM   216 N N7    . DA  A 1 11 ? -5.011  7.354   14.192  1.00 32.00 ? 12  DA  B N7    1 
ATOM   217 C C5    . DA  A 1 11 ? -5.934  6.958   13.271  1.00 26.60 ? 12  DA  B C5    1 
ATOM   218 C C6    . DA  A 1 11 ? -5.861  6.036   12.300  1.00 28.39 ? 12  DA  B C6    1 
ATOM   219 N N6    . DA  A 1 11 ? -4.769  5.329   12.145  1.00 37.16 ? 12  DA  B N6    1 
ATOM   220 N N1    . DA  A 1 11 ? -6.943  5.860   11.541  1.00 37.17 ? 12  DA  B N1    1 
ATOM   221 C C2    . DA  A 1 11 ? -8.050  6.575   11.746  1.00 39.36 ? 12  DA  B C2    1 
ATOM   222 N N3    . DA  A 1 11 ? -8.234  7.490   12.652  1.00 37.37 ? 12  DA  B N3    1 
ATOM   223 C C4    . DA  A 1 11 ? -7.121  7.636   13.394  1.00 32.18 ? 12  DA  B C4    1 
ATOM   224 P P     . DA  A 1 12 ? -10.399 10.309  18.155  1.00 59.36 ? 13  DA  B P     1 
ATOM   225 O OP1   . DA  A 1 12 ? -11.615 11.141  18.330  1.00 59.04 ? 13  DA  B OP1   1 
ATOM   226 O OP2   . DA  A 1 12 ? -9.531  10.028  19.335  1.00 56.29 ? 13  DA  B OP2   1 
ATOM   227 O "O5'" . DA  A 1 12 ? -10.843 8.935   17.405  1.00 61.26 ? 13  DA  B "O5'" 1 
ATOM   228 C "C5'" . DA  A 1 12 ? -11.574 8.955   16.149  1.00 61.96 ? 13  DA  B "C5'" 1 
ATOM   229 C "C4'" . DA  A 1 12 ? -11.672 7.611   15.429  1.00 59.82 ? 13  DA  B "C4'" 1 
ATOM   230 O "O4'" . DA  A 1 12 ? -10.515 7.070   14.795  1.00 69.52 ? 13  DA  B "O4'" 1 
ATOM   231 C "C3'" . DA  A 1 12 ? -11.872 6.658   16.514  1.00 61.10 ? 13  DA  B "C3'" 1 
ATOM   232 O "O3'" . DA  A 1 12 ? -13.233 6.821   16.700  1.00 65.65 ? 13  DA  B "O3'" 1 
ATOM   233 C "C2'" . DA  A 1 12 ? -11.478 5.344   15.952  1.00 63.37 ? 13  DA  B "C2'" 1 
ATOM   234 C "C1'" . DA  A 1 12 ? -10.369 5.623   15.043  1.00 68.20 ? 13  DA  B "C1'" 1 
ATOM   235 N N9    . DA  A 1 12 ? -8.969  5.299   15.475  1.00 65.12 ? 13  DA  B N9    1 
ATOM   236 C C8    . DA  A 1 12 ? -8.198  5.834   16.483  1.00 67.70 ? 13  DA  B C8    1 
ATOM   237 N N7    . DA  A 1 12 ? -6.939  5.466   16.478  1.00 64.18 ? 13  DA  B N7    1 
ATOM   238 C C5    . DA  A 1 12 ? -6.862  4.620   15.391  1.00 62.31 ? 13  DA  B C5    1 
ATOM   239 C C6    . DA  A 1 12 ? -5.787  3.908   14.837  1.00 62.48 ? 13  DA  B C6    1 
ATOM   240 N N6    . DA  A 1 12 ? -4.539  3.968   15.317  1.00 64.50 ? 13  DA  B N6    1 
ATOM   241 N N1    . DA  A 1 12 ? -6.071  3.163   13.764  1.00 56.44 ? 13  DA  B N1    1 
ATOM   242 C C2    . DA  A 1 12 ? -7.326  3.169   13.330  1.00 63.00 ? 13  DA  B C2    1 
ATOM   243 N N3    . DA  A 1 12 ? -8.417  3.785   13.746  1.00 60.27 ? 13  DA  B N3    1 
ATOM   244 C C4    . DA  A 1 12 ? -8.096  4.507   14.802  1.00 58.24 ? 13  DA  B C4    1 
ATOM   245 P P     . DG  A 1 13 ? -13.976 5.894   17.705  1.00 67.79 ? 14  DG  B P     1 
ATOM   246 O OP1   . DG  A 1 13 ? -15.012 6.735   18.363  1.00 69.84 ? 14  DG  B OP1   1 
ATOM   247 O OP2   . DG  A 1 13 ? -12.968 5.150   18.528  1.00 67.44 ? 14  DG  B OP2   1 
ATOM   248 O "O5'" . DG  A 1 13 ? -14.681 4.971   16.582  1.00 62.14 ? 14  DG  B "O5'" 1 
ATOM   249 C "C5'" . DG  A 1 13 ? -15.152 3.707   16.991  1.00 60.74 ? 14  DG  B "C5'" 1 
ATOM   250 C "C4'" . DG  A 1 13 ? -14.721 2.607   16.078  1.00 50.51 ? 14  DG  B "C4'" 1 
ATOM   251 O "O4'" . DG  A 1 13 ? -13.358 2.677   15.705  1.00 51.72 ? 14  DG  B "O4'" 1 
ATOM   252 C "C3'" . DG  A 1 13 ? -14.874 1.348   16.840  1.00 49.82 ? 14  DG  B "C3'" 1 
ATOM   253 O "O3'" . DG  A 1 13 ? -15.965 0.588   16.366  1.00 55.21 ? 14  DG  B "O3'" 1 
ATOM   254 C "C2'" . DG  A 1 13 ? -13.509 0.709   16.790  1.00 51.67 ? 14  DG  B "C2'" 1 
ATOM   255 C "C1'" . DG  A 1 13 ? -12.677 1.408   15.744  1.00 43.15 ? 14  DG  B "C1'" 1 
ATOM   256 N N9    . DG  A 1 13 ? -11.291 1.677   16.205  1.00 33.48 ? 14  DG  B N9    1 
ATOM   257 C C8    . DG  A 1 13 ? -10.904 2.575   17.137  1.00 31.64 ? 14  DG  B C8    1 
ATOM   258 N N7    . DG  A 1 13 ? -9.640  2.616   17.382  1.00 29.20 ? 14  DG  B N7    1 
ATOM   259 C C5    . DG  A 1 13 ? -9.136  1.659   16.544  1.00 26.87 ? 14  DG  B C5    1 
ATOM   260 C C6    . DG  A 1 13 ? -7.767  1.243   16.395  1.00 40.44 ? 14  DG  B C6    1 
ATOM   261 O O6    . DG  A 1 13 ? -6.753  1.656   16.979  1.00 42.67 ? 14  DG  B O6    1 
ATOM   262 N N1    . DG  A 1 13 ? -7.660  0.243   15.462  1.00 28.95 ? 14  DG  B N1    1 
ATOM   263 C C2    . DG  A 1 13 ? -8.757  -0.264  14.775  1.00 37.50 ? 14  DG  B C2    1 
ATOM   264 N N2    . DG  A 1 13 ? -8.492  -1.207  13.910  1.00 32.24 ? 14  DG  B N2    1 
ATOM   265 N N3    . DG  A 1 13 ? -10.048 0.120   14.909  1.00 32.05 ? 14  DG  B N3    1 
ATOM   266 C C4    . DG  A 1 13 ? -10.148 1.086   15.817  1.00 25.64 ? 14  DG  B C4    1 
ATOM   267 P P     . DA  A 1 14 ? -16.054 0.091   14.862  1.00 68.01 ? 15  DA  B P     1 
ATOM   268 O OP1   . DA  A 1 14 ? -15.637 1.137   13.925  1.00 72.36 ? 15  DA  B OP1   1 
ATOM   269 O OP2   . DA  A 1 14 ? -17.381 -0.521  14.629  1.00 71.28 ? 15  DA  B OP2   1 
ATOM   270 O "O5'" . DA  A 1 14 ? -14.898 -1.050  14.846  1.00 80.43 ? 15  DA  B "O5'" 1 
ATOM   271 C "C5'" . DA  A 1 14 ? -14.845 -2.355  15.529  1.00 84.96 ? 15  DA  B "C5'" 1 
ATOM   272 C "C4'" . DA  A 1 14 ? -13.374 -2.846  15.786  1.00 75.97 ? 15  DA  B "C4'" 1 
ATOM   273 O "O4'" . DA  A 1 14 ? -12.692 -2.123  16.786  1.00 70.30 ? 15  DA  B "O4'" 1 
ATOM   274 C "C3'" . DA  A 1 14 ? -13.078 -4.247  16.275  1.00 73.61 ? 15  DA  B "C3'" 1 
ATOM   275 O "O3'" . DA  A 1 14 ? -13.255 -5.145  15.200  1.00 78.25 ? 15  DA  B "O3'" 1 
ATOM   276 C "C2'" . DA  A 1 14 ? -11.605 -4.106  16.610  1.00 62.16 ? 15  DA  B "C2'" 1 
ATOM   277 C "C1'" . DA  A 1 14 ? -11.406 -2.638  16.536  1.00 59.84 ? 15  DA  B "C1'" 1 
ATOM   278 N N9    . DA  A 1 14 ? -10.459 -2.074  17.474  1.00 52.55 ? 15  DA  B N9    1 
ATOM   279 C C8    . DA  A 1 14 ? -10.638 -1.260  18.588  1.00 50.07 ? 15  DA  B C8    1 
ATOM   280 N N7    . DA  A 1 14 ? -9.520  -0.925  19.179  1.00 36.13 ? 15  DA  B N7    1 
ATOM   281 C C5    . DA  A 1 14 ? -8.580  -1.565  18.396  1.00 37.62 ? 15  DA  B C5    1 
ATOM   282 C C6    . DA  A 1 14 ? -7.228  -1.609  18.491  1.00 43.08 ? 15  DA  B C6    1 
ATOM   283 N N6    . DA  A 1 14 ? -6.656  -0.985  19.516  1.00 56.08 ? 15  DA  B N6    1 
ATOM   284 N N1    . DA  A 1 14 ? -6.548  -2.317  17.569  1.00 41.99 ? 15  DA  B N1    1 
ATOM   285 C C2    . DA  A 1 14 ? -7.229  -2.936  16.627  1.00 45.42 ? 15  DA  B C2    1 
ATOM   286 N N3    . DA  A 1 14 ? -8.529  -2.980  16.422  1.00 45.75 ? 15  DA  B N3    1 
ATOM   287 C C4    . DA  A 1 14 ? -9.140  -2.257  17.367  1.00 43.87 ? 15  DA  B C4    1 
ATOM   288 O "O5'" . DT  B 2 1  ? 2.626   -4.006  18.262  1.00 58.02 ? 17  DT  C "O5'" 1 
ATOM   289 C "C5'" . DT  B 2 1  ? 2.539   -5.389  17.937  1.00 52.62 ? 17  DT  C "C5'" 1 
ATOM   290 C "C4'" . DT  B 2 1  ? 1.329   -5.652  17.011  1.00 51.70 ? 17  DT  C "C4'" 1 
ATOM   291 O "O4'" . DT  B 2 1  ? 0.123   -5.084  17.567  1.00 49.68 ? 17  DT  C "O4'" 1 
ATOM   292 C "C3'" . DT  B 2 1  ? 1.435   -5.086  15.605  1.00 51.52 ? 17  DT  C "C3'" 1 
ATOM   293 O "O3'" . DT  B 2 1  ? 1.019   -6.169  14.740  1.00 64.13 ? 17  DT  C "O3'" 1 
ATOM   294 C "C2'" . DT  B 2 1  ? 0.403   -3.989  15.656  1.00 46.85 ? 17  DT  C "C2'" 1 
ATOM   295 C "C1'" . DT  B 2 1  ? -0.697  -4.588  16.508  1.00 40.95 ? 17  DT  C "C1'" 1 
ATOM   296 N N1    . DT  B 2 1  ? -1.693  -3.606  17.009  1.00 33.67 ? 17  DT  C N1    1 
ATOM   297 C C2    . DT  B 2 1  ? -3.061  -3.843  16.880  1.00 35.74 ? 17  DT  C C2    1 
ATOM   298 O O2    . DT  B 2 1  ? -3.549  -4.830  16.366  1.00 52.78 ? 17  DT  C O2    1 
ATOM   299 N N3    . DT  B 2 1  ? -3.917  -2.919  17.353  1.00 25.99 ? 17  DT  C N3    1 
ATOM   300 C C4    . DT  B 2 1  ? -3.528  -1.782  17.947  1.00 34.94 ? 17  DT  C C4    1 
ATOM   301 O O4    . DT  B 2 1  ? -4.369  -1.009  18.373  1.00 39.75 ? 17  DT  C O4    1 
ATOM   302 C C5    . DT  B 2 1  ? -2.105  -1.590  18.045  1.00 32.57 ? 17  DT  C C5    1 
ATOM   303 C C7    . DT  B 2 1  ? -1.575  -0.327  18.672  1.00 35.73 ? 17  DT  C C7    1 
ATOM   304 C C6    . DT  B 2 1  ? -1.248  -2.482  17.589  1.00 27.89 ? 17  DT  C C6    1 
ATOM   305 P P     . DC  B 2 2  ? 0.956   -6.198  13.110  1.00 63.61 ? 18  DC  C P     1 
ATOM   306 O OP1   . DC  B 2 2  ? 1.081   -7.615  12.667  1.00 60.80 ? 18  DC  C OP1   1 
ATOM   307 O OP2   . DC  B 2 2  ? 1.892   -5.170  12.605  1.00 56.32 ? 18  DC  C OP2   1 
ATOM   308 O "O5'" . DC  B 2 2  ? -0.559  -5.707  12.901  1.00 59.99 ? 18  DC  C "O5'" 1 
ATOM   309 C "C5'" . DC  B 2 2  ? -1.221  -5.421  11.674  1.00 52.18 ? 18  DC  C "C5'" 1 
ATOM   310 C "C4'" . DC  B 2 2  ? -2.681  -5.317  12.001  1.00 41.11 ? 18  DC  C "C4'" 1 
ATOM   311 O "O4'" . DC  B 2 2  ? -2.768  -4.380  13.043  1.00 44.38 ? 18  DC  C "O4'" 1 
ATOM   312 C "C3'" . DC  B 2 2  ? -3.437  -4.682  10.898  1.00 39.30 ? 18  DC  C "C3'" 1 
ATOM   313 O "O3'" . DC  B 2 2  ? -3.892  -5.789  10.176  1.00 45.29 ? 18  DC  C "O3'" 1 
ATOM   314 C "C2'" . DC  B 2 2  ? -4.558  -3.966  11.661  1.00 38.07 ? 18  DC  C "C2'" 1 
ATOM   315 C "C1'" . DC  B 2 2  ? -4.065  -3.781  13.081  1.00 38.35 ? 18  DC  C "C1'" 1 
ATOM   316 N N1    . DC  B 2 2  ? -4.032  -2.401  13.768  1.00 39.18 ? 18  DC  C N1    1 
ATOM   317 C C2    . DC  B 2 2  ? -5.238  -1.895  14.212  1.00 33.21 ? 18  DC  C C2    1 
ATOM   318 O O2    . DC  B 2 2  ? -6.265  -2.504  13.959  1.00 37.11 ? 18  DC  C O2    1 
ATOM   319 N N3    . DC  B 2 2  ? -5.283  -0.720  14.888  1.00 26.26 ? 18  DC  C N3    1 
ATOM   320 C C4    . DC  B 2 2  ? -4.157  -0.024  15.124  1.00 32.40 ? 18  DC  C C4    1 
ATOM   321 N N4    . DC  B 2 2  ? -4.232  1.133   15.797  1.00 30.63 ? 18  DC  C N4    1 
ATOM   322 C C5    . DC  B 2 2  ? -2.876  -0.512  14.669  1.00 27.50 ? 18  DC  C C5    1 
ATOM   323 C C6    . DC  B 2 2  ? -2.866  -1.690  14.006  1.00 30.73 ? 18  DC  C C6    1 
ATOM   324 P P     . DT  B 2 3  ? -4.090  -5.729  8.607   1.00 47.63 ? 19  DT  C P     1 
ATOM   325 O OP1   . DT  B 2 3  ? -4.694  -7.030  8.157   1.00 35.56 ? 19  DT  C OP1   1 
ATOM   326 O OP2   . DT  B 2 3  ? -2.768  -5.260  8.104   1.00 47.08 ? 19  DT  C OP2   1 
ATOM   327 O "O5'" . DT  B 2 3  ? -5.172  -4.554  8.416   1.00 51.32 ? 19  DT  C "O5'" 1 
ATOM   328 C "C5'" . DT  B 2 3  ? -6.589  -4.857  8.582   1.00 52.66 ? 19  DT  C "C5'" 1 
ATOM   329 C "C4'" . DT  B 2 3  ? -7.550  -3.668  8.832   1.00 44.64 ? 19  DT  C "C4'" 1 
ATOM   330 O "O4'" . DT  B 2 3  ? -6.934  -2.830  9.779   1.00 35.85 ? 19  DT  C "O4'" 1 
ATOM   331 C "C3'" . DT  B 2 3  ? -7.833  -2.831  7.610   1.00 41.68 ? 19  DT  C "C3'" 1 
ATOM   332 O "O3'" . DT  B 2 3  ? -9.186  -3.039  7.152   1.00 48.03 ? 19  DT  C "O3'" 1 
ATOM   333 C "C2'" . DT  B 2 3  ? -7.538  -1.449  8.069   1.00 40.19 ? 19  DT  C "C2'" 1 
ATOM   334 C "C1'" . DT  B 2 3  ? -7.452  -1.539  9.541   1.00 35.32 ? 19  DT  C "C1'" 1 
ATOM   335 N N1    . DT  B 2 3  ? -6.443  -0.697  10.154  1.00 26.28 ? 19  DT  C N1    1 
ATOM   336 C C2    . DT  B 2 3  ? -6.893  0.296   10.962  1.00 29.68 ? 19  DT  C C2    1 
ATOM   337 O O2    . DT  B 2 3  ? -8.064  0.604   11.124  1.00 45.34 ? 19  DT  C O2    1 
ATOM   338 N N3    . DT  B 2 3  ? -5.957  1.015   11.590  1.00 32.43 ? 19  DT  C N3    1 
ATOM   339 C C4    . DT  B 2 3  ? -4.642  0.864   11.503  1.00 27.08 ? 19  DT  C C4    1 
ATOM   340 O O4    . DT  B 2 3  ? -3.933  1.583   12.182  1.00 42.78 ? 19  DT  C O4    1 
ATOM   341 C C5    . DT  B 2 3  ? -4.236  -0.171  10.640  1.00 25.49 ? 19  DT  C C5    1 
ATOM   342 C C7    . DT  B 2 3  ? -2.747  -0.388  10.495  1.00 41.68 ? 19  DT  C C7    1 
ATOM   343 C C6    . DT  B 2 3  ? -5.123  -0.922  9.992   1.00 28.56 ? 19  DT  C C6    1 
ATOM   344 P P     . DT  B 2 4  ? -9.502  -2.483  5.699   1.00 48.09 ? 20  DT  C P     1 
ATOM   345 O OP1   . DT  B 2 4  ? -10.682 -3.093  5.053   1.00 45.17 ? 20  DT  C OP1   1 
ATOM   346 O OP2   . DT  B 2 4  ? -8.243  -2.413  4.938   1.00 46.27 ? 20  DT  C OP2   1 
ATOM   347 O "O5'" . DT  B 2 4  ? -9.955  -1.123  6.294   1.00 52.58 ? 20  DT  C "O5'" 1 
ATOM   348 C "C5'" . DT  B 2 4  ? -11.253 -0.980  6.885   1.00 47.63 ? 20  DT  C "C5'" 1 
ATOM   349 C "C4'" . DT  B 2 4  ? -11.407 0.464   7.259   1.00 45.47 ? 20  DT  C "C4'" 1 
ATOM   350 O "O4'" . DT  B 2 4  ? -10.282 0.759   8.067   1.00 46.05 ? 20  DT  C "O4'" 1 
ATOM   351 C "C3'" . DT  B 2 4  ? -11.244 1.470   6.136   1.00 51.95 ? 20  DT  C "C3'" 1 
ATOM   352 O "O3'" . DT  B 2 4  ? -12.418 1.657   5.240   1.00 65.07 ? 20  DT  C "O3'" 1 
ATOM   353 C "C2'" . DT  B 2 4  ? -10.885 2.662   6.983   1.00 46.12 ? 20  DT  C "C2'" 1 
ATOM   354 C "C1'" . DT  B 2 4  ? -10.313 2.160   8.236   1.00 35.18 ? 20  DT  C "C1'" 1 
ATOM   355 N N1    . DT  B 2 4  ? -8.993  2.668   8.560   1.00 30.52 ? 20  DT  C N1    1 
ATOM   356 C C2    . DT  B 2 4  ? -8.935  3.592   9.562   1.00 37.61 ? 20  DT  C C2    1 
ATOM   357 O O2    . DT  B 2 4  ? -9.938  4.000   10.151  1.00 44.16 ? 20  DT  C O2    1 
ATOM   358 N N3    . DT  B 2 4  ? -7.655  4.033   9.915   1.00 27.90 ? 20  DT  C N3    1 
ATOM   359 C C4    . DT  B 2 4  ? -6.466  3.641   9.374   1.00 28.28 ? 20  DT  C C4    1 
ATOM   360 O O4    . DT  B 2 4  ? -5.388  4.080   9.771   1.00 34.19 ? 20  DT  C O4    1 
ATOM   361 C C5    . DT  B 2 4  ? -6.624  2.694   8.352   1.00 25.31 ? 20  DT  C C5    1 
ATOM   362 C C7    . DT  B 2 4  ? -5.325  2.234   7.753   1.00 35.17 ? 20  DT  C C7    1 
ATOM   363 C C6    . DT  B 2 4  ? -7.843  2.230   7.961   1.00 28.18 ? 20  DT  C C6    1 
ATOM   364 P P     . DA  B 2 5  ? -12.563 2.503   3.813   1.00 60.56 ? 21  DA  C P     1 
ATOM   365 O OP1   . DA  B 2 5  ? -13.886 2.146   3.238   1.00 64.30 ? 21  DA  C OP1   1 
ATOM   366 O OP2   . DA  B 2 5  ? -11.353 2.350   2.965   1.00 58.52 ? 21  DA  C OP2   1 
ATOM   367 O "O5'" . DA  B 2 5  ? -12.622 4.029   4.381   1.00 61.39 ? 21  DA  C "O5'" 1 
ATOM   368 C "C5'" . DA  B 2 5  ? -13.802 4.316   5.176   1.00 63.59 ? 21  DA  C "C5'" 1 
ATOM   369 C "C4'" . DA  B 2 5  ? -13.755 5.515   6.116   1.00 56.62 ? 21  DA  C "C4'" 1 
ATOM   370 O "O4'" . DA  B 2 5  ? -12.547 5.472   6.880   1.00 55.25 ? 21  DA  C "O4'" 1 
ATOM   371 C "C3'" . DA  B 2 5  ? -13.738 6.779   5.341   1.00 57.85 ? 21  DA  C "C3'" 1 
ATOM   372 O "O3'" . DA  B 2 5  ? -14.483 7.813   5.989   1.00 55.19 ? 21  DA  C "O3'" 1 
ATOM   373 C "C2'" . DA  B 2 5  ? -12.257 7.054   5.330   1.00 58.45 ? 21  DA  C "C2'" 1 
ATOM   374 C "C1'" . DA  B 2 5  ? -11.703 6.596   6.642   1.00 51.07 ? 21  DA  C "C1'" 1 
ATOM   375 N N9    . DA  B 2 5  ? -10.265 6.222   6.460   1.00 52.25 ? 21  DA  C N9    1 
ATOM   376 C C8    . DA  B 2 5  ? -9.720  5.379   5.508   1.00 52.04 ? 21  DA  C C8    1 
ATOM   377 N N7    . DA  B 2 5  ? -8.426  5.239   5.592   1.00 50.67 ? 21  DA  C N7    1 
ATOM   378 C C5    . DA  B 2 5  ? -8.073  6.043   6.671   1.00 49.18 ? 21  DA  C C5    1 
ATOM   379 C C6    . DA  B 2 5  ? -6.829  6.319   7.259   1.00 51.45 ? 21  DA  C C6    1 
ATOM   380 N N6    . DA  B 2 5  ? -5.694  5.760   6.816   1.00 52.03 ? 21  DA  C N6    1 
ATOM   381 N N1    . DA  B 2 5  ? -6.812  7.157   8.311   1.00 45.10 ? 21  DA  C N1    1 
ATOM   382 C C2    . DA  B 2 5  ? -7.958  7.681   8.743   1.00 47.59 ? 21  DA  C C2    1 
ATOM   383 N N3    . DA  B 2 5  ? -9.191  7.505   8.277   1.00 49.26 ? 21  DA  C N3    1 
ATOM   384 C C4    . DA  B 2 5  ? -9.177  6.652   7.215   1.00 48.29 ? 21  DA  C C4    1 
ATOM   385 P P     . DT  B 2 6  ? -14.787 9.193   5.209   1.00 46.99 ? 22  DT  C P     1 
ATOM   386 O OP1   . DT  B 2 6  ? -16.140 9.659   5.598   1.00 45.86 ? 22  DT  C OP1   1 
ATOM   387 O OP2   . DT  B 2 6  ? -14.482 8.966   3.771   1.00 47.25 ? 22  DT  C OP2   1 
ATOM   388 O "O5'" . DT  B 2 6  ? -13.699 10.166  5.858   1.00 32.89 ? 22  DT  C "O5'" 1 
ATOM   389 C "C5'" . DT  B 2 6  ? -13.972 10.336  7.220   1.00 30.17 ? 22  DT  C "C5'" 1 
ATOM   390 C "C4'" . DT  B 2 6  ? -12.942 11.119  7.857   1.00 34.29 ? 22  DT  C "C4'" 1 
ATOM   391 O "O4'" . DT  B 2 6  ? -11.685 10.492  7.592   1.00 42.49 ? 22  DT  C "O4'" 1 
ATOM   392 C "C3'" . DT  B 2 6  ? -12.859 12.513  7.313   1.00 35.61 ? 22  DT  C "C3'" 1 
ATOM   393 O "O3'" . DT  B 2 6  ? -12.959 13.348  8.457   1.00 42.34 ? 22  DT  C "O3'" 1 
ATOM   394 C "C2'" . DT  B 2 6  ? -11.465 12.565  6.671   1.00 35.56 ? 22  DT  C "C2'" 1 
ATOM   395 C "C1'" . DT  B 2 6  ? -10.675 11.525  7.393   1.00 36.10 ? 22  DT  C "C1'" 1 
ATOM   396 N N1    . DT  B 2 6  ? -9.552  10.889  6.685   1.00 29.83 ? 22  DT  C N1    1 
ATOM   397 C C2    . DT  B 2 6  ? -8.262  11.048  7.178   1.00 28.29 ? 22  DT  C C2    1 
ATOM   398 O O2    . DT  B 2 6  ? -7.955  11.831  8.081   1.00 25.20 ? 22  DT  C O2    1 
ATOM   399 N N3    . DT  B 2 6  ? -7.297  10.315  6.527   1.00 23.96 ? 22  DT  C N3    1 
ATOM   400 C C4    . DT  B 2 6  ? -7.504  9.479   5.453   1.00 32.91 ? 22  DT  C C4    1 
ATOM   401 O O4    . DT  B 2 6  ? -6.564  8.849   4.974   1.00 31.49 ? 22  DT  C O4    1 
ATOM   402 C C5    . DT  B 2 6  ? -8.878  9.408   5.007   1.00 26.13 ? 22  DT  C C5    1 
ATOM   403 C C7    . DT  B 2 6  ? -9.278  8.566   3.810   1.00 19.08 ? 22  DT  C C7    1 
ATOM   404 C C6    . DT  B 2 6  ? -9.820  10.092  5.627   1.00 24.95 ? 22  DT  C C6    1 
ATOM   405 P P     . DC  B 2 7  ? -13.076 14.902  8.265   1.00 48.40 ? 23  DC  C P     1 
ATOM   406 O OP1   . DC  B 2 7  ? -13.404 15.473  9.570   1.00 57.71 ? 23  DC  C OP1   1 
ATOM   407 O OP2   . DC  B 2 7  ? -13.923 15.197  7.086   1.00 49.28 ? 23  DC  C OP2   1 
ATOM   408 O "O5'" . DC  B 2 7  ? -11.612 15.354  7.952   1.00 46.39 ? 23  DC  C "O5'" 1 
ATOM   409 C "C5'" . DC  B 2 7  ? -10.683 15.559  8.987   1.00 41.10 ? 23  DC  C "C5'" 1 
ATOM   410 C "C4'" . DC  B 2 7  ? -9.401  15.897  8.246   1.00 47.94 ? 23  DC  C "C4'" 1 
ATOM   411 O "O4'" . DC  B 2 7  ? -8.998  14.874  7.296   1.00 41.47 ? 23  DC  C "O4'" 1 
ATOM   412 C "C3'" . DC  B 2 7  ? -9.630  17.153  7.429   1.00 39.06 ? 23  DC  C "C3'" 1 
ATOM   413 O "O3'" . DC  B 2 7  ? -8.906  18.102  8.148   1.00 48.78 ? 23  DC  C "O3'" 1 
ATOM   414 C "C2'" . DC  B 2 7  ? -9.088  16.801  6.088   1.00 35.35 ? 23  DC  C "C2'" 1 
ATOM   415 C "C1'" . DC  B 2 7  ? -8.249  15.606  6.345   1.00 28.00 ? 23  DC  C "C1'" 1 
ATOM   416 N N1    . DC  B 2 7  ? -8.148  14.646  5.295   1.00 26.68 ? 23  DC  C N1    1 
ATOM   417 C C2    . DC  B 2 7  ? -6.948  13.950  5.260   1.00 34.28 ? 23  DC  C C2    1 
ATOM   418 O O2    . DC  B 2 7  ? -5.975  14.255  5.983   1.00 28.80 ? 23  DC  C O2    1 
ATOM   419 N N3    . DC  B 2 7  ? -6.856  12.937  4.336   1.00 24.81 ? 23  DC  C N3    1 
ATOM   420 C C4    . DC  B 2 7  ? -7.874  12.646  3.503   1.00 34.76 ? 23  DC  C C4    1 
ATOM   421 N N4    . DC  B 2 7  ? -7.754  11.621  2.659   1.00 37.63 ? 23  DC  C N4    1 
ATOM   422 C C5    . DC  B 2 7  ? -9.101  13.384  3.534   1.00 22.19 ? 23  DC  C C5    1 
ATOM   423 C C6    . DC  B 2 7  ? -9.183  14.370  4.450   1.00 26.49 ? 23  DC  C C6    1 
ATOM   424 P P     . DA  B 2 8  ? -8.531  19.498  7.586   1.00 47.35 ? 24  DA  C P     1 
ATOM   425 O OP1   . DA  B 2 8  ? -8.575  20.498  8.663   1.00 54.46 ? 24  DA  C OP1   1 
ATOM   426 O OP2   . DA  B 2 8  ? -9.307  19.749  6.347   1.00 47.09 ? 24  DA  C OP2   1 
ATOM   427 O "O5'" . DA  B 2 8  ? -7.017  19.188  7.297   1.00 48.79 ? 24  DA  C "O5'" 1 
ATOM   428 C "C5'" . DA  B 2 8  ? -6.128  19.074  8.411   1.00 45.14 ? 24  DA  C "C5'" 1 
ATOM   429 C "C4'" . DA  B 2 8  ? -4.707  19.502  8.037   1.00 48.94 ? 24  DA  C "C4'" 1 
ATOM   430 O "O4'" . DA  B 2 8  ? -4.165  18.719  6.962   1.00 49.80 ? 24  DA  C "O4'" 1 
ATOM   431 C "C3'" . DA  B 2 8  ? -4.523  20.901  7.501   1.00 48.05 ? 24  DA  C "C3'" 1 
ATOM   432 O "O3'" . DA  B 2 8  ? -3.158  21.088  7.791   1.00 44.65 ? 24  DA  C "O3'" 1 
ATOM   433 C "C2'" . DA  B 2 8  ? -4.856  20.703  6.012   1.00 47.05 ? 24  DA  C "C2'" 1 
ATOM   434 C "C1'" . DA  B 2 8  ? -4.309  19.324  5.675   1.00 45.48 ? 24  DA  C "C1'" 1 
ATOM   435 N N9    . DA  B 2 8  ? -5.136  18.473  4.762   1.00 42.67 ? 24  DA  C N9    1 
ATOM   436 C C8    . DA  B 2 8  ? -6.424  18.636  4.293   1.00 48.91 ? 24  DA  C C8    1 
ATOM   437 N N7    . DA  B 2 8  ? -6.842  17.713  3.460   1.00 48.97 ? 24  DA  C N7    1 
ATOM   438 C C5    . DA  B 2 8  ? -5.745  16.879  3.375   1.00 40.33 ? 24  DA  C C5    1 
ATOM   439 C C6    . DA  B 2 8  ? -5.527  15.739  2.635   1.00 38.74 ? 24  DA  C C6    1 
ATOM   440 N N6    . DA  B 2 8  ? -6.452  15.260  1.849   1.00 40.84 ? 24  DA  C N6    1 
ATOM   441 N N1    . DA  B 2 8  ? -4.342  15.125  2.717   1.00 36.00 ? 24  DA  C N1    1 
ATOM   442 C C2    . DA  B 2 8  ? -3.413  15.652  3.523   1.00 42.96 ? 24  DA  C C2    1 
ATOM   443 N N3    . DA  B 2 8  ? -3.483  16.734  4.288   1.00 41.58 ? 24  DA  C N3    1 
ATOM   444 C C4    . DA  B 2 8  ? -4.706  17.315  4.159   1.00 44.38 ? 24  DA  C C4    1 
ATOM   445 P P     . DA  B 2 9  ? -2.237  22.056  7.009   1.00 51.08 ? 25  DA  C P     1 
ATOM   446 O OP1   . DA  B 2 9  ? -1.106  22.342  7.931   1.00 53.03 ? 25  DA  C OP1   1 
ATOM   447 O OP2   . DA  B 2 9  ? -3.043  23.170  6.445   1.00 48.21 ? 25  DA  C OP2   1 
ATOM   448 O "O5'" . DA  B 2 9  ? -1.715  21.289  5.690   1.00 55.51 ? 25  DA  C "O5'" 1 
ATOM   449 C "C5'" . DA  B 2 9  ? -0.557  20.433  5.736   1.00 55.98 ? 25  DA  C "C5'" 1 
ATOM   450 C "C4'" . DA  B 2 9  ? -0.185  19.813  4.410   1.00 43.22 ? 25  DA  C "C4'" 1 
ATOM   451 O "O4'" . DA  B 2 9  ? -1.439  19.335  3.927   1.00 41.35 ? 25  DA  C "O4'" 1 
ATOM   452 C "C3'" . DA  B 2 9  ? 0.274   20.816  3.385   1.00 47.03 ? 25  DA  C "C3'" 1 
ATOM   453 O "O3'" . DA  B 2 9  ? 1.437   20.341  2.685   1.00 55.32 ? 25  DA  C "O3'" 1 
ATOM   454 C "C2'" . DA  B 2 9  ? -0.928  20.918  2.485   1.00 45.88 ? 25  DA  C "C2'" 1 
ATOM   455 C "C1'" . DA  B 2 9  ? -1.481  19.542  2.543   1.00 36.28 ? 25  DA  C "C1'" 1 
ATOM   456 N N9    . DA  B 2 9  ? -2.839  19.379  2.016   1.00 28.76 ? 25  DA  C N9    1 
ATOM   457 C C8    . DA  B 2 9  ? -3.932  20.117  2.238   1.00 27.82 ? 25  DA  C C8    1 
ATOM   458 N N7    . DA  B 2 9  ? -4.985  19.709  1.589   1.00 34.09 ? 25  DA  C N7    1 
ATOM   459 C C5    . DA  B 2 9  ? -4.540  18.612  0.881   1.00 29.86 ? 25  DA  C C5    1 
ATOM   460 C C6    . DA  B 2 9  ? -5.169  17.715  -0.021  1.00 29.74 ? 25  DA  C C6    1 
ATOM   461 N N6    . DA  B 2 9  ? -6.441  17.824  -0.374  1.00 32.60 ? 25  DA  C N6    1 
ATOM   462 N N1    . DA  B 2 9  ? -4.437  16.723  -0.551  1.00 23.27 ? 25  DA  C N1    1 
ATOM   463 C C2    . DA  B 2 9  ? -3.162  16.638  -0.197  1.00 33.93 ? 25  DA  C C2    1 
ATOM   464 N N3    . DA  B 2 9  ? -2.466  17.420  0.635   1.00 37.04 ? 25  DA  C N3    1 
ATOM   465 C C4    . DA  B 2 9  ? -3.230  18.408  1.148   1.00 25.21 ? 25  DA  C C4    1 
ATOM   466 P P     . DA  B 2 10 ? 2.909   20.703  3.311   1.00 61.21 ? 26  DA  C P     1 
ATOM   467 O OP1   . DA  B 2 10 ? 2.986   20.064  4.659   1.00 63.44 ? 26  DA  C OP1   1 
ATOM   468 O OP2   . DA  B 2 10 ? 3.057   22.173  3.187   1.00 62.81 ? 26  DA  C OP2   1 
ATOM   469 O "O5'" . DA  B 2 10 ? 4.114   20.110  2.395   1.00 59.90 ? 26  DA  C "O5'" 1 
ATOM   470 C "C5'" . DA  B 2 10 ? 4.451   18.729  2.364   1.00 53.09 ? 26  DA  C "C5'" 1 
ATOM   471 C "C4'" . DA  B 2 10 ? 3.958   18.096  1.099   1.00 46.50 ? 26  DA  C "C4'" 1 
ATOM   472 O "O4'" . DA  B 2 10 ? 2.586   18.429  0.808   1.00 50.73 ? 26  DA  C "O4'" 1 
ATOM   473 C "C3'" . DA  B 2 10 ? 4.761   18.572  -0.036  1.00 36.21 ? 26  DA  C "C3'" 1 
ATOM   474 O "O3'" . DA  B 2 10 ? 5.641   17.481  -0.179  1.00 35.80 ? 26  DA  C "O3'" 1 
ATOM   475 C "C2'" . DA  B 2 10 ? 3.673   18.650  -1.121  1.00 42.41 ? 26  DA  C "C2'" 1 
ATOM   476 C "C1'" . DA  B 2 10 ? 2.323   18.213  -0.570  1.00 37.64 ? 26  DA  C "C1'" 1 
ATOM   477 N N9    . DA  B 2 10 ? 1.075   18.971  -0.916  1.00 32.01 ? 26  DA  C N9    1 
ATOM   478 C C8    . DA  B 2 10 ? 0.582   20.154  -0.431  1.00 27.76 ? 26  DA  C C8    1 
ATOM   479 N N7    . DA  B 2 10 ? -0.623  20.477  -0.854  1.00 30.97 ? 26  DA  C N7    1 
ATOM   480 C C5    . DA  B 2 10 ? -0.962  19.414  -1.694  1.00 32.59 ? 26  DA  C C5    1 
ATOM   481 C C6    . DA  B 2 10 ? -2.133  19.110  -2.467  1.00 35.84 ? 26  DA  C C6    1 
ATOM   482 N N6    . DA  B 2 10 ? -3.225  19.862  -2.536  1.00 29.83 ? 26  DA  C N6    1 
ATOM   483 N N1    . DA  B 2 10 ? -2.158  17.995  -3.183  1.00 30.06 ? 26  DA  C N1    1 
ATOM   484 C C2    . DA  B 2 10 ? -1.069  17.224  -3.128  1.00 43.88 ? 26  DA  C C2    1 
ATOM   485 N N3    . DA  B 2 10 ? 0.084   17.357  -2.469  1.00 41.29 ? 26  DA  C N3    1 
ATOM   486 C C4    . DA  B 2 10 ? 0.071   18.510  -1.745  1.00 37.64 ? 26  DA  C C4    1 
ATOM   487 P P     . DA  B 2 11 ? 6.719   17.456  -1.291  1.00 48.14 ? 27  DA  C P     1 
ATOM   488 O OP1   . DA  B 2 11 ? 7.384   16.136  -1.269  1.00 48.17 ? 27  DA  C OP1   1 
ATOM   489 O OP2   . DA  B 2 11 ? 7.520   18.673  -1.187  1.00 48.20 ? 27  DA  C OP2   1 
ATOM   490 O "O5'" . DA  B 2 11 ? 5.890   17.528  -2.628  1.00 45.06 ? 27  DA  C "O5'" 1 
ATOM   491 C "C5'" . DA  B 2 11 ? 5.470   16.325  -3.238  1.00 46.83 ? 27  DA  C "C5'" 1 
ATOM   492 C "C4'" . DA  B 2 11 ? 4.635   16.512  -4.491  1.00 45.48 ? 27  DA  C "C4'" 1 
ATOM   493 O "O4'" . DA  B 2 11 ? 3.398   17.202  -4.285  1.00 41.66 ? 27  DA  C "O4'" 1 
ATOM   494 C "C3'" . DA  B 2 11 ? 5.401   17.266  -5.508  1.00 47.86 ? 27  DA  C "C3'" 1 
ATOM   495 O "O3'" . DA  B 2 11 ? 5.034   16.643  -6.746  1.00 50.10 ? 27  DA  C "O3'" 1 
ATOM   496 C "C2'" . DA  B 2 11 ? 4.790   18.628  -5.288  1.00 44.76 ? 27  DA  C "C2'" 1 
ATOM   497 C "C1'" . DA  B 2 11 ? 3.362   18.216  -5.283  1.00 45.27 ? 27  DA  C "C1'" 1 
ATOM   498 N N9    . DA  B 2 11 ? 2.408   19.196  -4.883  1.00 46.87 ? 27  DA  C N9    1 
ATOM   499 C C8    . DA  B 2 11 ? 2.621   20.220  -4.031  1.00 51.30 ? 27  DA  C C8    1 
ATOM   500 N N7    . DA  B 2 11 ? 1.554   20.911  -3.795  1.00 54.25 ? 27  DA  C N7    1 
ATOM   501 C C5    . DA  B 2 11 ? 0.576   20.296  -4.551  1.00 52.54 ? 27  DA  C C5    1 
ATOM   502 C C6    . DA  B 2 11 ? -0.780  20.584  -4.700  1.00 49.77 ? 27  DA  C C6    1 
ATOM   503 N N6    . DA  B 2 11 ? -1.318  21.599  -4.004  1.00 44.36 ? 27  DA  C N6    1 
ATOM   504 N N1    . DA  B 2 11 ? -1.524  19.802  -5.511  1.00 43.92 ? 27  DA  C N1    1 
ATOM   505 C C2    . DA  B 2 11 ? -0.909  18.794  -6.123  1.00 49.60 ? 27  DA  C C2    1 
ATOM   506 N N3    . DA  B 2 11 ? 0.371   18.415  -6.064  1.00 54.42 ? 27  DA  C N3    1 
ATOM   507 C C4    . DA  B 2 11 ? 1.077   19.233  -5.236  1.00 51.59 ? 27  DA  C C4    1 
ATOM   508 P P     . DA  B 2 12 ? 6.193   16.261  -7.768  1.00 61.14 ? 28  DA  C P     1 
ATOM   509 O OP1   . DA  B 2 12 ? 5.927   14.869  -8.161  1.00 59.63 ? 28  DA  C OP1   1 
ATOM   510 O OP2   . DA  B 2 12 ? 7.537   16.610  -7.228  1.00 52.75 ? 28  DA  C OP2   1 
ATOM   511 O "O5'" . DA  B 2 12 ? 5.904   17.210  -9.035  1.00 62.32 ? 28  DA  C "O5'" 1 
ATOM   512 C "C5'" . DA  B 2 12 ? 5.064   16.631  -10.008 1.00 59.13 ? 28  DA  C "C5'" 1 
ATOM   513 C "C4'" . DA  B 2 12 ? 3.855   17.433  -10.231 1.00 55.31 ? 28  DA  C "C4'" 1 
ATOM   514 O "O4'" . DA  B 2 12 ? 3.306   17.954  -9.049  1.00 54.74 ? 28  DA  C "O4'" 1 
ATOM   515 C "C3'" . DA  B 2 12 ? 4.076   18.683  -10.989 1.00 58.73 ? 28  DA  C "C3'" 1 
ATOM   516 O "O3'" . DA  B 2 12 ? 4.465   18.455  -12.357 1.00 61.63 ? 28  DA  C "O3'" 1 
ATOM   517 C "C2'" . DA  B 2 12 ? 2.632   19.080  -10.924 1.00 59.45 ? 28  DA  C "C2'" 1 
ATOM   518 C "C1'" . DA  B 2 12 ? 2.209   18.721  -9.572  1.00 51.97 ? 28  DA  C "C1'" 1 
ATOM   519 N N9    . DA  B 2 12 ? 1.953   19.960  -8.850  1.00 45.33 ? 28  DA  C N9    1 
ATOM   520 C C8    . DA  B 2 12 ? 2.818   20.643  -8.058  1.00 43.46 ? 28  DA  C C8    1 
ATOM   521 N N7    . DA  B 2 12 ? 2.268   21.668  -7.471  1.00 37.29 ? 28  DA  C N7    1 
ATOM   522 C C5    . DA  B 2 12 ? 0.955   21.659  -7.908  1.00 27.14 ? 28  DA  C C5    1 
ATOM   523 C C6    . DA  B 2 12 ? -0.111  22.509  -7.621  1.00 25.05 ? 28  DA  C C6    1 
ATOM   524 N N6    . DA  B 2 12 ? 0.030   23.597  -6.815  1.00 16.03 ? 28  DA  C N6    1 
ATOM   525 N N1    . DA  B 2 12 ? -1.275  22.226  -8.228  1.00 25.32 ? 28  DA  C N1    1 
ATOM   526 C C2    . DA  B 2 12 ? -1.358  21.194  -9.045  1.00 28.28 ? 28  DA  C C2    1 
ATOM   527 N N3    . DA  B 2 12 ? -0.424  20.318  -9.397  1.00 29.81 ? 28  DA  C N3    1 
ATOM   528 C C4    . DA  B 2 12 ? 0.738   20.626  -8.766  1.00 32.90 ? 28  DA  C C4    1 
ATOM   529 P P     . DC  B 2 13 ? 4.792   19.706  -13.307 1.00 62.63 ? 29  DC  C P     1 
ATOM   530 O OP1   . DC  B 2 13 ? 5.978   19.373  -14.131 1.00 63.67 ? 29  DC  C OP1   1 
ATOM   531 O OP2   . DC  B 2 13 ? 4.775   20.980  -12.524 1.00 62.43 ? 29  DC  C OP2   1 
ATOM   532 O "O5'" . DC  B 2 13 ? 3.515   19.643  -14.319 1.00 66.75 ? 29  DC  C "O5'" 1 
ATOM   533 C "C5'" . DC  B 2 13 ? 2.072   19.856  -14.234 1.00 59.79 ? 29  DC  C "C5'" 1 
ATOM   534 C "C4'" . DC  B 2 13 ? 1.555   21.275  -13.936 1.00 47.94 ? 29  DC  C "C4'" 1 
ATOM   535 O "O4'" . DC  B 2 13 ? 1.826   21.611  -12.614 1.00 33.99 ? 29  DC  C "O4'" 1 
ATOM   536 C "C3'" . DC  B 2 13 ? 2.142   22.464  -14.697 1.00 48.78 ? 29  DC  C "C3'" 1 
ATOM   537 O "O3'" . DC  B 2 13 ? 1.718   22.566  -16.080 1.00 60.62 ? 29  DC  C "O3'" 1 
ATOM   538 C "C2'" . DC  B 2 13 ? 1.549   23.541  -13.836 1.00 43.45 ? 29  DC  C "C2'" 1 
ATOM   539 C "C1'" . DC  B 2 13 ? 1.204   22.833  -12.524 1.00 32.20 ? 29  DC  C "C1'" 1 
ATOM   540 N N1    . DC  B 2 13 ? 1.753   23.507  -11.346 1.00 36.37 ? 29  DC  C N1    1 
ATOM   541 C C2    . DC  B 2 13 ? 0.869   24.342  -10.717 1.00 48.74 ? 29  DC  C C2    1 
ATOM   542 O O2    . DC  B 2 13 ? -0.283  24.478  -11.158 1.00 47.17 ? 29  DC  C O2    1 
ATOM   543 N N3    . DC  B 2 13 ? 1.294   25.021  -9.592  1.00 50.59 ? 29  DC  C N3    1 
ATOM   544 C C4    . DC  B 2 13 ? 2.527   24.888  -9.106  1.00 49.62 ? 29  DC  C C4    1 
ATOM   545 N N4    . DC  B 2 13 ? 2.818   25.560  -7.994  1.00 45.08 ? 29  DC  C N4    1 
ATOM   546 C C5    . DC  B 2 13 ? 3.467   24.018  -9.767  1.00 44.97 ? 29  DC  C C5    1 
ATOM   547 C C6    . DC  B 2 13 ? 3.038   23.351  -10.871 1.00 35.68 ? 29  DC  C C6    1 
ATOM   548 N N     . GLY C 3 1  ? -2.841  17.977  -10.532 1.00 67.59 ? 139 GLY A N     1 
ATOM   549 C CA    . GLY C 3 1  ? -2.944  17.197  -9.325  1.00 67.23 ? 139 GLY A CA    1 
ATOM   550 C C     . GLY C 3 1  ? -1.570  16.603  -9.105  1.00 65.90 ? 139 GLY A C     1 
ATOM   551 O O     . GLY C 3 1  ? -0.719  16.800  -9.995  1.00 67.99 ? 139 GLY A O     1 
ATOM   552 N N     . ARG C 3 2  ? -1.342  16.026  -7.922  1.00 63.85 ? 140 ARG A N     1 
ATOM   553 C CA    . ARG C 3 2  ? -0.085  15.399  -7.539  1.00 60.95 ? 140 ARG A CA    1 
ATOM   554 C C     . ARG C 3 2  ? 0.074   14.074  -8.283  1.00 60.16 ? 140 ARG A C     1 
ATOM   555 O O     . ARG C 3 2  ? -0.866  13.613  -8.962  1.00 61.27 ? 140 ARG A O     1 
ATOM   556 C CB    . ARG C 3 2  ? -0.130  15.189  -6.050  1.00 58.49 ? 140 ARG A CB    1 
ATOM   557 C CG    . ARG C 3 2  ? 1.119   14.954  -5.244  1.00 49.14 ? 140 ARG A CG    1 
ATOM   558 C CD    . ARG C 3 2  ? 0.482   14.404  -4.024  1.00 44.06 ? 140 ARG A CD    1 
ATOM   559 N NE    . ARG C 3 2  ? 1.316   14.393  -2.849  1.00 45.40 ? 140 ARG A NE    1 
ATOM   560 C CZ    . ARG C 3 2  ? 2.351   13.553  -2.694  1.00 46.50 ? 140 ARG A CZ    1 
ATOM   561 N NH1   . ARG C 3 2  ? 2.767   12.632  -3.612  1.00 47.41 ? 140 ARG A NH1   1 
ATOM   562 N NH2   . ARG C 3 2  ? 2.888   13.553  -1.481  1.00 42.00 ? 140 ARG A NH2   1 
ATOM   563 N N     . PRO C 3 3  ? 1.268   13.476  -8.249  1.00 58.90 ? 141 PRO A N     1 
ATOM   564 C CA    . PRO C 3 3  ? 1.502   12.145  -8.788  1.00 59.55 ? 141 PRO A CA    1 
ATOM   565 C C     . PRO C 3 3  ? 1.269   10.953  -7.875  1.00 61.17 ? 141 PRO A C     1 
ATOM   566 O O     . PRO C 3 3  ? 1.758   10.857  -6.742  1.00 57.83 ? 141 PRO A O     1 
ATOM   567 C CB    . PRO C 3 3  ? 2.901   12.207  -9.283  1.00 60.89 ? 141 PRO A CB    1 
ATOM   568 C CG    . PRO C 3 3  ? 3.534   13.070  -8.237  1.00 62.89 ? 141 PRO A CG    1 
ATOM   569 C CD    . PRO C 3 3  ? 2.544   14.194  -8.180  1.00 62.13 ? 141 PRO A CD    1 
ATOM   570 N N     . ARG C 3 4  ? 0.520   10.053  -8.520  1.00 61.06 ? 142 ARG A N     1 
ATOM   571 C CA    . ARG C 3 4  ? 0.080   8.760   -8.019  1.00 60.43 ? 142 ARG A CA    1 
ATOM   572 C C     . ARG C 3 4  ? 1.310   8.097   -7.433  1.00 64.87 ? 142 ARG A C     1 
ATOM   573 O O     . ARG C 3 4  ? 2.223   7.870   -8.226  1.00 71.83 ? 142 ARG A O     1 
ATOM   574 C CB    . ARG C 3 4  ? -0.448  8.006   -9.210  1.00 55.88 ? 142 ARG A CB    1 
ATOM   575 C CG    . ARG C 3 4  ? -1.355  6.835   -8.977  1.00 46.74 ? 142 ARG A CG    1 
ATOM   576 C CD    . ARG C 3 4  ? -2.695  7.456   -8.830  1.00 35.44 ? 142 ARG A CD    1 
ATOM   577 N NE    . ARG C 3 4  ? -3.340  6.698   -7.801  1.00 49.86 ? 142 ARG A NE    1 
ATOM   578 C CZ    . ARG C 3 4  ? -4.264  5.777   -8.076  1.00 57.65 ? 142 ARG A CZ    1 
ATOM   579 N NH1   . ARG C 3 4  ? -4.629  5.532   -9.342  1.00 59.00 ? 142 ARG A NH1   1 
ATOM   580 N NH2   . ARG C 3 4  ? -4.795  5.058   -7.070  1.00 61.27 ? 142 ARG A NH2   1 
ATOM   581 N N     . ALA C 3 5  ? 1.404   7.720   -6.155  1.00 65.95 ? 143 ALA A N     1 
ATOM   582 C CA    . ALA C 3 5  ? 2.697   7.291   -5.639  1.00 68.93 ? 143 ALA A CA    1 
ATOM   583 C C     . ALA C 3 5  ? 3.263   5.981   -6.146  1.00 70.16 ? 143 ALA A C     1 
ATOM   584 O O     . ALA C 3 5  ? 4.489   5.849   -6.267  1.00 72.31 ? 143 ALA A O     1 
ATOM   585 C CB    . ALA C 3 5  ? 2.670   7.171   -4.150  1.00 68.45 ? 143 ALA A CB    1 
ATOM   586 N N     . ILE C 3 6  ? 2.441   4.975   -6.453  1.00 66.84 ? 144 ILE A N     1 
ATOM   587 C CA    . ILE C 3 6  ? 3.028   3.761   -6.968  1.00 62.07 ? 144 ILE A CA    1 
ATOM   588 C C     . ILE C 3 6  ? 2.677   3.758   -8.422  1.00 63.37 ? 144 ILE A C     1 
ATOM   589 O O     . ILE C 3 6  ? 1.536   3.755   -8.894  1.00 59.11 ? 144 ILE A O     1 
ATOM   590 C CB    . ILE C 3 6  ? 2.499   2.526   -6.252  1.00 57.28 ? 144 ILE A CB    1 
ATOM   591 C CG1   . ILE C 3 6  ? 1.096   2.726   -5.752  1.00 53.08 ? 144 ILE A CG1   1 
ATOM   592 C CG2   . ILE C 3 6  ? 3.529   2.187   -5.196  1.00 50.80 ? 144 ILE A CG2   1 
ATOM   593 C CD1   . ILE C 3 6  ? 0.712   1.818   -4.591  1.00 61.66 ? 144 ILE A CD1   1 
ATOM   594 N N     . ASN C 3 7  ? 3.844   3.781   -9.051  1.00 68.14 ? 145 ASN A N     1 
ATOM   595 C CA    . ASN C 3 7  ? 4.058   3.907   -10.490 1.00 72.26 ? 145 ASN A CA    1 
ATOM   596 C C     . ASN C 3 7  ? 3.649   2.611   -11.254 1.00 71.60 ? 145 ASN A C     1 
ATOM   597 O O     . ASN C 3 7  ? 4.428   1.735   -11.673 1.00 69.25 ? 145 ASN A O     1 
ATOM   598 C CB    . ASN C 3 7  ? 5.582   4.338   -10.658 1.00 76.30 ? 145 ASN A CB    1 
ATOM   599 C CG    . ASN C 3 7  ? 6.271   5.119   -9.485  1.00 77.77 ? 145 ASN A CG    1 
ATOM   600 O OD1   . ASN C 3 7  ? 7.188   4.579   -8.864  1.00 74.45 ? 145 ASN A OD1   1 
ATOM   601 N ND2   . ASN C 3 7  ? 5.982   6.315   -8.973  1.00 72.38 ? 145 ASN A ND2   1 
ATOM   602 N N     . LYS C 3 8  ? 2.293   2.535   -11.280 1.00 71.29 ? 146 LYS A N     1 
ATOM   603 C CA    . LYS C 3 8  ? 1.355   1.512   -11.786 1.00 68.54 ? 146 LYS A CA    1 
ATOM   604 C C     . LYS C 3 8  ? 1.818   0.106   -11.998 1.00 65.74 ? 146 LYS A C     1 
ATOM   605 O O     . LYS C 3 8  ? 1.181   -0.795  -11.467 1.00 61.80 ? 146 LYS A O     1 
ATOM   606 C CB    . LYS C 3 8  ? 0.682   1.921   -13.123 1.00 71.52 ? 146 LYS A CB    1 
ATOM   607 C CG    . LYS C 3 8  ? -0.718  1.329   -13.465 1.00 69.02 ? 146 LYS A CG    1 
ATOM   608 C CD    . LYS C 3 8  ? -0.733  -0.089  -14.003 1.00 62.65 ? 146 LYS A CD    1 
ATOM   609 C CE    . LYS C 3 8  ? -1.437  -1.034  -13.057 1.00 61.74 ? 146 LYS A CE    1 
ATOM   610 N NZ    . LYS C 3 8  ? -0.714  -2.291  -13.064 1.00 62.34 ? 146 LYS A NZ    1 
ATOM   611 N N     . HIS C 3 9  ? 2.888   -0.165  -12.727 1.00 67.02 ? 147 HIS A N     1 
ATOM   612 C CA    . HIS C 3 9  ? 3.307   -1.542  -12.842 1.00 67.93 ? 147 HIS A CA    1 
ATOM   613 C C     . HIS C 3 9  ? 3.743   -1.973  -11.433 1.00 68.66 ? 147 HIS A C     1 
ATOM   614 O O     . HIS C 3 9  ? 3.786   -3.179  -11.147 1.00 69.97 ? 147 HIS A O     1 
ATOM   615 C CB    . HIS C 3 9  ? 4.448   -1.646  -13.852 1.00 74.45 ? 147 HIS A CB    1 
ATOM   616 C CG    . HIS C 3 9  ? 5.868   -1.605  -13.276 1.00 76.96 ? 147 HIS A CG    1 
ATOM   617 N ND1   . HIS C 3 9  ? 6.578   -2.644  -12.830 1.00 79.31 ? 147 HIS A ND1   1 
ATOM   618 C CD2   . HIS C 3 9  ? 6.637   -0.467  -13.121 1.00 78.66 ? 147 HIS A CD2   1 
ATOM   619 C CE1   . HIS C 3 9  ? 7.730   -2.175  -12.414 1.00 77.78 ? 147 HIS A CE1   1 
ATOM   620 N NE2   . HIS C 3 9  ? 7.757   -0.871  -12.587 1.00 77.12 ? 147 HIS A NE2   1 
ATOM   621 N N     . GLU C 3 10 ? 4.075   -1.014  -10.534 1.00 65.22 ? 148 GLU A N     1 
ATOM   622 C CA    . GLU C 3 10 ? 4.372   -1.358  -9.154  1.00 62.18 ? 148 GLU A CA    1 
ATOM   623 C C     . GLU C 3 10 ? 3.145   -1.724  -8.378  1.00 62.48 ? 148 GLU A C     1 
ATOM   624 O O     . GLU C 3 10 ? 3.284   -2.265  -7.303  1.00 65.22 ? 148 GLU A O     1 
ATOM   625 C CB    . GLU C 3 10 ? 5.026   -0.251  -8.440  1.00 52.68 ? 148 GLU A CB    1 
ATOM   626 C CG    . GLU C 3 10 ? 6.370   -0.244  -9.086  1.00 52.49 ? 148 GLU A CG    1 
ATOM   627 C CD    . GLU C 3 10 ? 7.033   1.109   -9.141  1.00 56.53 ? 148 GLU A CD    1 
ATOM   628 O OE1   . GLU C 3 10 ? 6.470   2.063   -8.641  1.00 62.80 ? 148 GLU A OE1   1 
ATOM   629 O OE2   . GLU C 3 10 ? 8.130   1.232   -9.671  1.00 58.55 ? 148 GLU A OE2   1 
ATOM   630 N N     . GLN C 3 11 ? 1.922   -1.534  -8.850  1.00 64.25 ? 149 GLN A N     1 
ATOM   631 C CA    . GLN C 3 11 ? 0.719   -1.979  -8.138  1.00 67.87 ? 149 GLN A CA    1 
ATOM   632 C C     . GLN C 3 11 ? 0.603   -3.509  -8.305  1.00 70.07 ? 149 GLN A C     1 
ATOM   633 O O     . GLN C 3 11 ? 0.154   -4.251  -7.433  1.00 69.93 ? 149 GLN A O     1 
ATOM   634 C CB    . GLN C 3 11 ? -0.491  -1.205  -8.719  1.00 64.67 ? 149 GLN A CB    1 
ATOM   635 C CG    . GLN C 3 11 ? -0.154  0.281   -8.458  1.00 62.48 ? 149 GLN A CG    1 
ATOM   636 C CD    . GLN C 3 11 ? -1.076  1.393   -8.928  1.00 61.73 ? 149 GLN A CD    1 
ATOM   637 O OE1   . GLN C 3 11 ? -2.097  1.156   -9.559  1.00 62.67 ? 149 GLN A OE1   1 
ATOM   638 N NE2   . GLN C 3 11 ? -0.765  2.650   -8.647  1.00 56.31 ? 149 GLN A NE2   1 
ATOM   639 N N     . GLU C 3 12 ? 1.129   -4.042  -9.406  1.00 71.81 ? 150 GLU A N     1 
ATOM   640 C CA    . GLU C 3 12 ? 1.175   -5.476  -9.685  1.00 70.45 ? 150 GLU A CA    1 
ATOM   641 C C     . GLU C 3 12 ? 2.130   -6.092  -8.696  1.00 68.56 ? 150 GLU A C     1 
ATOM   642 O O     . GLU C 3 12 ? 1.725   -6.891  -7.851  1.00 70.57 ? 150 GLU A O     1 
ATOM   643 C CB    . GLU C 3 12 ? 1.710   -5.758  -11.077 1.00 74.16 ? 150 GLU A CB    1 
ATOM   644 C CG    . GLU C 3 12 ? 1.090   -4.883  -12.158 1.00 69.70 ? 150 GLU A CG    1 
ATOM   645 C CD    . GLU C 3 12 ? 1.570   -5.340  -13.499 1.00 69.66 ? 150 GLU A CD    1 
ATOM   646 O OE1   . GLU C 3 12 ? 1.048   -6.363  -13.929 1.00 71.10 ? 150 GLU A OE1   1 
ATOM   647 O OE2   . GLU C 3 12 ? 2.456   -4.701  -14.073 1.00 69.58 ? 150 GLU A OE2   1 
ATOM   648 N N     . GLN C 3 13 ? 3.361   -5.567  -8.807  1.00 65.16 ? 151 GLN A N     1 
ATOM   649 C CA    . GLN C 3 13 ? 4.517   -5.912  -8.003  1.00 61.08 ? 151 GLN A CA    1 
ATOM   650 C C     . GLN C 3 13 ? 4.110   -6.021  -6.545  1.00 59.57 ? 151 GLN A C     1 
ATOM   651 O O     . GLN C 3 13 ? 4.275   -7.072  -5.913  1.00 61.40 ? 151 GLN A O     1 
ATOM   652 C CB    . GLN C 3 13 ? 5.553   -4.822  -8.238  1.00 63.68 ? 151 GLN A CB    1 
ATOM   653 C CG    . GLN C 3 13 ? 7.034   -5.112  -7.987  1.00 73.85 ? 151 GLN A CG    1 
ATOM   654 C CD    . GLN C 3 13 ? 7.957   -3.939  -8.341  1.00 78.41 ? 151 GLN A CD    1 
ATOM   655 O OE1   . GLN C 3 13 ? 7.656   -3.087  -9.190  1.00 77.60 ? 151 GLN A OE1   1 
ATOM   656 N NE2   . GLN C 3 13 ? 9.130   -3.850  -7.726  1.00 76.01 ? 151 GLN A NE2   1 
ATOM   657 N N     . ILE C 3 14 ? 3.476   -4.973  -6.013  1.00 56.99 ? 152 ILE A N     1 
ATOM   658 C CA    . ILE C 3 14 ? 3.041   -5.041  -4.641  1.00 53.59 ? 152 ILE A CA    1 
ATOM   659 C C     . ILE C 3 14 ? 1.905   -6.013  -4.512  1.00 54.67 ? 152 ILE A C     1 
ATOM   660 O O     . ILE C 3 14 ? 2.184   -6.962  -3.794  1.00 59.59 ? 152 ILE A O     1 
ATOM   661 C CB    . ILE C 3 14 ? 2.632   -3.687  -4.148  1.00 43.90 ? 152 ILE A CB    1 
ATOM   662 C CG1   . ILE C 3 14 ? 3.870   -2.830  -4.094  1.00 42.56 ? 152 ILE A CG1   1 
ATOM   663 C CG2   . ILE C 3 14 ? 2.113   -3.762  -2.762  1.00 39.95 ? 152 ILE A CG2   1 
ATOM   664 C CD1   . ILE C 3 14 ? 3.526   -1.354  -4.358  1.00 46.79 ? 152 ILE A CD1   1 
ATOM   665 N N     . SER C 3 15 ? 0.734   -5.966  -5.140  1.00 55.38 ? 153 SER A N     1 
ATOM   666 C CA    . SER C 3 15 ? -0.337  -6.930  -4.884  1.00 55.35 ? 153 SER A CA    1 
ATOM   667 C C     . SER C 3 15 ? 0.160   -8.333  -4.602  1.00 54.32 ? 153 SER A C     1 
ATOM   668 O O     . SER C 3 15 ? -0.077  -8.927  -3.554  1.00 54.95 ? 153 SER A O     1 
ATOM   669 C CB    . SER C 3 15 ? -1.278  -7.062  -6.057  1.00 57.97 ? 153 SER A CB    1 
ATOM   670 O OG    . SER C 3 15 ? -1.878  -5.838  -6.380  1.00 66.25 ? 153 SER A OG    1 
ATOM   671 N N     . ARG C 3 16 ? 1.079   -8.674  -5.487  1.00 55.73 ? 154 ARG A N     1 
ATOM   672 C CA    . ARG C 3 16 ? 1.694   -9.952  -5.473  1.00 59.05 ? 154 ARG A CA    1 
ATOM   673 C C     . ARG C 3 16 ? 2.438   -10.019 -4.177  1.00 58.19 ? 154 ARG A C     1 
ATOM   674 O O     . ARG C 3 16 ? 1.930   -10.685 -3.287  1.00 59.30 ? 154 ARG A O     1 
ATOM   675 C CB    . ARG C 3 16 ? 2.645   -10.080 -6.638  1.00 67.74 ? 154 ARG A CB    1 
ATOM   676 C CG    . ARG C 3 16 ? 2.897   -11.491 -7.203  1.00 69.56 ? 154 ARG A CG    1 
ATOM   677 C CD    . ARG C 3 16 ? 4.344   -11.626 -7.722  1.00 74.34 ? 154 ARG A CD    1 
ATOM   678 N NE    . ARG C 3 16 ? 5.217   -12.066 -6.641  1.00 69.91 ? 154 ARG A NE    1 
ATOM   679 C CZ    . ARG C 3 16 ? 6.490   -11.694 -6.504  1.00 72.35 ? 154 ARG A CZ    1 
ATOM   680 N NH1   . ARG C 3 16 ? 7.120   -10.865 -7.357  1.00 71.56 ? 154 ARG A NH1   1 
ATOM   681 N NH2   . ARG C 3 16 ? 7.144   -12.218 -5.466  1.00 73.60 ? 154 ARG A NH2   1 
ATOM   682 N N     . LEU C 3 17 ? 3.524   -9.296  -3.965  1.00 58.39 ? 155 LEU A N     1 
ATOM   683 C CA    . LEU C 3 17 ? 4.301   -9.496  -2.760  1.00 60.14 ? 155 LEU A CA    1 
ATOM   684 C C     . LEU C 3 17 ? 3.502   -9.513  -1.482  1.00 63.04 ? 155 LEU A C     1 
ATOM   685 O O     . LEU C 3 17 ? 3.778   -10.382 -0.652  1.00 64.92 ? 155 LEU A O     1 
ATOM   686 C CB    . LEU C 3 17 ? 5.342   -8.439  -2.601  1.00 57.22 ? 155 LEU A CB    1 
ATOM   687 C CG    . LEU C 3 17 ? 6.309   -8.299  -3.734  1.00 59.00 ? 155 LEU A CG    1 
ATOM   688 C CD1   . LEU C 3 17 ? 7.180   -7.093  -3.509  1.00 53.38 ? 155 LEU A CD1   1 
ATOM   689 C CD2   . LEU C 3 17 ? 7.113   -9.557  -3.840  1.00 59.91 ? 155 LEU A CD2   1 
ATOM   690 N N     . LEU C 3 18 ? 2.493   -8.668  -1.285  1.00 65.34 ? 156 LEU A N     1 
ATOM   691 C CA    . LEU C 3 18 ? 1.800   -8.715  -0.002  1.00 68.05 ? 156 LEU A CA    1 
ATOM   692 C C     . LEU C 3 18 ? 0.754   -9.825  0.068   1.00 68.72 ? 156 LEU A C     1 
ATOM   693 O O     . LEU C 3 18 ? 0.621   -10.431 1.143   1.00 67.07 ? 156 LEU A O     1 
ATOM   694 C CB    . LEU C 3 18 ? 1.179   -7.321  0.353   1.00 66.14 ? 156 LEU A CB    1 
ATOM   695 C CG    . LEU C 3 18 ? 0.076   -6.534  -0.330  1.00 61.04 ? 156 LEU A CG    1 
ATOM   696 C CD1   . LEU C 3 18 ? -1.329  -7.033  0.044   1.00 60.12 ? 156 LEU A CD1   1 
ATOM   697 C CD2   . LEU C 3 18 ? 0.236   -5.095  0.129   1.00 57.15 ? 156 LEU A CD2   1 
ATOM   698 N N     . GLU C 3 19 ? 0.070   -10.188 -1.018  1.00 67.43 ? 157 GLU A N     1 
ATOM   699 C CA    . GLU C 3 19 ? -0.821  -11.323 -0.963  1.00 67.60 ? 157 GLU A CA    1 
ATOM   700 C C     . GLU C 3 19 ? 0.007   -12.609 -0.856  1.00 66.74 ? 157 GLU A C     1 
ATOM   701 O O     . GLU C 3 19 ? -0.519  -13.656 -0.488  1.00 66.50 ? 157 GLU A O     1 
ATOM   702 C CB    . GLU C 3 19 ? -1.715  -11.357 -2.211  1.00 73.63 ? 157 GLU A CB    1 
ATOM   703 C CG    . GLU C 3 19 ? -2.937  -10.413 -2.163  1.00 78.73 ? 157 GLU A CG    1 
ATOM   704 C CD    . GLU C 3 19 ? -3.899  -10.553 -3.347  1.00 82.70 ? 157 GLU A CD    1 
ATOM   705 O OE1   . GLU C 3 19 ? -4.765  -11.440 -3.350  1.00 87.57 ? 157 GLU A OE1   1 
ATOM   706 O OE2   . GLU C 3 19 ? -3.766  -9.765  -4.283  1.00 86.13 ? 157 GLU A OE2   1 
ATOM   707 N N     . LYS C 3 20 ? 1.302   -12.612 -1.184  1.00 67.29 ? 158 LYS A N     1 
ATOM   708 C CA    . LYS C 3 20 ? 2.152   -13.757 -0.903  1.00 65.14 ? 158 LYS A CA    1 
ATOM   709 C C     . LYS C 3 20 ? 2.921   -13.430 0.406   1.00 64.57 ? 158 LYS A C     1 
ATOM   710 O O     . LYS C 3 20 ? 4.145   -13.537 0.536   1.00 66.02 ? 158 LYS A O     1 
ATOM   711 C CB    . LYS C 3 20 ? 3.051   -13.972 -2.137  1.00 62.98 ? 158 LYS A CB    1 
ATOM   712 C CG    . LYS C 3 20 ? 4.001   -15.178 -2.197  1.00 66.31 ? 158 LYS A CG    1 
ATOM   713 C CD    . LYS C 3 20 ? 5.387   -14.787 -2.834  1.00 70.81 ? 158 LYS A CD    1 
ATOM   714 C CE    . LYS C 3 20 ? 6.268   -13.826 -1.958  1.00 72.61 ? 158 LYS A CE    1 
ATOM   715 N NZ    . LYS C 3 20 ? 7.573   -13.440 -2.487  1.00 64.95 ? 158 LYS A NZ    1 
ATOM   716 N N     . GLY C 3 21 ? 2.207   -12.930 1.420   1.00 62.84 ? 159 GLY A N     1 
ATOM   717 C CA    . GLY C 3 21 ? 2.736   -12.791 2.769   1.00 64.23 ? 159 GLY A CA    1 
ATOM   718 C C     . GLY C 3 21 ? 3.683   -11.643 3.054   1.00 63.04 ? 159 GLY A C     1 
ATOM   719 O O     . GLY C 3 21 ? 4.649   -11.792 3.819   1.00 62.74 ? 159 GLY A O     1 
ATOM   720 N N     . HIS C 3 22 ? 3.460   -10.456 2.511   1.00 60.11 ? 160 HIS A N     1 
ATOM   721 C CA    . HIS C 3 22 ? 4.397   -9.412  2.848   1.00 59.02 ? 160 HIS A CA    1 
ATOM   722 C C     . HIS C 3 22 ? 3.746   -8.318  3.650   1.00 56.29 ? 160 HIS A C     1 
ATOM   723 O O     . HIS C 3 22 ? 2.627   -7.880  3.380   1.00 54.03 ? 160 HIS A O     1 
ATOM   724 C CB    . HIS C 3 22 ? 5.041   -8.816  1.603   1.00 64.97 ? 160 HIS A CB    1 
ATOM   725 C CG    . HIS C 3 22 ? 6.237   -9.594  1.054   1.00 66.93 ? 160 HIS A CG    1 
ATOM   726 N ND1   . HIS C 3 22 ? 6.324   -10.497 0.080   1.00 69.54 ? 160 HIS A ND1   1 
ATOM   727 C CD2   . HIS C 3 22 ? 7.513   -9.406  1.512   1.00 66.78 ? 160 HIS A CD2   1 
ATOM   728 C CE1   . HIS C 3 22 ? 7.585   -10.835 -0.056  1.00 70.14 ? 160 HIS A CE1   1 
ATOM   729 N NE2   . HIS C 3 22 ? 8.303   -10.163 0.815   1.00 67.15 ? 160 HIS A NE2   1 
ATOM   730 N N     . PRO C 3 23 ? 4.435   -7.913  4.713   1.00 56.18 ? 161 PRO A N     1 
ATOM   731 C CA    . PRO C 3 23 ? 4.038   -6.816  5.573   1.00 55.06 ? 161 PRO A CA    1 
ATOM   732 C C     . PRO C 3 23 ? 4.174   -5.458  4.944   1.00 53.55 ? 161 PRO A C     1 
ATOM   733 O O     . PRO C 3 23 ? 5.231   -5.070  4.398   1.00 51.84 ? 161 PRO A O     1 
ATOM   734 C CB    . PRO C 3 23 ? 4.895   -6.964  6.823   1.00 58.54 ? 161 PRO A CB    1 
ATOM   735 C CG    . PRO C 3 23 ? 6.088   -7.729  6.369   1.00 58.46 ? 161 PRO A CG    1 
ATOM   736 C CD    . PRO C 3 23 ? 5.419   -8.728  5.422   1.00 59.54 ? 161 PRO A CD    1 
ATOM   737 N N     . ARG C 3 24 ? 3.091   -4.704  5.132   1.00 50.80 ? 162 ARG A N     1 
ATOM   738 C CA    . ARG C 3 24 ? 3.104   -3.395  4.547   1.00 46.13 ? 162 ARG A CA    1 
ATOM   739 C C     . ARG C 3 24 ? 4.186   -2.563  5.146   1.00 44.64 ? 162 ARG A C     1 
ATOM   740 O O     . ARG C 3 24 ? 4.915   -1.998  4.361   1.00 45.15 ? 162 ARG A O     1 
ATOM   741 C CB    . ARG C 3 24 ? 1.859   -2.623  4.753   1.00 46.46 ? 162 ARG A CB    1 
ATOM   742 C CG    . ARG C 3 24 ? 0.891   -2.771  3.637   1.00 38.85 ? 162 ARG A CG    1 
ATOM   743 C CD    . ARG C 3 24 ? 0.048   -3.881  4.155   1.00 49.26 ? 162 ARG A CD    1 
ATOM   744 N NE    . ARG C 3 24 ? -1.278  -3.654  3.636   1.00 51.32 ? 162 ARG A NE    1 
ATOM   745 C CZ    . ARG C 3 24 ? -2.135  -4.656  3.521   1.00 51.96 ? 162 ARG A CZ    1 
ATOM   746 N NH1   . ARG C 3 24 ? -1.802  -5.922  3.866   1.00 46.77 ? 162 ARG A NH1   1 
ATOM   747 N NH2   . ARG C 3 24 ? -3.328  -4.341  3.026   1.00 50.05 ? 162 ARG A NH2   1 
ATOM   748 N N     . GLN C 3 25 ? 4.420   -2.565  6.446   1.00 43.49 ? 163 GLN A N     1 
ATOM   749 C CA    . GLN C 3 25 ? 5.400   -1.690  7.049   1.00 47.70 ? 163 GLN A CA    1 
ATOM   750 C C     . GLN C 3 25 ? 6.715   -1.930  6.316   1.00 52.69 ? 163 GLN A C     1 
ATOM   751 O O     . GLN C 3 25 ? 7.410   -0.999  5.957   1.00 54.17 ? 163 GLN A O     1 
ATOM   752 C CB    . GLN C 3 25 ? 5.479   -2.013  8.558   1.00 49.28 ? 163 GLN A CB    1 
ATOM   753 C CG    . GLN C 3 25 ? 4.264   -1.715  9.505   1.00 52.91 ? 163 GLN A CG    1 
ATOM   754 C CD    . GLN C 3 25 ? 2.891   -2.387  9.187   1.00 58.98 ? 163 GLN A CD    1 
ATOM   755 O OE1   . GLN C 3 25 ? 2.818   -3.381  8.435   1.00 50.99 ? 163 GLN A OE1   1 
ATOM   756 N NE2   . GLN C 3 25 ? 1.742   -1.899  9.708   1.00 51.43 ? 163 GLN A NE2   1 
ATOM   757 N N     . GLN C 3 26 ? 6.976   -3.159  5.870   1.00 57.26 ? 164 GLN A N     1 
ATOM   758 C CA    . GLN C 3 26 ? 8.160   -3.470  5.094   1.00 62.66 ? 164 GLN A CA    1 
ATOM   759 C C     . GLN C 3 26 ? 8.065   -2.825  3.717   1.00 65.22 ? 164 GLN A C     1 
ATOM   760 O O     . GLN C 3 26 ? 8.914   -1.998  3.362   1.00 65.15 ? 164 GLN A O     1 
ATOM   761 C CB    . GLN C 3 26 ? 8.267   -4.984  4.973   1.00 67.02 ? 164 GLN A CB    1 
ATOM   762 C CG    . GLN C 3 26 ? 9.001   -5.502  3.730   1.00 70.76 ? 164 GLN A CG    1 
ATOM   763 C CD    . GLN C 3 26 ? 8.987   -7.012  3.509   1.00 69.56 ? 164 GLN A CD    1 
ATOM   764 O OE1   . GLN C 3 26 ? 9.166   -7.500  2.400   1.00 68.75 ? 164 GLN A OE1   1 
ATOM   765 N NE2   . GLN C 3 26 ? 8.933   -7.887  4.498   1.00 69.67 ? 164 GLN A NE2   1 
ATOM   766 N N     . LEU C 3 27 ? 7.013   -3.180  2.955   1.00 64.61 ? 165 LEU A N     1 
ATOM   767 C CA    . LEU C 3 27 ? 6.828   -2.732  1.559   1.00 61.74 ? 165 LEU A CA    1 
ATOM   768 C C     . LEU C 3 27 ? 6.847   -1.231  1.296   1.00 61.58 ? 165 LEU A C     1 
ATOM   769 O O     . LEU C 3 27 ? 7.277   -0.776  0.240   1.00 61.82 ? 165 LEU A O     1 
ATOM   770 C CB    . LEU C 3 27 ? 5.526   -3.314  1.016   1.00 57.32 ? 165 LEU A CB    1 
ATOM   771 C CG    . LEU C 3 27 ? 5.391   -4.859  1.015   1.00 57.60 ? 165 LEU A CG    1 
ATOM   772 C CD1   . LEU C 3 27 ? 4.090   -5.250  0.359   1.00 56.00 ? 165 LEU A CD1   1 
ATOM   773 C CD2   . LEU C 3 27 ? 6.421   -5.533  0.132   1.00 53.39 ? 165 LEU A CD2   1 
ATOM   774 N N     . ALA C 3 28 ? 6.465   -0.487  2.326   1.00 65.80 ? 166 ALA A N     1 
ATOM   775 C CA    . ALA C 3 28 ? 6.521   0.958   2.360   1.00 65.36 ? 166 ALA A CA    1 
ATOM   776 C C     . ALA C 3 28 ? 7.863   1.605   2.635   1.00 65.10 ? 166 ALA A C     1 
ATOM   777 O O     . ALA C 3 28 ? 7.911   2.825   2.461   1.00 68.45 ? 166 ALA A O     1 
ATOM   778 C CB    . ALA C 3 28 ? 5.617   1.522   3.409   1.00 71.47 ? 166 ALA A CB    1 
ATOM   779 N N     . ILE C 3 29 ? 8.953   0.989   3.090   1.00 64.13 ? 167 ILE A N     1 
ATOM   780 C CA    . ILE C 3 29 ? 10.187  1.772   3.133   1.00 67.66 ? 167 ILE A CA    1 
ATOM   781 C C     . ILE C 3 29 ? 11.173  1.325   2.064   1.00 68.15 ? 167 ILE A C     1 
ATOM   782 O O     . ILE C 3 29 ? 12.230  1.933   1.850   1.00 68.89 ? 167 ILE A O     1 
ATOM   783 C CB    . ILE C 3 29 ? 10.952  1.701   4.458   1.00 69.66 ? 167 ILE A CB    1 
ATOM   784 C CG1   . ILE C 3 29 ? 10.222  0.958   5.590   1.00 73.95 ? 167 ILE A CG1   1 
ATOM   785 C CG2   . ILE C 3 29 ? 11.272  3.175   4.748   1.00 70.30 ? 167 ILE A CG2   1 
ATOM   786 C CD1   . ILE C 3 29 ? 10.790  -0.415  6.056   1.00 74.40 ? 167 ILE A CD1   1 
ATOM   787 N N     . ILE C 3 30 ? 10.885  0.183   1.434   1.00 65.76 ? 168 ILE A N     1 
ATOM   788 C CA    . ILE C 3 30 ? 11.690  -0.227  0.319   1.00 64.03 ? 168 ILE A CA    1 
ATOM   789 C C     . ILE C 3 30 ? 11.080  0.647   -0.736  1.00 61.48 ? 168 ILE A C     1 
ATOM   790 O O     . ILE C 3 30 ? 11.776  1.570   -1.160  1.00 62.26 ? 168 ILE A O     1 
ATOM   791 C CB    . ILE C 3 30 ? 11.500  -1.698  0.030   1.00 63.96 ? 168 ILE A CB    1 
ATOM   792 C CG1   . ILE C 3 30 ? 12.097  -2.445  1.188   1.00 63.69 ? 168 ILE A CG1   1 
ATOM   793 C CG2   . ILE C 3 30 ? 12.165  -2.110  -1.263  1.00 60.96 ? 168 ILE A CG2   1 
ATOM   794 C CD1   . ILE C 3 30 ? 12.116  -3.972  1.078   1.00 66.41 ? 168 ILE A CD1   1 
ATOM   795 N N     . PHE C 3 31 ? 9.825   0.482   -1.161  1.00 58.17 ? 169 PHE A N     1 
ATOM   796 C CA    . PHE C 3 31 ? 9.305   1.429   -2.135  1.00 58.97 ? 169 PHE A CA    1 
ATOM   797 C C     . PHE C 3 31 ? 8.858   2.394   -1.107  1.00 61.10 ? 169 PHE A C     1 
ATOM   798 O O     . PHE C 3 31 ? 8.061   2.012   -0.254  1.00 63.35 ? 169 PHE A O     1 
ATOM   799 C CB    . PHE C 3 31 ? 8.043   1.068   -2.837  1.00 55.82 ? 169 PHE A CB    1 
ATOM   800 C CG    . PHE C 3 31 ? 8.029   -0.291  -3.461  1.00 58.56 ? 169 PHE A CG    1 
ATOM   801 C CD1   . PHE C 3 31 ? 8.641   -0.478  -4.701  1.00 57.07 ? 169 PHE A CD1   1 
ATOM   802 C CD2   . PHE C 3 31 ? 7.348   -1.321  -2.806  1.00 58.73 ? 169 PHE A CD2   1 
ATOM   803 C CE1   . PHE C 3 31 ? 8.557   -1.736  -5.292  1.00 66.85 ? 169 PHE A CE1   1 
ATOM   804 C CE2   . PHE C 3 31 ? 7.266   -2.574  -3.407  1.00 60.41 ? 169 PHE A CE2   1 
ATOM   805 C CZ    . PHE C 3 31 ? 7.869   -2.780  -4.647  1.00 66.62 ? 169 PHE A CZ    1 
ATOM   806 N N     . GLY C 3 32 ? 9.357   3.606   -1.165  1.00 62.20 ? 170 GLY A N     1 
ATOM   807 C CA    . GLY C 3 32 ? 9.057   4.584   -0.104  1.00 61.35 ? 170 GLY A CA    1 
ATOM   808 C C     . GLY C 3 32 ? 7.707   5.288   -0.175  1.00 58.67 ? 170 GLY A C     1 
ATOM   809 O O     . GLY C 3 32 ? 7.519   6.339   -0.795  1.00 61.03 ? 170 GLY A O     1 
ATOM   810 N N     . ILE C 3 33 ? 6.712   4.690   0.392   1.00 56.35 ? 171 ILE A N     1 
ATOM   811 C CA    . ILE C 3 33 ? 5.453   5.344   0.345   1.00 55.04 ? 171 ILE A CA    1 
ATOM   812 C C     . ILE C 3 33 ? 5.091   5.333   1.817   1.00 54.23 ? 171 ILE A C     1 
ATOM   813 O O     . ILE C 3 33 ? 5.911   5.033   2.700   1.00 53.81 ? 171 ILE A O     1 
ATOM   814 C CB    . ILE C 3 33 ? 4.502   4.538   -0.634  1.00 53.98 ? 171 ILE A CB    1 
ATOM   815 C CG1   . ILE C 3 33 ? 4.330   3.079   -0.288  1.00 57.39 ? 171 ILE A CG1   1 
ATOM   816 C CG2   . ILE C 3 33 ? 5.124   4.620   -2.053  1.00 55.44 ? 171 ILE A CG2   1 
ATOM   817 C CD1   . ILE C 3 33 ? 3.370   2.467   -1.321  1.00 57.49 ? 171 ILE A CD1   1 
ATOM   818 N N     . GLY C 3 34 ? 3.889   5.754   2.149   1.00 48.55 ? 172 GLY A N     1 
ATOM   819 C CA    . GLY C 3 34 ? 3.540   5.721   3.537   1.00 46.64 ? 172 GLY A CA    1 
ATOM   820 C C     . GLY C 3 34 ? 2.684   4.518   3.660   1.00 41.74 ? 172 GLY A C     1 
ATOM   821 O O     . GLY C 3 34 ? 1.970   4.169   2.706   1.00 42.36 ? 172 GLY A O     1 
ATOM   822 N N     . VAL C 3 35 ? 2.696   3.929   4.845   1.00 38.81 ? 173 VAL A N     1 
ATOM   823 C CA    . VAL C 3 35 ? 1.838   2.778   5.076   1.00 34.26 ? 173 VAL A CA    1 
ATOM   824 C C     . VAL C 3 35 ? 0.372   3.115   4.864   1.00 31.26 ? 173 VAL A C     1 
ATOM   825 O O     . VAL C 3 35 ? -0.373  2.277   4.390   1.00 36.30 ? 173 VAL A O     1 
ATOM   826 C CB    . VAL C 3 35 ? 2.042   2.274   6.455   1.00 20.12 ? 173 VAL A CB    1 
ATOM   827 C CG1   . VAL C 3 35 ? 1.222   1.049   6.567   1.00 23.43 ? 173 VAL A CG1   1 
ATOM   828 C CG2   . VAL C 3 35 ? 3.488   1.874   6.731   1.00 22.77 ? 173 VAL A CG2   1 
ATOM   829 N N     . SER C 3 36 ? -0.088  4.317   5.125   1.00 33.72 ? 174 SER A N     1 
ATOM   830 C CA    . SER C 3 36 ? -1.494  4.637   4.958   1.00 39.96 ? 174 SER A CA    1 
ATOM   831 C C     . SER C 3 36 ? -1.908  4.487   3.507   1.00 43.65 ? 174 SER A C     1 
ATOM   832 O O     . SER C 3 36 ? -3.011  3.975   3.261   1.00 46.91 ? 174 SER A O     1 
ATOM   833 C CB    . SER C 3 36 ? -1.700  6.022   5.395   1.00 37.05 ? 174 SER A CB    1 
ATOM   834 O OG    . SER C 3 36 ? -0.798  6.202   6.488   1.00 50.56 ? 174 SER A OG    1 
ATOM   835 N N     . THR C 3 37 ? -0.988  4.849   2.566   1.00 47.88 ? 175 THR A N     1 
ATOM   836 C CA    . THR C 3 37 ? -1.162  4.765   1.109   1.00 46.54 ? 175 THR A CA    1 
ATOM   837 C C     . THR C 3 37 ? -1.422  3.337   0.665   1.00 50.19 ? 175 THR A C     1 
ATOM   838 O O     . THR C 3 37 ? -2.468  3.068   0.053   1.00 51.27 ? 175 THR A O     1 
ATOM   839 C CB    . THR C 3 37 ? 0.077   5.302   0.457   1.00 36.14 ? 175 THR A CB    1 
ATOM   840 O OG1   . THR C 3 37 ? 0.142   6.645   0.878   1.00 29.93 ? 175 THR A OG1   1 
ATOM   841 C CG2   . THR C 3 37 ? 0.062   5.241   -1.051  1.00 36.32 ? 175 THR A CG2   1 
ATOM   842 N N     . LEU C 3 38 ? -0.504  2.426   1.070   1.00 52.65 ? 176 LEU A N     1 
ATOM   843 C CA    . LEU C 3 38 ? -0.636  0.982   0.843   1.00 49.69 ? 176 LEU A CA    1 
ATOM   844 C C     . LEU C 3 38 ? -1.972  0.471   1.405   1.00 50.18 ? 176 LEU A C     1 
ATOM   845 O O     . LEU C 3 38 ? -2.697  -0.148  0.624   1.00 52.51 ? 176 LEU A O     1 
ATOM   846 C CB    . LEU C 3 38 ? 0.537   0.200   1.495   1.00 45.41 ? 176 LEU A CB    1 
ATOM   847 C CG    . LEU C 3 38 ? 1.904   0.355   0.826   1.00 33.09 ? 176 LEU A CG    1 
ATOM   848 C CD1   . LEU C 3 38 ? 3.096   -0.120  1.617   1.00 28.92 ? 176 LEU A CD1   1 
ATOM   849 C CD2   . LEU C 3 38 ? 1.831   -0.509  -0.346  1.00 27.55 ? 176 LEU A CD2   1 
ATOM   850 N N     . TYR C 3 39 ? -2.440  0.726   2.637   1.00 49.67 ? 177 TYR A N     1 
ATOM   851 C CA    . TYR C 3 39 ? -3.769  0.207   2.986   1.00 49.26 ? 177 TYR A CA    1 
ATOM   852 C C     . TYR C 3 39 ? -4.790  0.917   2.098   1.00 50.69 ? 177 TYR A C     1 
ATOM   853 O O     . TYR C 3 39 ? -5.829  0.310   1.875   1.00 53.30 ? 177 TYR A O     1 
ATOM   854 C CB    . TYR C 3 39 ? -4.207  0.417   4.499   1.00 42.70 ? 177 TYR A CB    1 
ATOM   855 C CG    . TYR C 3 39 ? -3.500  -0.426  5.576   1.00 36.08 ? 177 TYR A CG    1 
ATOM   856 C CD1   . TYR C 3 39 ? -3.943  -1.692  5.965   1.00 33.05 ? 177 TYR A CD1   1 
ATOM   857 C CD2   . TYR C 3 39 ? -2.334  0.085   6.172   1.00 41.81 ? 177 TYR A CD2   1 
ATOM   858 C CE1   . TYR C 3 39 ? -3.226  -2.427  6.928   1.00 29.76 ? 177 TYR A CE1   1 
ATOM   859 C CE2   . TYR C 3 39 ? -1.615  -0.638  7.132   1.00 31.85 ? 177 TYR A CE2   1 
ATOM   860 C CZ    . TYR C 3 39 ? -2.059  -1.892  7.508   1.00 32.67 ? 177 TYR A CZ    1 
ATOM   861 O OH    . TYR C 3 39 ? -1.313  -2.566  8.465   1.00 26.42 ? 177 TYR A OH    1 
ATOM   862 N N     . ARG C 3 40 ? -4.624  2.135   1.542   1.00 47.40 ? 178 ARG A N     1 
ATOM   863 C CA    . ARG C 3 40 ? -5.687  2.683   0.710   1.00 47.52 ? 178 ARG A CA    1 
ATOM   864 C C     . ARG C 3 40 ? -5.765  1.940   -0.584  1.00 51.70 ? 178 ARG A C     1 
ATOM   865 O O     . ARG C 3 40 ? -6.872  1.684   -1.026  1.00 53.78 ? 178 ARG A O     1 
ATOM   866 C CB    . ARG C 3 40 ? -5.502  4.077   0.264   1.00 44.63 ? 178 ARG A CB    1 
ATOM   867 C CG    . ARG C 3 40 ? -6.834  4.822   0.183   1.00 49.74 ? 178 ARG A CG    1 
ATOM   868 C CD    . ARG C 3 40 ? -6.591  6.199   -0.454  1.00 45.91 ? 178 ARG A CD    1 
ATOM   869 N NE    . ARG C 3 40 ? -5.577  6.973   0.250   1.00 44.66 ? 178 ARG A NE    1 
ATOM   870 C CZ    . ARG C 3 40 ? -4.436  7.365   -0.304  1.00 34.82 ? 178 ARG A CZ    1 
ATOM   871 N NH1   . ARG C 3 40 ? -4.111  7.166   -1.563  1.00 37.38 ? 178 ARG A NH1   1 
ATOM   872 N NH2   . ARG C 3 40 ? -3.623  8.037   0.441   1.00 38.72 ? 178 ARG A NH2   1 
ATOM   873 N N     . TYR C 3 41 ? -4.638  1.670   -1.234  1.00 49.85 ? 179 TYR A N     1 
ATOM   874 C CA    . TYR C 3 41 ? -4.638  0.981   -2.503  1.00 45.66 ? 179 TYR A CA    1 
ATOM   875 C C     . TYR C 3 41 ? -5.069  -0.457  -2.364  1.00 47.28 ? 179 TYR A C     1 
ATOM   876 O O     . TYR C 3 41 ? -5.987  -0.906  -3.035  1.00 52.03 ? 179 TYR A O     1 
ATOM   877 C CB    . TYR C 3 41 ? -3.254  0.979   -3.112  1.00 48.45 ? 179 TYR A CB    1 
ATOM   878 C CG    . TYR C 3 41 ? -2.770  2.185   -3.902  1.00 41.37 ? 179 TYR A CG    1 
ATOM   879 C CD1   . TYR C 3 41 ? -2.205  3.299   -3.305  1.00 40.14 ? 179 TYR A CD1   1 
ATOM   880 C CD2   . TYR C 3 41 ? -2.859  2.118   -5.275  1.00 41.67 ? 179 TYR A CD2   1 
ATOM   881 C CE1   . TYR C 3 41 ? -1.734  4.329   -4.108  1.00 37.94 ? 179 TYR A CE1   1 
ATOM   882 C CE2   . TYR C 3 41 ? -2.382  3.141   -6.071  1.00 40.22 ? 179 TYR A CE2   1 
ATOM   883 C CZ    . TYR C 3 41 ? -1.824  4.230   -5.479  1.00 34.84 ? 179 TYR A CZ    1 
ATOM   884 O OH    . TYR C 3 41 ? -1.287  5.179   -6.292  1.00 43.00 ? 179 TYR A OH    1 
ATOM   885 N N     . PHE C 3 42 ? -4.425  -1.231  -1.508  1.00 47.40 ? 180 PHE A N     1 
ATOM   886 C CA    . PHE C 3 42 ? -4.687  -2.641  -1.381  1.00 46.01 ? 180 PHE A CA    1 
ATOM   887 C C     . PHE C 3 42 ? -5.162  -2.658  0.052   1.00 50.14 ? 180 PHE A C     1 
ATOM   888 O O     . PHE C 3 42 ? -4.336  -2.482  0.942   1.00 55.70 ? 180 PHE A O     1 
ATOM   889 C CB    . PHE C 3 42 ? -3.409  -3.419  -1.481  1.00 38.38 ? 180 PHE A CB    1 
ATOM   890 C CG    . PHE C 3 42 ? -2.532  -2.998  -2.626  1.00 38.52 ? 180 PHE A CG    1 
ATOM   891 C CD1   . PHE C 3 42 ? -2.947  -3.153  -3.940  1.00 38.88 ? 180 PHE A CD1   1 
ATOM   892 C CD2   . PHE C 3 42 ? -1.316  -2.405  -2.339  1.00 41.43 ? 180 PHE A CD2   1 
ATOM   893 C CE1   . PHE C 3 42 ? -2.137  -2.693  -4.970  1.00 38.67 ? 180 PHE A CE1   1 
ATOM   894 C CE2   . PHE C 3 42 ? -0.513  -1.961  -3.386  1.00 35.97 ? 180 PHE A CE2   1 
ATOM   895 C CZ    . PHE C 3 42 ? -0.919  -2.098  -4.697  1.00 35.39 ? 180 PHE A CZ    1 
ATOM   896 N N     . PRO C 3 43 ? -6.432  -2.761  0.365   1.00 49.68 ? 181 PRO A N     1 
ATOM   897 C CA    . PRO C 3 43 ? -6.878  -2.902  1.749   1.00 53.77 ? 181 PRO A CA    1 
ATOM   898 C C     . PRO C 3 43 ? -7.099  -4.309  2.305   1.00 53.54 ? 181 PRO A C     1 
ATOM   899 O O     . PRO C 3 43 ? -6.177  -5.108  2.366   1.00 53.51 ? 181 PRO A O     1 
ATOM   900 C CB    . PRO C 3 43 ? -8.096  -1.988  1.714   1.00 56.29 ? 181 PRO A CB    1 
ATOM   901 C CG    . PRO C 3 43 ? -8.714  -2.172  0.336   1.00 51.64 ? 181 PRO A CG    1 
ATOM   902 C CD    . PRO C 3 43 ? -7.465  -2.221  -0.515  1.00 52.55 ? 181 PRO A CD    1 
ATOM   903 N N     . ALA C 3 44 ? -8.292  -4.637  2.797   1.00 60.29 ? 182 ALA A N     1 
ATOM   904 C CA    . ALA C 3 44 ? -8.722  -5.976  3.171   1.00 62.58 ? 182 ALA A CA    1 
ATOM   905 C C     . ALA C 3 44 ? -10.126 -5.814  3.788   1.00 67.15 ? 182 ALA A C     1 
ATOM   906 O O     . ALA C 3 44 ? -11.048 -5.719  2.969   1.00 69.35 ? 182 ALA A O     1 
ATOM   907 C CB    . ALA C 3 44 ? -7.764  -6.593  4.186   1.00 63.60 ? 182 ALA A CB    1 
ATOM   908 N N     . SER C 3 45 ? -10.376 -5.737  5.138   1.00 72.11 ? 183 SER A N     1 
ATOM   909 C CA    . SER C 3 45 ? -11.704 -5.541  5.795   1.00 75.32 ? 183 SER A CA    1 
ATOM   910 C C     . SER C 3 45 ? -11.731 -5.194  7.331   1.00 76.27 ? 183 SER A C     1 
ATOM   911 O O     . SER C 3 45 ? -10.808 -5.412  8.138   1.00 74.64 ? 183 SER A O     1 
ATOM   912 C CB    . SER C 3 45 ? -12.632 -6.815  5.559   1.00 76.71 ? 183 SER A CB    1 
ATOM   913 O OG    . SER C 3 45 ? -14.042 -6.641  5.833   1.00 73.63 ? 183 SER A OG    1 
ATOM   914 N N     . SER C 3 46 ? -12.899 -4.583  7.654   1.00 75.08 ? 184 SER A N     1 
ATOM   915 C CA    . SER C 3 46 ? -13.494 -4.257  8.969   1.00 73.22 ? 184 SER A CA    1 
ATOM   916 C C     . SER C 3 46 ? -12.951 -3.466  10.192  1.00 71.62 ? 184 SER A C     1 
ATOM   917 O O     . SER C 3 46 ? -13.813 -2.880  10.870  1.00 71.07 ? 184 SER A O     1 
ATOM   918 C CB    . SER C 3 46 ? -14.062 -5.635  9.519   1.00 74.97 ? 184 SER A CB    1 
ATOM   919 O OG    . SER C 3 46 ? -15.029 -6.291  8.680   1.00 73.05 ? 184 SER A OG    1 
ATOM   920 N N     . ILE C 3 47 ? -11.657 -3.304  10.557  1.00 68.49 ? 185 ILE A N     1 
ATOM   921 C CA    . ILE C 3 47 ? -11.280 -2.800  11.916  1.00 62.57 ? 185 ILE A CA    1 
ATOM   922 C C     . ILE C 3 47 ? -11.165 -1.265  11.927  1.00 58.56 ? 185 ILE A C     1 
ATOM   923 O O     . ILE C 3 47 ? -10.076 -0.745  12.050  1.00 59.75 ? 185 ILE A O     1 
ATOM   924 C CB    . ILE C 3 47 ? -9.943  -3.623  12.282  1.00 61.12 ? 185 ILE A CB    1 
ATOM   925 C CG1   . ILE C 3 47 ? -9.983  -5.086  11.780  1.00 55.83 ? 185 ILE A CG1   1 
ATOM   926 C CG2   . ILE C 3 47 ? -9.850  -3.824  13.774  1.00 60.54 ? 185 ILE A CG2   1 
ATOM   927 C CD1   . ILE C 3 47 ? -8.823  -5.980  12.227  1.00 51.40 ? 185 ILE A CD1   1 
ATOM   928 N N     . LYS C 3 48 ? -12.243 -0.494  11.974  1.00 56.76 ? 186 LYS A N     1 
ATOM   929 C CA    . LYS C 3 48 ? -12.215 0.838   11.375  1.00 59.83 ? 186 LYS A CA    1 
ATOM   930 C C     . LYS C 3 48 ? -12.532 2.154   12.010  1.00 60.34 ? 186 LYS A C     1 
ATOM   931 O O     . LYS C 3 48 ? -13.218 2.091   13.004  1.00 62.28 ? 186 LYS A O     1 
ATOM   932 C CB    . LYS C 3 48 ? -13.110 0.850   10.172  1.00 61.02 ? 186 LYS A CB    1 
ATOM   933 C CG    . LYS C 3 48 ? -14.611 0.632   10.526  1.00 61.90 ? 186 LYS A CG    1 
ATOM   934 C CD    . LYS C 3 48 ? -15.672 1.178   9.542   1.00 65.35 ? 186 LYS A CD    1 
ATOM   935 C CE    . LYS C 3 48 ? -15.463 0.838   8.052   1.00 69.37 ? 186 LYS A CE    1 
ATOM   936 N NZ    . LYS C 3 48 ? -14.557 1.775   7.398   1.00 68.94 ? 186 LYS A NZ    1 
ATOM   937 N N     . LYS C 3 49 ? -12.127 3.277   11.349  1.00 61.79 ? 187 LYS A N     1 
ATOM   938 C CA    . LYS C 3 49 ? -12.827 4.572   11.384  1.00 59.61 ? 187 LYS A CA    1 
ATOM   939 C C     . LYS C 3 49 ? -12.426 5.927   10.774  1.00 61.86 ? 187 LYS A C     1 
ATOM   940 O O     . LYS C 3 49 ? -12.926 6.127   9.664   1.00 61.25 ? 187 LYS A O     1 
ATOM   941 C CB    . LYS C 3 49 ? -13.227 4.959   12.773  1.00 57.95 ? 187 LYS A CB    1 
ATOM   942 C CG    . LYS C 3 49 ? -14.641 5.540   12.624  1.00 58.70 ? 187 LYS A CG    1 
ATOM   943 C CD    . LYS C 3 49 ? -15.787 4.701   11.989  1.00 59.60 ? 187 LYS A CD    1 
ATOM   944 C CE    . LYS C 3 49 ? -16.699 3.934   12.988  1.00 61.54 ? 187 LYS A CE    1 
ATOM   945 N NZ    . LYS C 3 49 ? -17.261 4.733   14.082  1.00 61.52 ? 187 LYS A NZ    1 
ATOM   946 N N     . ARG C 3 50 ? -11.620 6.896   11.311  1.00 65.01 ? 188 ARG A N     1 
ATOM   947 C CA    . ARG C 3 50 ? -11.640 8.300   10.795  1.00 66.56 ? 188 ARG A CA    1 
ATOM   948 C C     . ARG C 3 50 ? -10.687 9.356   11.425  1.00 66.13 ? 188 ARG A C     1 
ATOM   949 O O     . ARG C 3 50 ? -10.032 9.116   12.433  1.00 67.76 ? 188 ARG A O     1 
ATOM   950 C CB    . ARG C 3 50 ? -13.106 8.878   10.942  1.00 68.44 ? 188 ARG A CB    1 
ATOM   951 C CG    . ARG C 3 50 ? -13.670 8.865   12.430  1.00 74.93 ? 188 ARG A CG    1 
ATOM   952 C CD    . ARG C 3 50 ? -15.112 9.328   12.830  1.00 68.84 ? 188 ARG A CD    1 
ATOM   953 N NE    . ARG C 3 50 ? -15.445 8.795   14.152  1.00 66.38 ? 188 ARG A NE    1 
ATOM   954 C CZ    . ARG C 3 50 ? -16.448 7.916   14.331  1.00 64.93 ? 188 ARG A CZ    1 
ATOM   955 N NH1   . ARG C 3 50 ? -17.202 7.497   13.327  1.00 63.19 ? 188 ARG A NH1   1 
ATOM   956 N NH2   . ARG C 3 50 ? -16.642 7.303   15.495  1.00 63.20 ? 188 ARG A NH2   1 
ATOM   957 N N     . MET C 3 51 ? -10.792 10.598  10.907  1.00 65.50 ? 189 MET A N     1 
ATOM   958 C CA    . MET C 3 51 ? -10.129 11.833  11.358  1.00 63.67 ? 189 MET A CA    1 
ATOM   959 C C     . MET C 3 51 ? -8.650  12.009  11.060  1.00 62.44 ? 189 MET A C     1 
ATOM   960 O O     . MET C 3 51 ? -7.931  11.018  10.962  1.00 63.60 ? 189 MET A O     1 
ATOM   961 C CB    . MET C 3 51 ? -10.280 12.061  12.898  1.00 67.41 ? 189 MET A CB    1 
ATOM   962 C CG    . MET C 3 51 ? -11.515 12.788  13.469  1.00 71.17 ? 189 MET A CG    1 
ATOM   963 S SD    . MET C 3 51 ? -13.049 11.821  13.532  1.00 82.11 ? 189 MET A SD    1 
ATOM   964 C CE    . MET C 3 51 ? -13.365 11.563  15.254  1.00 69.20 ? 189 MET A CE    1 
ATOM   965 N N     . ASN C 3 52 ? -8.280  13.269  10.789  1.00 61.93 ? 190 ASN A N     1 
ATOM   966 C CA    . ASN C 3 52 ? -6.904  13.775  10.797  1.00 63.61 ? 190 ASN A CA    1 
ATOM   967 C C     . ASN C 3 52 ? -7.077  15.059  11.619  1.00 68.97 ? 190 ASN A C     1 
ATOM   968 O O     . ASN C 3 52 ? -6.356  15.214  12.603  1.00 74.91 ? 190 ASN A O     1 
ATOM   969 C CB    . ASN C 3 52 ? -6.287  14.228  9.429   1.00 64.56 ? 190 ASN A CB    1 
ATOM   970 C CG    . ASN C 3 52 ? -4.814  14.710  9.472   1.00 65.58 ? 190 ASN A CG    1 
ATOM   971 O OD1   . ASN C 3 52 ? -4.464  15.821  9.113   1.00 62.25 ? 190 ASN A OD1   1 
ATOM   972 N ND2   . ASN C 3 52 ? -3.769  13.969  9.842   1.00 70.34 ? 190 ASN A ND2   1 
ATOM   973 O OXT   . ASN C 3 52 ? -7.950  15.892  11.318  1.00 74.17 ? 190 ASN A OXT   1 
HETATM 974 O O     . HOH D 4 .  ? -8.655  20.825  -3.006  1.00 70.75 ? 193 HOH B O     1 
HETATM 975 O O     . HOH D 4 .  ? -4.463  5.959   17.864  1.00 28.71 ? 194 HOH B O     1 
HETATM 976 O O     . HOH D 4 .  ? -11.881 18.949  -7.103  1.00 40.33 ? 196 HOH B O     1 
HETATM 977 O O     . HOH D 4 .  ? -13.368 20.460  -11.388 1.00 60.57 ? 200 HOH B O     1 
HETATM 978 O O     . HOH D 4 .  ? -4.365  3.179   18.215  1.00 46.26 ? 201 HOH B O     1 
HETATM 979 O O     . HOH D 4 .  ? -10.505 25.273  -13.298 1.00 55.18 ? 202 HOH B O     1 
HETATM 980 O O     . HOH D 4 .  ? -10.613 33.064  -6.494  1.00 56.57 ? 206 HOH B O     1 
HETATM 981 O O     . HOH E 4 .  ? -7.164  6.688   2.971   1.00 39.21 ? 191 HOH C O     1 
HETATM 982 O O     . HOH E 4 .  ? -18.588 11.753  6.825   1.00 60.22 ? 192 HOH C O     1 
HETATM 983 O O     . HOH E 4 .  ? -1.929  3.247   12.575  1.00 38.85 ? 195 HOH C O     1 
HETATM 984 O O     . HOH E 4 .  ? -0.089  20.317  9.124   1.00 39.21 ? 197 HOH C O     1 
HETATM 985 O O     . HOH E 4 .  ? -6.131  4.280   4.077   1.00 59.89 ? 199 HOH C O     1 
HETATM 986 O O     . HOH E 4 .  ? -12.134 19.257  5.943   1.00 62.77 ? 204 HOH C O     1 
HETATM 987 O O     . HOH E 4 .  ? 1.652   -9.475  15.742  1.00 62.45 ? 205 HOH C O     1 
HETATM 988 O O     . HOH F 4 .  ? 1.029   -6.135  7.644   1.00 48.32 ? 198 HOH A O     1 
HETATM 989 O O     . HOH F 4 .  ? -0.090  -7.870  4.498   1.00 58.39 ? 203 HOH A O     1 
# 
